data_4X4P
#
_entry.id   4X4P
#
_cell.length_a   58.108
_cell.length_b   58.112
_cell.length_c   217.806
_cell.angle_alpha   85.200
_cell.angle_beta   87.980
_cell.angle_gamma   89.810
#
_symmetry.space_group_name_H-M   'P 1'
#
loop_
_entity.id
_entity.type
_entity.pdbx_description
1 polymer 'CCA-adding enzyme'
2 polymer 'G70A tRNA minihelix ending in CCAC'
3 non-polymer 'SULFATE ION'
#
loop_
_entity_poly.entity_id
_entity_poly.type
_entity_poly.pdbx_seq_one_letter_code
_entity_poly.pdbx_strand_id
1 'polypeptide(L)'
;MKVEEILEKALELVIPDEEEVRKGREAEEELRRRLDELGVEYVFVGSYARNTWLKGSLEIDVFLLFPEEFSKEELRERGL
EIGKAVLDSYEIRYAEHPYVHGVVKGVEVDVVPCYKLKEPKNIKSAVDRTPFHHKWLEGRIKGKENEVRLLKGFLKANGI
YGAEYKVRGFSGYLCELLIVFYGSFLETVKNARRWTRRTVIDVAKGEVRKGEEFFVVDPVDEKRNVAANLSLDNLARFVH
LCREFMEAPSLGFFKPKHPLEIEPERLRKIVEERGTAVFAVKFRKPDIVDDNLYPQLERASRKIFEFLERENFMPLRSAF
KASEEFCYLLFECQIKEISRVFRRMGPQFEDERNVKKFLSRNRAFRPFIENGRWWAFEMRKFTTPEEGVRSYASTHWHTL
GKNVGESIREYFEIISGEKLFKEPVTAELCEMMGVKDSNSSSVDKLAAALEHHHHHH
;
A,C,E,G
2 'polyribonucleotide' GGCCGCGGCAGGUUCGAGUCCUGCCGCGAUCGCCAC B,D,F,H
#
# COMPACT_ATOMS: atom_id res chain seq x y z
N MET A 1 36.98 -52.31 20.90
CA MET A 1 36.47 -53.71 20.80
C MET A 1 35.32 -53.98 21.80
N LYS A 2 35.48 -53.51 23.04
CA LYS A 2 34.43 -53.68 24.06
C LYS A 2 33.52 -52.44 24.07
N VAL A 3 32.43 -52.50 24.84
CA VAL A 3 31.42 -51.44 24.84
C VAL A 3 31.96 -50.20 25.57
N GLU A 4 32.76 -50.46 26.58
CA GLU A 4 33.34 -49.40 27.41
C GLU A 4 34.17 -48.45 26.55
N GLU A 5 35.17 -48.99 25.86
CA GLU A 5 36.11 -48.15 25.14
C GLU A 5 35.51 -47.55 23.88
N ILE A 6 34.48 -48.14 23.33
CA ILE A 6 33.85 -47.58 22.13
C ILE A 6 33.25 -46.21 22.42
N LEU A 7 32.48 -46.12 23.49
CA LEU A 7 31.77 -44.88 23.80
C LEU A 7 32.73 -43.71 23.98
N GLU A 8 33.88 -43.96 24.60
CA GLU A 8 34.86 -42.91 24.81
C GLU A 8 35.55 -42.53 23.50
N LYS A 9 35.85 -43.52 22.66
CA LYS A 9 36.42 -43.22 21.35
C LYS A 9 35.47 -42.33 20.57
N ALA A 10 34.19 -42.68 20.62
CA ALA A 10 33.16 -41.94 19.89
C ALA A 10 33.00 -40.51 20.40
N LEU A 11 33.28 -40.29 21.67
CA LEU A 11 33.16 -38.96 22.26
C LEU A 11 33.84 -37.92 21.39
N GLU A 12 35.02 -38.27 20.90
CA GLU A 12 35.82 -37.33 20.11
C GLU A 12 35.05 -36.81 18.92
N LEU A 13 34.19 -37.67 18.38
CA LEU A 13 33.47 -37.36 17.17
C LEU A 13 32.36 -36.34 17.46
N VAL A 14 31.74 -36.48 18.62
CA VAL A 14 30.59 -35.66 18.93
C VAL A 14 30.94 -34.40 19.70
N ILE A 15 32.16 -34.32 20.22
CA ILE A 15 32.49 -33.24 21.15
C ILE A 15 33.25 -32.12 20.48
N PRO A 16 32.74 -30.88 20.63
CA PRO A 16 33.42 -29.72 20.03
C PRO A 16 34.86 -29.59 20.51
N ASP A 17 35.80 -29.35 19.59
CA ASP A 17 37.19 -29.17 19.98
C ASP A 17 37.31 -27.79 20.59
N GLU A 18 38.44 -27.54 21.27
CA GLU A 18 38.57 -26.34 22.06
C GLU A 18 38.42 -25.08 21.22
N GLU A 19 39.01 -25.07 20.04
CA GLU A 19 38.95 -23.87 19.22
C GLU A 19 37.52 -23.65 18.72
N GLU A 20 36.75 -24.72 18.64
CA GLU A 20 35.33 -24.59 18.36
C GLU A 20 34.60 -24.07 19.61
N VAL A 21 34.99 -24.61 20.76
CA VAL A 21 34.48 -24.13 22.04
C VAL A 21 34.85 -22.67 22.20
N ARG A 22 36.06 -22.34 21.78
CA ARG A 22 36.62 -21.00 21.86
C ARG A 22 35.85 -20.03 20.98
N LYS A 23 35.55 -20.46 19.75
CA LYS A 23 34.76 -19.64 18.85
C LYS A 23 33.47 -19.23 19.51
N GLY A 24 32.87 -20.15 20.28
CA GLY A 24 31.58 -19.94 20.92
C GLY A 24 31.61 -19.01 22.11
N ARG A 25 32.60 -19.15 22.99
CA ARG A 25 32.69 -18.27 24.14
C ARG A 25 32.97 -16.81 23.74
N GLU A 26 33.90 -16.57 22.82
CA GLU A 26 34.16 -15.18 22.39
C GLU A 26 32.88 -14.55 21.89
N ALA A 27 32.19 -15.27 21.02
CA ALA A 27 30.95 -14.77 20.46
C ALA A 27 29.89 -14.66 21.54
N GLU A 28 30.03 -15.42 22.62
CA GLU A 28 29.08 -15.32 23.73
C GLU A 28 29.41 -14.09 24.58
N GLU A 29 30.69 -13.88 24.85
CA GLU A 29 31.11 -12.74 25.66
C GLU A 29 30.80 -11.42 24.97
N GLU A 30 30.89 -11.41 23.64
CA GLU A 30 30.64 -10.20 22.86
C GLU A 30 29.15 -9.91 22.78
N LEU A 31 28.37 -10.96 22.54
CA LEU A 31 26.92 -10.83 22.50
C LEU A 31 26.41 -10.30 23.84
N ARG A 32 26.75 -11.01 24.91
CA ARG A 32 26.38 -10.61 26.26
C ARG A 32 26.89 -9.20 26.57
N ARG A 33 27.96 -8.80 25.88
CA ARG A 33 28.52 -7.45 26.06
C ARG A 33 27.64 -6.41 25.36
N ARG A 34 27.07 -6.76 24.22
CA ARG A 34 26.28 -5.80 23.45
C ARG A 34 24.89 -5.59 24.04
N LEU A 35 24.34 -6.60 24.68
CA LEU A 35 23.00 -6.47 25.27
C LEU A 35 23.04 -5.75 26.59
N ASP A 36 24.13 -5.94 27.33
CA ASP A 36 24.35 -5.22 28.57
C ASP A 36 24.75 -3.80 28.19
N GLU A 37 25.12 -3.62 26.92
CA GLU A 37 25.41 -2.31 26.38
C GLU A 37 24.08 -1.62 26.08
N LEU A 38 23.12 -2.40 25.58
CA LEU A 38 21.79 -1.89 25.25
C LEU A 38 20.74 -2.19 26.35
N GLY A 39 21.20 -2.83 27.43
CA GLY A 39 20.38 -3.04 28.62
C GLY A 39 19.03 -3.74 28.47
N VAL A 40 18.98 -4.86 27.75
CA VAL A 40 17.74 -5.63 27.58
C VAL A 40 17.78 -6.86 28.47
N GLU A 41 16.63 -7.29 28.97
CA GLU A 41 16.54 -8.51 29.77
C GLU A 41 16.51 -9.68 28.81
N TYR A 42 17.30 -10.70 29.10
CA TYR A 42 17.44 -11.84 28.21
C TYR A 42 17.83 -13.13 28.92
N VAL A 43 17.88 -14.21 28.16
CA VAL A 43 18.42 -15.48 28.64
C VAL A 43 18.97 -16.27 27.46
N PHE A 44 20.09 -16.95 27.67
CA PHE A 44 20.66 -17.85 26.68
C PHE A 44 20.08 -19.25 26.86
N VAL A 45 19.72 -19.91 25.76
CA VAL A 45 19.07 -21.20 25.85
C VAL A 45 19.64 -22.16 24.82
N GLY A 46 19.03 -23.35 24.74
CA GLY A 46 19.38 -24.32 23.71
C GLY A 46 20.57 -25.18 24.01
N SER A 47 21.06 -25.86 22.97
CA SER A 47 22.16 -26.79 23.13
C SER A 47 23.44 -26.09 23.63
N TYR A 48 23.66 -24.84 23.23
CA TYR A 48 24.88 -24.14 23.62
C TYR A 48 24.88 -23.83 25.12
N ALA A 49 23.77 -23.27 25.60
CA ALA A 49 23.63 -22.87 27.01
C ALA A 49 23.80 -24.03 27.98
N ARG A 50 23.34 -25.20 27.57
CA ARG A 50 23.45 -26.41 28.39
C ARG A 50 24.76 -27.15 28.15
N ASN A 51 25.56 -26.62 27.24
CA ASN A 51 26.84 -27.20 26.91
C ASN A 51 26.67 -28.61 26.36
N THR A 52 25.49 -28.87 25.78
CA THR A 52 25.21 -30.16 25.16
C THR A 52 25.38 -30.12 23.64
N TRP A 53 25.82 -29.00 23.10
CA TRP A 53 25.81 -28.85 21.63
C TRP A 53 26.81 -29.77 20.91
N LEU A 54 26.36 -30.29 19.77
CA LEU A 54 27.07 -31.32 19.03
C LEU A 54 28.20 -30.72 18.20
N LYS A 55 29.23 -31.53 17.92
CA LYS A 55 30.40 -31.08 17.16
C LYS A 55 30.03 -30.56 15.76
N GLY A 56 30.48 -29.35 15.45
CA GLY A 56 30.21 -28.73 14.17
C GLY A 56 28.78 -28.23 14.01
N SER A 57 27.98 -28.42 15.06
CA SER A 57 26.58 -28.00 15.08
C SER A 57 26.33 -26.66 15.77
N LEU A 58 27.41 -25.94 16.12
CA LEU A 58 27.32 -24.75 16.99
C LEU A 58 26.37 -23.67 16.53
N GLU A 59 25.43 -23.35 17.40
CA GLU A 59 24.49 -22.27 17.20
C GLU A 59 24.20 -21.62 18.55
N ILE A 60 24.31 -20.31 18.62
CA ILE A 60 24.00 -19.60 19.86
C ILE A 60 22.57 -19.13 19.70
N ASP A 61 21.74 -19.47 20.67
CA ASP A 61 20.36 -19.02 20.67
C ASP A 61 20.19 -18.03 21.82
N VAL A 62 19.50 -16.92 21.54
CA VAL A 62 19.25 -15.89 22.54
C VAL A 62 17.79 -15.48 22.54
N PHE A 63 17.11 -15.63 23.68
CA PHE A 63 15.71 -15.22 23.77
C PHE A 63 15.61 -13.88 24.48
N LEU A 64 14.94 -12.95 23.82
CA LEU A 64 14.66 -11.64 24.38
C LEU A 64 13.36 -11.68 25.18
N LEU A 65 13.45 -11.31 26.46
CA LEU A 65 12.33 -11.45 27.39
C LEU A 65 11.56 -10.14 27.64
N PHE A 66 10.37 -10.05 27.05
CA PHE A 66 9.49 -8.88 27.19
C PHE A 66 8.41 -9.07 28.26
N PRO A 67 8.10 -8.00 29.01
CA PRO A 67 6.93 -8.06 29.91
C PRO A 67 5.64 -8.36 29.14
N GLU A 68 4.61 -8.79 29.87
CA GLU A 68 3.36 -9.22 29.25
C GLU A 68 2.44 -8.05 28.90
N GLU A 69 2.89 -6.83 29.19
CA GLU A 69 2.11 -5.65 28.85
C GLU A 69 2.14 -5.40 27.34
N PHE A 70 3.02 -6.11 26.64
CA PHE A 70 3.18 -5.92 25.20
C PHE A 70 2.41 -6.96 24.38
N SER A 71 2.45 -6.77 23.07
CA SER A 71 1.79 -7.66 22.11
C SER A 71 2.76 -7.97 20.98
N LYS A 72 2.27 -8.73 19.99
CA LYS A 72 3.07 -9.08 18.82
C LYS A 72 3.62 -7.82 18.16
N GLU A 73 2.92 -6.71 18.37
CA GLU A 73 3.27 -5.48 17.71
C GLU A 73 4.62 -4.98 18.21
N GLU A 74 4.83 -4.99 19.52
CA GLU A 74 6.11 -4.60 20.08
C GLU A 74 7.09 -5.76 20.04
N LEU A 75 6.55 -6.96 19.95
CA LEU A 75 7.40 -8.14 19.85
C LEU A 75 8.03 -8.26 18.47
N ARG A 76 7.21 -8.15 17.43
CA ARG A 76 7.72 -8.27 16.05
C ARG A 76 8.68 -7.13 15.72
N GLU A 77 8.28 -5.91 16.04
CA GLU A 77 9.05 -4.71 15.69
C GLU A 77 10.32 -4.52 16.51
N ARG A 78 10.14 -4.37 17.82
CA ARG A 78 11.25 -4.09 18.72
C ARG A 78 12.02 -5.37 19.06
N GLY A 79 11.55 -6.49 18.53
CA GLY A 79 12.29 -7.75 18.59
C GLY A 79 13.22 -7.84 17.39
N LEU A 80 12.85 -7.17 16.31
CA LEU A 80 13.69 -7.05 15.10
C LEU A 80 14.78 -6.00 15.28
N GLU A 81 14.42 -4.87 15.88
CA GLU A 81 15.35 -3.77 16.02
C GLU A 81 16.48 -4.09 16.99
N ILE A 82 16.24 -5.00 17.93
CA ILE A 82 17.29 -5.40 18.86
C ILE A 82 18.29 -6.32 18.14
N GLY A 83 17.78 -7.16 17.25
CA GLY A 83 18.62 -8.04 16.45
C GLY A 83 19.59 -7.30 15.54
N LYS A 84 19.09 -6.27 14.85
CA LYS A 84 19.89 -5.51 13.88
C LYS A 84 21.15 -4.89 14.50
N ALA A 85 20.99 -4.32 15.69
CA ALA A 85 22.08 -3.57 16.34
C ALA A 85 23.14 -4.46 16.98
N VAL A 86 22.84 -5.75 17.10
CA VAL A 86 23.73 -6.69 17.74
C VAL A 86 24.29 -7.61 16.68
N LEU A 87 23.42 -8.34 15.98
CA LEU A 87 23.88 -9.21 14.91
C LEU A 87 24.64 -8.40 13.87
N ASP A 88 25.68 -9.00 13.30
CA ASP A 88 26.47 -8.35 12.27
C ASP A 88 25.77 -8.44 10.92
N SER A 89 25.65 -9.66 10.42
CA SER A 89 24.84 -9.94 9.25
C SER A 89 23.53 -10.55 9.69
N TYR A 90 22.44 -9.80 9.54
CA TYR A 90 21.13 -10.26 9.96
C TYR A 90 20.32 -10.83 8.78
N GLU A 91 19.90 -12.08 8.91
CA GLU A 91 19.00 -12.71 7.94
C GLU A 91 17.68 -12.99 8.64
N ILE A 92 16.61 -12.34 8.21
CA ILE A 92 15.34 -12.46 8.92
C ILE A 92 14.50 -13.59 8.32
N ARG A 93 14.37 -14.66 9.10
CA ARG A 93 13.54 -15.80 8.72
C ARG A 93 12.24 -15.72 9.50
N TYR A 94 11.40 -16.75 9.37
CA TYR A 94 10.07 -16.73 9.96
C TYR A 94 9.70 -17.97 10.76
N ALA A 95 8.61 -17.80 11.50
CA ALA A 95 7.97 -18.85 12.25
C ALA A 95 6.54 -18.36 12.39
N GLU A 96 5.80 -18.94 13.33
CA GLU A 96 4.55 -18.33 13.76
C GLU A 96 4.84 -16.85 13.93
N HIS A 97 5.80 -16.51 14.79
CA HIS A 97 6.30 -15.14 14.84
C HIS A 97 7.74 -15.06 14.36
N PRO A 98 8.11 -13.94 13.72
CA PRO A 98 9.41 -13.80 13.06
C PRO A 98 10.54 -13.64 14.05
N TYR A 99 11.71 -14.20 13.74
CA TYR A 99 12.89 -14.01 14.56
C TYR A 99 14.06 -13.61 13.67
N VAL A 100 15.21 -13.33 14.28
CA VAL A 100 16.38 -12.84 13.56
C VAL A 100 17.57 -13.81 13.61
N HIS A 101 17.86 -14.43 12.46
CA HIS A 101 19.04 -15.27 12.29
C HIS A 101 20.24 -14.36 12.00
N GLY A 102 21.46 -14.85 12.23
CA GLY A 102 22.63 -14.06 11.91
C GLY A 102 23.98 -14.57 12.40
N VAL A 103 24.93 -13.65 12.52
CA VAL A 103 26.30 -13.97 12.91
C VAL A 103 26.90 -12.94 13.85
N VAL A 104 27.68 -13.40 14.82
CA VAL A 104 28.46 -12.51 15.66
C VAL A 104 29.85 -13.10 15.84
N LYS A 105 30.85 -12.39 15.32
CA LYS A 105 32.24 -12.84 15.36
C LYS A 105 32.35 -14.30 14.94
N GLY A 106 31.79 -14.61 13.78
CA GLY A 106 31.99 -15.92 13.19
C GLY A 106 30.98 -16.98 13.62
N VAL A 107 30.33 -16.75 14.76
CA VAL A 107 29.40 -17.74 15.30
C VAL A 107 27.96 -17.39 14.96
N GLU A 108 27.19 -18.41 14.64
CA GLU A 108 25.79 -18.23 14.29
C GLU A 108 24.99 -17.84 15.52
N VAL A 109 23.97 -17.02 15.31
CA VAL A 109 23.18 -16.48 16.40
C VAL A 109 21.71 -16.40 16.01
N ASP A 110 20.83 -16.87 16.89
CA ASP A 110 19.38 -16.74 16.73
C ASP A 110 18.86 -15.90 17.87
N VAL A 111 18.11 -14.85 17.54
CA VAL A 111 17.51 -13.98 18.55
C VAL A 111 15.99 -14.01 18.41
N VAL A 112 15.33 -14.59 19.40
CA VAL A 112 13.89 -14.82 19.39
C VAL A 112 13.17 -14.04 20.50
N PRO A 113 12.30 -13.08 20.15
CA PRO A 113 11.54 -12.37 21.20
C PRO A 113 10.47 -13.23 21.87
N CYS A 114 10.19 -12.99 23.15
CA CYS A 114 9.11 -13.70 23.84
C CYS A 114 8.70 -13.01 25.14
N TYR A 115 7.67 -13.56 25.80
CA TYR A 115 7.14 -13.01 27.05
C TYR A 115 7.90 -13.40 28.32
N LYS A 116 7.85 -12.54 29.33
CA LYS A 116 8.36 -12.88 30.66
C LYS A 116 7.20 -13.46 31.44
N LEU A 117 7.26 -14.77 31.66
CA LEU A 117 6.14 -15.53 32.20
C LEU A 117 6.50 -16.24 33.51
N LYS A 118 5.53 -16.40 34.39
CA LYS A 118 5.72 -17.28 35.54
C LYS A 118 4.91 -18.54 35.30
N GLU A 119 5.49 -19.69 35.67
CA GLU A 119 4.83 -20.99 35.54
C GLU A 119 4.61 -21.40 34.09
N PRO A 120 4.43 -22.72 33.85
CA PRO A 120 4.19 -23.23 32.50
C PRO A 120 2.71 -23.21 32.07
N LYS A 121 2.08 -22.04 32.19
CA LYS A 121 0.72 -21.85 31.70
C LYS A 121 0.63 -20.49 31.00
N ASN A 122 -0.53 -20.19 30.43
CA ASN A 122 -0.70 -19.10 29.47
C ASN A 122 0.20 -19.28 28.25
N ILE A 123 0.62 -20.52 27.98
CA ILE A 123 1.58 -20.77 26.90
C ILE A 123 0.84 -21.00 25.58
N LYS A 124 0.99 -20.06 24.65
CA LYS A 124 0.33 -20.14 23.34
C LYS A 124 1.31 -20.55 22.23
N SER A 125 2.29 -19.70 21.95
CA SER A 125 3.28 -20.04 20.95
C SER A 125 4.17 -21.18 21.44
N ALA A 126 4.80 -21.87 20.49
CA ALA A 126 5.71 -22.96 20.81
C ALA A 126 7.12 -22.45 21.06
N VAL A 127 7.36 -21.19 20.70
CA VAL A 127 8.65 -20.56 20.99
C VAL A 127 8.69 -20.20 22.46
N ASP A 128 7.52 -20.24 23.09
CA ASP A 128 7.42 -19.91 24.51
C ASP A 128 7.84 -21.09 25.38
N ARG A 129 7.77 -22.31 24.84
CA ARG A 129 8.16 -23.49 25.60
C ARG A 129 9.67 -23.50 25.82
N THR A 130 10.41 -22.92 24.87
CA THR A 130 11.86 -23.08 24.77
C THR A 130 12.67 -22.69 26.00
N PRO A 131 12.41 -21.49 26.57
CA PRO A 131 13.17 -21.13 27.77
C PRO A 131 12.83 -22.01 28.97
N PHE A 132 11.58 -22.47 29.09
CA PHE A 132 11.20 -23.33 30.19
C PHE A 132 11.87 -24.70 30.08
N HIS A 133 12.00 -25.21 28.86
CA HIS A 133 12.74 -26.44 28.65
C HIS A 133 14.13 -26.33 29.28
N HIS A 134 14.74 -25.16 29.12
CA HIS A 134 16.08 -24.93 29.64
C HIS A 134 16.16 -24.88 31.16
N LYS A 135 15.25 -24.12 31.77
CA LYS A 135 15.21 -24.04 33.22
C LYS A 135 15.09 -25.44 33.80
N TRP A 136 14.31 -26.27 33.13
CA TRP A 136 14.09 -27.63 33.61
C TRP A 136 15.36 -28.47 33.49
N LEU A 137 16.00 -28.41 32.33
CA LEU A 137 17.13 -29.30 32.06
C LEU A 137 18.39 -28.79 32.71
N GLU A 138 18.48 -27.47 32.79
CA GLU A 138 19.70 -26.82 33.22
C GLU A 138 20.22 -27.47 34.49
N GLY A 139 19.30 -27.79 35.39
CA GLY A 139 19.68 -28.37 36.66
C GLY A 139 19.89 -29.86 36.60
N ARG A 140 19.13 -30.52 35.75
CA ARG A 140 19.15 -31.98 35.72
C ARG A 140 20.16 -32.53 34.72
N ILE A 141 20.59 -31.66 33.82
CA ILE A 141 21.51 -32.11 32.76
C ILE A 141 22.96 -31.83 33.13
N LYS A 142 23.18 -31.06 34.18
CA LYS A 142 24.52 -30.63 34.53
C LYS A 142 25.29 -31.89 34.93
N GLY A 143 26.40 -32.13 34.24
CA GLY A 143 27.20 -33.33 34.43
C GLY A 143 26.95 -34.48 33.46
N LYS A 144 25.75 -34.52 32.88
CA LYS A 144 25.40 -35.53 31.88
C LYS A 144 25.55 -35.05 30.43
N GLU A 145 26.15 -33.87 30.24
CA GLU A 145 26.27 -33.28 28.90
C GLU A 145 26.82 -34.27 27.88
N ASN A 146 27.89 -34.97 28.21
CA ASN A 146 28.53 -35.89 27.28
C ASN A 146 27.67 -37.10 26.93
N GLU A 147 26.83 -37.53 27.85
CA GLU A 147 25.95 -38.64 27.56
C GLU A 147 24.99 -38.18 26.47
N VAL A 148 24.51 -36.94 26.58
CA VAL A 148 23.60 -36.37 25.60
C VAL A 148 24.21 -36.39 24.20
N ARG A 149 25.43 -35.84 24.07
CA ARG A 149 26.07 -35.75 22.77
C ARG A 149 26.24 -37.12 22.14
N LEU A 150 26.52 -38.13 22.95
CA LEU A 150 26.69 -39.51 22.47
C LEU A 150 25.41 -40.00 21.79
N LEU A 151 24.28 -39.81 22.46
CA LEU A 151 22.96 -40.16 21.94
C LEU A 151 22.65 -39.43 20.64
N LYS A 152 22.85 -38.12 20.66
CA LYS A 152 22.67 -37.27 19.48
C LYS A 152 23.51 -37.78 18.29
N GLY A 153 24.81 -37.97 18.52
CA GLY A 153 25.71 -38.43 17.46
C GLY A 153 25.37 -39.80 16.88
N PHE A 154 25.00 -40.74 17.75
CA PHE A 154 24.53 -42.06 17.37
C PHE A 154 23.36 -41.94 16.42
N LEU A 155 22.44 -41.05 16.74
CA LEU A 155 21.25 -40.82 15.92
C LEU A 155 21.60 -40.13 14.59
N LYS A 156 22.40 -39.07 14.69
CA LYS A 156 22.75 -38.26 13.53
C LYS A 156 23.58 -39.05 12.52
N ALA A 157 24.24 -40.11 12.97
CA ALA A 157 25.05 -40.94 12.08
C ALA A 157 24.14 -41.84 11.28
N ASN A 158 23.02 -42.23 11.90
CA ASN A 158 22.00 -43.07 11.29
C ASN A 158 20.87 -42.26 10.67
N GLY A 159 21.07 -40.95 10.60
CA GLY A 159 20.23 -40.05 9.82
C GLY A 159 18.87 -39.77 10.43
N ILE A 160 18.66 -40.26 11.65
CA ILE A 160 17.41 -40.00 12.34
C ILE A 160 17.50 -38.84 13.34
N TYR A 161 18.63 -38.13 13.40
CA TYR A 161 18.71 -37.02 14.37
C TYR A 161 18.03 -35.78 13.84
N GLY A 162 17.31 -35.10 14.73
CA GLY A 162 16.61 -33.86 14.41
C GLY A 162 15.17 -34.10 14.04
N ALA A 163 14.30 -33.17 14.44
CA ALA A 163 12.85 -33.35 14.25
C ALA A 163 12.28 -32.65 13.02
N GLU A 164 13.11 -31.96 12.23
CA GLU A 164 12.56 -31.23 11.10
C GLU A 164 11.97 -32.22 10.10
N TYR A 165 11.09 -31.73 9.25
CA TYR A 165 10.33 -32.61 8.38
C TYR A 165 11.26 -33.30 7.38
N LYS A 166 12.46 -32.78 7.22
CA LYS A 166 13.44 -33.45 6.38
C LYS A 166 13.89 -34.79 7.00
N VAL A 167 13.60 -34.96 8.29
CA VAL A 167 14.14 -36.08 9.06
C VAL A 167 13.02 -36.87 9.71
N ARG A 168 12.20 -36.18 10.51
CA ARG A 168 11.13 -36.81 11.28
C ARG A 168 11.75 -37.80 12.25
N GLY A 169 12.81 -37.35 12.88
CA GLY A 169 13.56 -38.12 13.86
C GLY A 169 13.38 -37.60 15.28
N PHE A 170 14.42 -37.82 16.09
CA PHE A 170 14.43 -37.42 17.50
C PHE A 170 15.02 -35.99 17.64
N SER A 171 14.25 -35.01 18.11
CA SER A 171 14.81 -33.68 18.32
C SER A 171 15.84 -33.68 19.44
N GLY A 172 16.75 -32.71 19.39
CA GLY A 172 17.78 -32.59 20.41
C GLY A 172 17.20 -32.53 21.81
N TYR A 173 16.23 -31.67 22.03
CA TYR A 173 15.57 -31.56 23.32
C TYR A 173 15.06 -32.89 23.81
N LEU A 174 14.57 -33.71 22.89
CA LEU A 174 14.08 -35.02 23.26
C LEU A 174 15.22 -35.89 23.75
N CYS A 175 16.36 -35.78 23.08
CA CYS A 175 17.55 -36.52 23.50
C CYS A 175 17.91 -36.15 24.95
N GLU A 176 17.91 -34.86 25.24
CA GLU A 176 18.25 -34.38 26.56
C GLU A 176 17.29 -34.98 27.60
N LEU A 177 16.01 -35.03 27.28
CA LEU A 177 15.02 -35.63 28.18
C LEU A 177 15.34 -37.09 28.49
N LEU A 178 15.66 -37.85 27.45
CA LEU A 178 15.93 -39.28 27.62
C LEU A 178 17.06 -39.54 28.62
N ILE A 179 18.17 -38.86 28.44
CA ILE A 179 19.32 -39.06 29.29
C ILE A 179 18.95 -38.71 30.73
N VAL A 180 18.13 -37.68 30.91
CA VAL A 180 17.59 -37.33 32.21
C VAL A 180 16.65 -38.42 32.72
N PHE A 181 15.98 -39.11 31.80
CA PHE A 181 15.06 -40.17 32.18
C PHE A 181 15.78 -41.48 32.45
N TYR A 182 16.51 -41.98 31.46
CA TYR A 182 17.18 -43.27 31.58
C TYR A 182 18.57 -43.18 32.21
N GLY A 183 19.04 -41.95 32.42
CA GLY A 183 20.27 -41.72 33.15
C GLY A 183 21.55 -41.62 32.33
N SER A 184 21.56 -42.21 31.15
CA SER A 184 22.75 -42.11 30.31
C SER A 184 22.44 -42.50 28.90
N PHE A 185 23.44 -42.36 28.03
CA PHE A 185 23.30 -42.84 26.67
C PHE A 185 22.99 -44.31 26.64
N LEU A 186 23.89 -45.08 27.23
CA LEU A 186 23.87 -46.53 27.13
C LEU A 186 22.56 -47.13 27.61
N GLU A 187 22.10 -46.67 28.77
CA GLU A 187 20.88 -47.19 29.36
C GLU A 187 19.71 -46.86 28.49
N THR A 188 19.80 -45.75 27.76
CA THR A 188 18.71 -45.37 26.89
C THR A 188 18.64 -46.42 25.77
N VAL A 189 19.77 -46.63 25.10
CA VAL A 189 19.89 -47.66 24.08
C VAL A 189 19.46 -48.99 24.66
N LYS A 190 19.93 -49.31 25.86
CA LYS A 190 19.56 -50.55 26.51
C LYS A 190 18.04 -50.66 26.65
N ASN A 191 17.41 -49.56 27.05
CA ASN A 191 15.96 -49.52 27.29
C ASN A 191 15.11 -49.33 26.04
N ALA A 192 15.60 -48.57 25.06
CA ALA A 192 14.85 -48.29 23.83
C ALA A 192 14.40 -49.55 23.12
N ARG A 193 15.16 -50.64 23.27
CA ARG A 193 14.87 -51.90 22.57
C ARG A 193 13.48 -52.44 22.89
N ARG A 194 12.99 -52.10 24.06
CA ARG A 194 11.74 -52.63 24.56
C ARG A 194 10.57 -51.67 24.32
N TRP A 195 10.85 -50.54 23.69
CA TRP A 195 9.80 -49.59 23.36
C TRP A 195 8.81 -50.20 22.37
N THR A 196 7.56 -49.73 22.42
CA THR A 196 6.54 -50.10 21.45
C THR A 196 5.86 -48.84 20.90
N ARG A 197 5.13 -49.02 19.81
CA ARG A 197 4.44 -47.91 19.16
C ARG A 197 3.45 -47.25 20.11
N ARG A 198 3.03 -48.00 21.13
CA ARG A 198 2.07 -47.54 22.13
C ARG A 198 2.75 -47.02 23.42
N THR A 199 4.08 -46.93 23.42
CA THR A 199 4.83 -46.47 24.59
C THR A 199 4.49 -45.04 24.95
N VAL A 200 4.15 -44.81 26.21
CA VAL A 200 4.05 -43.46 26.74
C VAL A 200 5.15 -43.28 27.73
N ILE A 201 5.96 -42.25 27.53
CA ILE A 201 6.99 -41.88 28.50
C ILE A 201 6.62 -40.56 29.18
N ASP A 202 6.22 -40.62 30.45
CA ASP A 202 5.97 -39.40 31.21
C ASP A 202 7.23 -39.10 31.98
N VAL A 203 7.93 -38.07 31.53
CA VAL A 203 9.25 -37.79 32.03
C VAL A 203 9.12 -37.36 33.48
N ALA A 204 8.28 -36.36 33.67
CA ALA A 204 8.11 -35.71 34.97
C ALA A 204 7.62 -36.66 36.07
N LYS A 205 6.94 -37.73 35.68
CA LYS A 205 6.34 -38.66 36.63
C LYS A 205 7.18 -39.92 36.90
N GLY A 206 8.34 -40.01 36.25
CA GLY A 206 9.16 -41.20 36.34
C GLY A 206 8.39 -42.44 35.88
N GLU A 207 7.55 -42.25 34.86
CA GLU A 207 6.62 -43.29 34.46
C GLU A 207 6.64 -43.62 32.96
N VAL A 208 6.53 -44.92 32.69
CA VAL A 208 6.32 -45.46 31.35
C VAL A 208 5.04 -46.30 31.36
N ARG A 209 4.08 -45.93 30.52
CA ARG A 209 2.82 -46.65 30.46
C ARG A 209 2.41 -46.80 29.01
N LYS A 210 1.33 -47.54 28.80
CA LYS A 210 0.81 -47.82 27.47
C LYS A 210 -0.21 -46.77 27.03
N GLY A 211 0.04 -46.12 25.90
CA GLY A 211 -0.88 -45.14 25.36
C GLY A 211 -1.61 -45.58 24.09
N GLU A 212 -2.16 -44.59 23.39
CA GLU A 212 -2.73 -44.77 22.05
C GLU A 212 -1.69 -44.41 21.01
N GLU A 213 -0.58 -43.83 21.46
CA GLU A 213 0.50 -43.40 20.57
C GLU A 213 1.81 -43.29 21.34
N PHE A 214 2.92 -43.31 20.61
CA PHE A 214 4.22 -43.16 21.25
C PHE A 214 4.34 -41.74 21.72
N PHE A 215 4.50 -41.56 23.02
CA PHE A 215 4.31 -40.24 23.61
C PHE A 215 5.32 -39.93 24.68
N VAL A 216 5.98 -38.78 24.52
CA VAL A 216 6.91 -38.26 25.51
C VAL A 216 6.28 -37.02 26.11
N VAL A 217 5.93 -37.09 27.39
CA VAL A 217 5.19 -35.99 27.99
C VAL A 217 6.15 -34.87 28.44
N ASP A 218 5.96 -33.71 27.81
CA ASP A 218 6.75 -32.52 28.08
C ASP A 218 6.59 -32.23 29.57
N PRO A 219 7.69 -32.23 30.34
CA PRO A 219 7.64 -31.89 31.78
C PRO A 219 6.98 -30.54 32.03
N VAL A 220 7.21 -29.64 31.06
CA VAL A 220 6.67 -28.28 31.03
C VAL A 220 5.21 -28.26 30.64
N ASP A 221 4.88 -29.01 29.59
CA ASP A 221 3.52 -29.09 29.08
C ASP A 221 3.02 -30.54 29.09
N GLU A 222 2.10 -30.82 30.00
CA GLU A 222 1.69 -32.19 30.24
C GLU A 222 0.89 -32.75 29.05
N LYS A 223 0.35 -31.86 28.22
CA LYS A 223 -0.43 -32.28 27.05
C LYS A 223 0.43 -32.45 25.78
N ARG A 224 1.68 -31.97 25.80
CA ARG A 224 2.46 -31.91 24.56
C ARG A 224 3.35 -33.14 24.37
N ASN A 225 3.49 -33.56 23.12
CA ASN A 225 4.38 -34.66 22.79
C ASN A 225 5.71 -34.18 22.23
N VAL A 226 6.78 -34.36 23.00
CA VAL A 226 8.09 -33.91 22.56
C VAL A 226 8.52 -34.71 21.33
N ALA A 227 8.03 -35.95 21.25
CA ALA A 227 8.34 -36.88 20.17
C ALA A 227 7.33 -36.78 19.00
N ALA A 228 6.48 -35.76 19.02
CA ALA A 228 5.37 -35.65 18.08
C ALA A 228 5.74 -35.94 16.64
N ASN A 229 6.84 -35.33 16.19
CA ASN A 229 7.19 -35.39 14.78
C ASN A 229 8.11 -36.55 14.39
N LEU A 230 8.39 -37.43 15.36
CA LEU A 230 9.14 -38.64 15.06
C LEU A 230 8.24 -39.59 14.29
N SER A 231 8.68 -40.01 13.11
CA SER A 231 7.89 -40.91 12.29
C SER A 231 7.92 -42.28 12.93
N LEU A 232 6.94 -43.11 12.62
CA LEU A 232 6.93 -44.46 13.19
C LEU A 232 8.14 -45.24 12.69
N ASP A 233 8.41 -45.11 11.40
CA ASP A 233 9.49 -45.87 10.79
C ASP A 233 10.85 -45.47 11.35
N ASN A 234 10.99 -44.22 11.81
CA ASN A 234 12.26 -43.79 12.40
C ASN A 234 12.44 -44.29 13.84
N LEU A 235 11.34 -44.35 14.59
CA LEU A 235 11.34 -45.03 15.88
C LEU A 235 11.66 -46.51 15.70
N ALA A 236 11.14 -47.10 14.63
CA ALA A 236 11.29 -48.54 14.38
C ALA A 236 12.73 -48.81 14.02
N ARG A 237 13.34 -47.84 13.36
CA ARG A 237 14.73 -47.92 13.02
C ARG A 237 15.57 -47.74 14.27
N PHE A 238 15.16 -46.83 15.15
CA PHE A 238 15.95 -46.61 16.36
C PHE A 238 15.94 -47.83 17.23
N VAL A 239 14.75 -48.39 17.43
CA VAL A 239 14.61 -49.61 18.22
C VAL A 239 15.43 -50.71 17.55
N HIS A 240 15.31 -50.81 16.24
CA HIS A 240 16.11 -51.76 15.52
C HIS A 240 17.62 -51.52 15.69
N LEU A 241 18.04 -50.25 15.64
CA LEU A 241 19.46 -49.89 15.83
C LEU A 241 19.98 -50.14 17.24
N CYS A 242 19.13 -49.92 18.26
CA CYS A 242 19.53 -50.13 19.64
C CYS A 242 19.80 -51.59 19.94
N ARG A 243 18.95 -52.45 19.39
CA ARG A 243 19.09 -53.89 19.53
C ARG A 243 20.36 -54.40 18.88
N GLU A 244 20.66 -53.88 17.69
CA GLU A 244 21.84 -54.28 16.94
C GLU A 244 23.05 -53.91 17.74
N PHE A 245 23.01 -52.72 18.31
CA PHE A 245 24.13 -52.17 19.03
C PHE A 245 24.44 -53.02 20.26
N MET A 246 23.40 -53.46 20.96
CA MET A 246 23.60 -54.20 22.20
C MET A 246 24.05 -55.63 21.92
N GLU A 247 23.69 -56.15 20.76
CA GLU A 247 24.07 -57.50 20.38
C GLU A 247 25.53 -57.50 19.96
N ALA A 248 25.90 -56.51 19.15
CA ALA A 248 27.25 -56.39 18.65
C ALA A 248 27.67 -54.94 18.51
N PRO A 249 27.97 -54.28 19.62
CA PRO A 249 28.33 -52.86 19.55
C PRO A 249 29.64 -52.57 18.80
N SER A 250 29.60 -51.61 17.87
CA SER A 250 30.83 -51.12 17.21
C SER A 250 30.76 -49.61 16.96
N LEU A 251 31.94 -49.04 16.69
CA LEU A 251 32.09 -47.62 16.48
C LEU A 251 31.43 -47.23 15.17
N GLY A 252 31.18 -48.23 14.31
CA GLY A 252 30.52 -47.99 13.06
C GLY A 252 29.18 -47.29 13.26
N PHE A 253 28.55 -47.57 14.40
CA PHE A 253 27.24 -47.01 14.72
C PHE A 253 27.26 -45.50 14.89
N PHE A 254 28.43 -44.95 15.17
CA PHE A 254 28.60 -43.50 15.31
C PHE A 254 29.15 -42.79 14.07
N LYS A 255 29.47 -43.55 13.03
CA LYS A 255 30.10 -43.00 11.84
C LYS A 255 29.06 -42.83 10.74
N PRO A 256 28.95 -41.61 10.18
CA PRO A 256 28.03 -41.38 9.05
C PRO A 256 28.25 -42.34 7.90
N LYS A 257 27.15 -42.77 7.29
CA LYS A 257 27.18 -43.83 6.29
C LYS A 257 27.50 -43.34 4.88
N HIS A 258 27.97 -44.27 4.05
CA HIS A 258 28.22 -44.00 2.64
C HIS A 258 26.87 -43.87 1.92
N PRO A 259 26.81 -43.00 0.90
CA PRO A 259 25.58 -42.92 0.10
C PRO A 259 25.26 -44.21 -0.68
N LEU A 260 26.26 -45.07 -0.85
CA LEU A 260 26.17 -46.23 -1.74
C LEU A 260 25.79 -45.81 -3.16
N GLU A 261 26.73 -45.13 -3.80
CA GLU A 261 26.60 -44.79 -5.20
C GLU A 261 27.01 -46.00 -6.03
N ILE A 262 26.15 -46.42 -6.96
CA ILE A 262 26.40 -47.58 -7.81
C ILE A 262 26.55 -47.19 -9.29
N GLU A 263 27.34 -47.95 -10.04
CA GLU A 263 27.53 -47.67 -11.46
C GLU A 263 26.24 -48.01 -12.22
N PRO A 264 25.93 -47.25 -13.29
CA PRO A 264 24.67 -47.43 -14.04
C PRO A 264 24.56 -48.75 -14.81
N GLU A 265 25.67 -49.42 -15.08
CA GLU A 265 25.64 -50.71 -15.77
C GLU A 265 25.17 -51.79 -14.82
N ARG A 266 25.94 -52.02 -13.76
CA ARG A 266 25.56 -53.01 -12.75
C ARG A 266 24.16 -52.70 -12.31
N LEU A 267 23.85 -51.41 -12.24
CA LEU A 267 22.51 -50.98 -11.89
C LEU A 267 21.55 -51.41 -12.99
N ARG A 268 22.02 -51.41 -14.24
CA ARG A 268 21.17 -51.85 -15.34
C ARG A 268 20.87 -53.34 -15.18
N LYS A 269 21.85 -54.12 -14.75
CA LYS A 269 21.66 -55.56 -14.56
C LYS A 269 20.68 -55.90 -13.43
N ILE A 270 20.72 -55.14 -12.33
CA ILE A 270 19.82 -55.37 -11.21
C ILE A 270 18.36 -55.17 -11.58
N VAL A 271 18.06 -54.02 -12.16
CA VAL A 271 16.69 -53.69 -12.52
C VAL A 271 16.14 -54.69 -13.52
N GLU A 272 17.01 -55.24 -14.35
CA GLU A 272 16.58 -56.21 -15.34
C GLU A 272 16.40 -57.59 -14.69
N GLU A 273 17.23 -57.95 -13.71
CA GLU A 273 17.02 -59.19 -12.95
C GLU A 273 15.73 -59.16 -12.12
N ARG A 274 15.45 -58.02 -11.48
CA ARG A 274 14.19 -57.83 -10.77
C ARG A 274 13.01 -57.88 -11.74
N GLY A 275 13.24 -57.46 -12.97
CA GLY A 275 12.21 -57.43 -13.99
C GLY A 275 11.06 -56.50 -13.65
N THR A 276 11.35 -55.46 -12.86
CA THR A 276 10.33 -54.51 -12.45
C THR A 276 10.31 -53.36 -13.43
N ALA A 277 9.41 -52.42 -13.22
CA ALA A 277 9.39 -51.21 -14.01
C ALA A 277 9.97 -50.09 -13.18
N VAL A 278 11.15 -49.60 -13.52
CA VAL A 278 11.76 -48.50 -12.75
C VAL A 278 11.75 -47.18 -13.51
N PHE A 279 11.00 -46.20 -13.01
CA PHE A 279 10.86 -44.90 -13.67
C PHE A 279 10.83 -43.78 -12.66
N ALA A 280 10.86 -42.53 -13.12
CA ALA A 280 10.96 -41.39 -12.22
C ALA A 280 10.30 -40.10 -12.75
N VAL A 281 9.80 -39.27 -11.83
CA VAL A 281 9.19 -37.97 -12.19
C VAL A 281 10.13 -36.80 -11.89
N LYS A 282 10.64 -36.16 -12.94
CA LYS A 282 11.63 -35.09 -12.82
C LYS A 282 11.04 -33.71 -13.07
N PHE A 283 11.30 -32.78 -12.15
CA PHE A 283 10.82 -31.40 -12.29
C PHE A 283 11.68 -30.41 -11.47
N ARG A 284 11.57 -29.12 -11.77
CA ARG A 284 12.41 -28.10 -11.17
C ARG A 284 12.03 -27.85 -9.71
N LYS A 285 13.04 -27.75 -8.85
CA LYS A 285 12.82 -27.56 -7.43
C LYS A 285 12.15 -26.22 -7.17
N PRO A 286 11.00 -26.23 -6.47
CA PRO A 286 10.38 -24.96 -6.09
C PRO A 286 11.32 -24.20 -5.19
N ASP A 287 11.37 -22.88 -5.25
CA ASP A 287 12.30 -22.20 -4.36
C ASP A 287 11.55 -21.93 -3.10
N ILE A 288 11.84 -22.78 -2.13
CA ILE A 288 11.13 -22.84 -0.86
C ILE A 288 12.05 -23.55 0.09
N VAL A 289 11.87 -23.35 1.38
CA VAL A 289 12.71 -24.02 2.36
C VAL A 289 12.32 -25.49 2.37
N ASP A 290 13.22 -26.33 2.84
CA ASP A 290 13.03 -27.76 2.75
C ASP A 290 11.81 -28.24 3.57
N ASP A 291 11.52 -27.57 4.69
CA ASP A 291 10.42 -27.98 5.56
C ASP A 291 9.06 -27.76 4.94
N ASN A 292 9.06 -27.13 3.76
CA ASN A 292 7.87 -27.05 2.93
C ASN A 292 8.03 -28.10 1.84
N LEU A 293 9.07 -27.97 1.03
CA LEU A 293 9.33 -28.92 -0.04
C LEU A 293 9.25 -30.38 0.38
N TYR A 294 9.87 -30.75 1.49
CA TYR A 294 10.00 -32.17 1.82
C TYR A 294 8.65 -32.81 2.16
N PRO A 295 7.88 -32.17 3.05
CA PRO A 295 6.53 -32.67 3.32
C PRO A 295 5.68 -32.80 2.06
N GLN A 296 5.97 -31.98 1.05
CA GLN A 296 5.21 -32.01 -0.20
C GLN A 296 5.68 -33.12 -1.14
N LEU A 297 6.99 -33.31 -1.20
CA LEU A 297 7.55 -34.40 -1.98
C LEU A 297 7.10 -35.74 -1.38
N GLU A 298 6.92 -35.76 -0.05
CA GLU A 298 6.37 -36.92 0.61
C GLU A 298 4.96 -37.11 0.12
N ARG A 299 4.17 -36.04 0.13
CA ARG A 299 2.77 -36.18 -0.30
C ARG A 299 2.66 -36.56 -1.77
N ALA A 300 3.42 -35.86 -2.61
CA ALA A 300 3.40 -36.10 -4.04
C ALA A 300 3.68 -37.57 -4.36
N SER A 301 4.72 -38.10 -3.72
CA SER A 301 5.14 -39.46 -3.94
C SER A 301 4.05 -40.40 -3.47
N ARG A 302 3.32 -40.00 -2.44
CA ARG A 302 2.25 -40.82 -1.91
C ARG A 302 1.07 -40.83 -2.88
N LYS A 303 0.58 -39.68 -3.27
CA LYS A 303 -0.60 -39.61 -4.14
C LYS A 303 -0.39 -40.41 -5.41
N ILE A 304 0.83 -40.37 -5.93
CA ILE A 304 1.16 -41.09 -7.14
C ILE A 304 1.35 -42.58 -6.85
N PHE A 305 1.87 -42.90 -5.68
CA PHE A 305 2.02 -44.28 -5.27
C PHE A 305 0.67 -44.93 -5.15
N GLU A 306 -0.26 -44.22 -4.54
CA GLU A 306 -1.59 -44.74 -4.30
C GLU A 306 -2.29 -44.93 -5.64
N PHE A 307 -1.97 -44.05 -6.58
CA PHE A 307 -2.51 -44.11 -7.94
C PHE A 307 -2.09 -45.38 -8.67
N LEU A 308 -0.79 -45.64 -8.71
CA LEU A 308 -0.26 -46.83 -9.35
C LEU A 308 -0.83 -48.03 -8.64
N GLU A 309 -1.06 -47.87 -7.34
CA GLU A 309 -1.68 -48.91 -6.53
C GLU A 309 -3.13 -49.13 -6.97
N ARG A 310 -3.90 -48.06 -6.95
CA ARG A 310 -5.28 -48.08 -7.40
C ARG A 310 -5.42 -48.59 -8.85
N GLU A 311 -4.39 -48.39 -9.65
CA GLU A 311 -4.47 -48.68 -11.07
C GLU A 311 -4.01 -50.13 -11.38
N ASN A 312 -3.75 -50.91 -10.33
CA ASN A 312 -3.35 -52.31 -10.45
C ASN A 312 -1.99 -52.51 -11.12
N PHE A 313 -1.09 -51.55 -10.96
CA PHE A 313 0.27 -51.69 -11.44
C PHE A 313 1.18 -52.32 -10.38
N MET A 314 0.63 -52.55 -9.19
CA MET A 314 1.35 -53.22 -8.11
C MET A 314 2.65 -52.53 -7.84
N PRO A 315 2.60 -51.30 -7.31
CA PRO A 315 3.82 -50.63 -6.92
C PRO A 315 4.50 -51.36 -5.77
N LEU A 316 5.81 -51.22 -5.70
CA LEU A 316 6.62 -51.80 -4.64
C LEU A 316 7.05 -50.73 -3.65
N ARG A 317 7.80 -49.74 -4.12
CA ARG A 317 8.27 -48.70 -3.24
C ARG A 317 8.31 -47.37 -3.98
N SER A 318 8.38 -46.29 -3.22
CA SER A 318 8.57 -44.97 -3.79
C SER A 318 9.58 -44.19 -2.99
N ALA A 319 10.34 -43.35 -3.67
CA ALA A 319 11.29 -42.47 -3.02
C ALA A 319 11.24 -41.08 -3.63
N PHE A 320 12.11 -40.20 -3.18
CA PHE A 320 12.33 -38.94 -3.89
C PHE A 320 13.72 -38.41 -3.61
N LYS A 321 14.05 -37.30 -4.27
CA LYS A 321 15.37 -36.67 -4.14
C LYS A 321 15.25 -35.20 -4.42
N ALA A 322 16.05 -34.39 -3.75
CA ALA A 322 16.15 -32.98 -4.14
C ALA A 322 17.60 -32.56 -4.47
N SER A 323 17.85 -32.34 -5.75
CA SER A 323 19.11 -31.82 -6.23
C SER A 323 19.03 -30.29 -6.13
N GLU A 324 19.98 -29.57 -6.70
CA GLU A 324 19.87 -28.11 -6.64
C GLU A 324 18.87 -27.56 -7.63
N GLU A 325 18.78 -28.21 -8.78
CA GLU A 325 17.87 -27.80 -9.84
C GLU A 325 16.59 -28.58 -9.80
N PHE A 326 16.71 -29.90 -9.88
CA PHE A 326 15.58 -30.78 -10.14
C PHE A 326 15.17 -31.58 -8.91
N CYS A 327 13.90 -31.98 -8.88
CA CYS A 327 13.37 -32.89 -7.88
C CYS A 327 12.91 -34.17 -8.55
N TYR A 328 13.08 -35.30 -7.90
CA TYR A 328 12.76 -36.60 -8.49
C TYR A 328 11.80 -37.38 -7.60
N LEU A 329 10.71 -37.87 -8.19
CA LEU A 329 9.77 -38.77 -7.51
C LEU A 329 9.97 -40.16 -8.10
N LEU A 330 10.54 -41.07 -7.31
CA LEU A 330 10.95 -42.40 -7.78
C LEU A 330 9.93 -43.52 -7.60
N PHE A 331 9.77 -44.39 -8.59
CA PHE A 331 8.88 -45.53 -8.44
C PHE A 331 9.42 -46.84 -9.03
N GLU A 332 8.95 -47.95 -8.48
CA GLU A 332 9.21 -49.27 -9.02
C GLU A 332 7.94 -50.10 -8.95
N CYS A 333 7.53 -50.68 -10.07
CA CYS A 333 6.27 -51.42 -10.14
C CYS A 333 6.52 -52.82 -10.61
N GLN A 334 5.65 -53.74 -10.16
CA GLN A 334 5.80 -55.14 -10.53
C GLN A 334 5.31 -55.29 -11.95
N ILE A 335 4.51 -54.33 -12.41
CA ILE A 335 3.87 -54.42 -13.72
C ILE A 335 4.39 -53.41 -14.73
N LYS A 336 5.11 -53.91 -15.73
CA LYS A 336 5.61 -53.12 -16.86
C LYS A 336 4.57 -52.89 -17.97
N GLU A 337 3.65 -53.83 -18.12
CA GLU A 337 2.59 -53.76 -19.12
C GLU A 337 1.31 -54.44 -18.61
N ILE A 338 0.15 -53.79 -18.80
CA ILE A 338 -1.13 -54.42 -18.46
C ILE A 338 -2.05 -54.47 -19.69
N SER A 339 -3.05 -55.37 -19.67
CA SER A 339 -3.95 -55.56 -20.80
C SER A 339 -4.80 -54.31 -21.02
N ARG A 340 -5.37 -54.17 -22.22
CA ARG A 340 -6.15 -52.98 -22.54
C ARG A 340 -7.52 -53.07 -21.89
N VAL A 341 -8.03 -54.30 -21.70
CA VAL A 341 -9.37 -54.54 -21.13
C VAL A 341 -9.36 -54.93 -19.68
N PHE A 342 -10.42 -54.51 -18.98
CA PHE A 342 -10.67 -54.91 -17.59
C PHE A 342 -12.16 -55.18 -17.33
N ARG A 343 -12.50 -55.54 -16.10
CA ARG A 343 -13.88 -55.83 -15.70
C ARG A 343 -14.44 -54.78 -14.75
N ARG A 344 -15.41 -53.96 -15.19
CA ARG A 344 -16.15 -53.13 -14.24
C ARG A 344 -17.31 -53.95 -13.67
N MET A 345 -17.56 -53.79 -12.38
CA MET A 345 -18.68 -54.46 -11.71
C MET A 345 -20.00 -53.79 -12.05
N GLY A 346 -21.00 -54.62 -12.31
CA GLY A 346 -22.34 -54.14 -12.57
C GLY A 346 -23.28 -54.40 -11.41
N PRO A 347 -24.55 -53.97 -11.56
CA PRO A 347 -25.60 -54.12 -10.55
C PRO A 347 -26.13 -55.53 -10.51
N GLN A 348 -26.75 -55.93 -9.41
CA GLN A 348 -27.30 -57.27 -9.31
C GLN A 348 -28.42 -57.44 -10.34
N PHE A 349 -28.53 -58.64 -10.91
CA PHE A 349 -29.48 -58.92 -12.01
C PHE A 349 -30.91 -58.55 -11.65
N GLU A 350 -31.20 -58.58 -10.36
CA GLU A 350 -32.54 -58.27 -9.84
C GLU A 350 -32.86 -56.79 -10.05
N ASP A 351 -31.84 -55.95 -10.16
CA ASP A 351 -32.07 -54.52 -10.04
C ASP A 351 -32.42 -54.00 -11.42
N GLU A 352 -33.70 -53.76 -11.62
CA GLU A 352 -34.21 -53.48 -12.95
C GLU A 352 -33.58 -52.19 -13.50
N ARG A 353 -33.91 -51.07 -12.85
CA ARG A 353 -33.56 -49.74 -13.36
C ARG A 353 -32.07 -49.58 -13.63
N ASN A 354 -31.22 -50.00 -12.70
CA ASN A 354 -29.79 -49.80 -12.81
C ASN A 354 -29.18 -50.75 -13.83
N VAL A 355 -29.81 -51.90 -14.04
CA VAL A 355 -29.39 -52.81 -15.11
C VAL A 355 -29.73 -52.23 -16.49
N LYS A 356 -30.93 -51.67 -16.66
CA LYS A 356 -31.28 -51.10 -17.95
C LYS A 356 -30.24 -50.08 -18.37
N LYS A 357 -29.77 -49.30 -17.40
CA LYS A 357 -28.78 -48.25 -17.65
C LYS A 357 -27.38 -48.80 -17.88
N PHE A 358 -27.07 -49.90 -17.23
CA PHE A 358 -25.73 -50.47 -17.35
C PHE A 358 -25.54 -51.09 -18.72
N LEU A 359 -26.62 -51.69 -19.22
CA LEU A 359 -26.58 -52.42 -20.47
C LEU A 359 -26.79 -51.54 -21.67
N SER A 360 -27.08 -50.26 -21.44
CA SER A 360 -27.33 -49.33 -22.53
C SER A 360 -26.03 -48.79 -23.09
N ARG A 361 -25.10 -48.45 -22.20
CA ARG A 361 -23.83 -47.83 -22.60
C ARG A 361 -23.10 -48.56 -23.70
N ASN A 362 -22.51 -47.80 -24.60
CA ASN A 362 -21.83 -48.37 -25.74
C ASN A 362 -20.47 -48.93 -25.38
N ARG A 363 -20.34 -50.24 -25.57
CA ARG A 363 -19.14 -50.99 -25.23
C ARG A 363 -18.82 -51.92 -26.39
N ALA A 364 -17.53 -52.08 -26.66
CA ALA A 364 -17.07 -52.88 -27.79
C ALA A 364 -17.37 -54.37 -27.61
N PHE A 365 -17.43 -54.82 -26.35
CA PHE A 365 -17.67 -56.23 -26.03
C PHE A 365 -18.97 -56.42 -25.25
N ARG A 366 -19.64 -57.53 -25.51
CA ARG A 366 -20.92 -57.82 -24.89
C ARG A 366 -20.72 -58.12 -23.39
N PRO A 367 -21.52 -57.48 -22.51
CA PRO A 367 -21.40 -57.77 -21.06
C PRO A 367 -21.81 -59.17 -20.65
N PHE A 368 -21.65 -59.47 -19.36
CA PHE A 368 -21.97 -60.80 -18.87
C PHE A 368 -22.31 -60.86 -17.39
N ILE A 369 -23.11 -61.86 -17.05
CA ILE A 369 -23.52 -62.12 -15.68
C ILE A 369 -22.56 -63.12 -15.09
N GLU A 370 -22.05 -62.79 -13.91
CA GLU A 370 -21.20 -63.68 -13.14
C GLU A 370 -21.56 -63.53 -11.66
N ASN A 371 -21.77 -64.65 -10.99
CA ASN A 371 -22.16 -64.68 -9.57
C ASN A 371 -23.28 -63.67 -9.29
N GLY A 372 -24.28 -63.70 -10.17
CA GLY A 372 -25.53 -62.99 -9.93
C GLY A 372 -25.47 -61.48 -10.14
N ARG A 373 -24.48 -61.01 -10.88
CA ARG A 373 -24.48 -59.61 -11.26
C ARG A 373 -23.72 -59.40 -12.55
N TRP A 374 -24.02 -58.27 -13.17
CA TRP A 374 -23.52 -57.98 -14.49
C TRP A 374 -22.08 -57.51 -14.45
N TRP A 375 -21.33 -57.84 -15.49
CA TRP A 375 -19.97 -57.34 -15.62
C TRP A 375 -19.78 -56.95 -17.07
N ALA A 376 -18.96 -55.93 -17.27
CA ALA A 376 -18.67 -55.45 -18.60
C ALA A 376 -17.16 -55.36 -18.79
N PHE A 377 -16.74 -55.55 -20.02
CA PHE A 377 -15.36 -55.35 -20.41
C PHE A 377 -15.18 -53.90 -20.82
N GLU A 378 -14.20 -53.23 -20.24
CA GLU A 378 -13.95 -51.82 -20.51
C GLU A 378 -12.51 -51.64 -21.00
N MET A 379 -12.12 -50.41 -21.35
CA MET A 379 -10.81 -50.14 -21.96
C MET A 379 -10.03 -49.02 -21.25
N ARG A 380 -8.85 -49.32 -20.72
CA ARG A 380 -8.06 -48.29 -20.04
C ARG A 380 -7.28 -47.41 -21.04
N LYS A 381 -7.04 -46.16 -20.64
CA LYS A 381 -6.40 -45.18 -21.50
C LYS A 381 -4.89 -45.36 -21.57
N PHE A 382 -4.34 -46.15 -20.65
CA PHE A 382 -2.89 -46.36 -20.60
C PHE A 382 -2.60 -47.78 -20.12
N THR A 383 -1.66 -48.45 -20.79
CA THR A 383 -1.28 -49.82 -20.44
C THR A 383 0.02 -49.98 -19.65
N THR A 384 0.73 -48.88 -19.40
CA THR A 384 2.01 -48.94 -18.68
C THR A 384 2.09 -47.87 -17.59
N PRO A 385 2.89 -48.14 -16.54
CA PRO A 385 2.97 -47.23 -15.38
C PRO A 385 3.39 -45.80 -15.75
N GLU A 386 4.39 -45.69 -16.62
CA GLU A 386 4.91 -44.40 -17.08
C GLU A 386 3.83 -43.62 -17.82
N GLU A 387 3.02 -44.31 -18.62
CA GLU A 387 1.89 -43.69 -19.32
C GLU A 387 0.85 -43.12 -18.38
N GLY A 388 0.45 -43.90 -17.37
CA GLY A 388 -0.60 -43.48 -16.46
C GLY A 388 -0.18 -42.30 -15.59
N VAL A 389 1.08 -42.26 -15.19
CA VAL A 389 1.57 -41.19 -14.34
C VAL A 389 1.67 -39.88 -15.16
N ARG A 390 2.06 -39.98 -16.43
CA ARG A 390 1.97 -38.85 -17.36
C ARG A 390 0.57 -38.32 -17.31
N SER A 391 -0.37 -39.24 -17.49
CA SER A 391 -1.78 -38.92 -17.54
C SER A 391 -2.25 -38.34 -16.23
N TYR A 392 -1.84 -38.98 -15.14
CA TYR A 392 -2.30 -38.62 -13.81
C TYR A 392 -1.69 -37.33 -13.32
N ALA A 393 -0.38 -37.21 -13.46
CA ALA A 393 0.32 -36.01 -13.03
C ALA A 393 -0.13 -34.78 -13.82
N SER A 394 -0.47 -34.97 -15.09
CA SER A 394 -0.82 -33.86 -15.95
C SER A 394 -2.17 -33.29 -15.55
N THR A 395 -3.14 -34.16 -15.31
CA THR A 395 -4.47 -33.68 -14.95
C THR A 395 -4.52 -33.31 -13.45
N HIS A 396 -3.91 -34.14 -12.60
CA HIS A 396 -4.01 -33.98 -11.13
C HIS A 396 -2.88 -33.23 -10.44
N TRP A 397 -2.04 -32.52 -11.19
CA TRP A 397 -0.88 -31.86 -10.59
C TRP A 397 -1.19 -31.10 -9.29
N HIS A 398 -2.40 -30.56 -9.17
CA HIS A 398 -2.77 -29.70 -8.05
C HIS A 398 -2.81 -30.41 -6.68
N THR A 399 -3.06 -31.72 -6.67
CA THR A 399 -3.13 -32.46 -5.40
C THR A 399 -1.73 -32.97 -5.00
N LEU A 400 -0.72 -32.56 -5.76
CA LEU A 400 0.66 -33.00 -5.52
C LEU A 400 1.40 -32.12 -4.53
N GLY A 401 0.66 -31.25 -3.85
CA GLY A 401 1.21 -30.30 -2.92
C GLY A 401 1.20 -28.97 -3.62
N LYS A 402 1.04 -27.88 -2.88
CA LYS A 402 0.88 -26.57 -3.50
C LYS A 402 2.06 -26.21 -4.41
N ASN A 403 3.23 -26.01 -3.81
CA ASN A 403 4.42 -25.55 -4.51
C ASN A 403 4.98 -26.61 -5.45
N VAL A 404 5.09 -27.86 -5.02
CA VAL A 404 5.57 -28.94 -5.89
C VAL A 404 4.63 -29.14 -7.07
N GLY A 405 3.35 -29.31 -6.77
CA GLY A 405 2.33 -29.49 -7.78
C GLY A 405 2.28 -28.37 -8.78
N GLU A 406 2.60 -27.15 -8.34
CA GLU A 406 2.65 -26.00 -9.24
C GLU A 406 3.81 -26.07 -10.22
N SER A 407 4.99 -26.45 -9.76
CA SER A 407 6.13 -26.60 -10.67
C SER A 407 5.86 -27.79 -11.62
N ILE A 408 5.25 -28.86 -11.09
CA ILE A 408 4.91 -30.02 -11.92
C ILE A 408 3.92 -29.58 -12.98
N ARG A 409 3.10 -28.59 -12.67
CA ARG A 409 2.14 -28.10 -13.66
C ARG A 409 2.90 -27.38 -14.77
N GLU A 410 3.95 -26.64 -14.41
CA GLU A 410 4.63 -25.82 -15.42
C GLU A 410 5.78 -26.56 -16.11
N TYR A 411 6.12 -27.75 -15.63
CA TYR A 411 6.99 -28.65 -16.38
C TYR A 411 7.20 -29.95 -15.63
N PHE A 412 7.48 -31.00 -16.37
CA PHE A 412 7.85 -32.28 -15.79
C PHE A 412 8.11 -33.25 -16.91
N GLU A 413 8.80 -34.34 -16.56
CA GLU A 413 9.25 -35.38 -17.49
C GLU A 413 9.32 -36.72 -16.80
N ILE A 414 8.92 -37.81 -17.49
CA ILE A 414 9.05 -39.18 -16.94
C ILE A 414 10.29 -39.88 -17.48
N ILE A 415 11.24 -40.22 -16.61
CA ILE A 415 12.45 -40.91 -17.05
C ILE A 415 12.43 -42.40 -16.69
N SER A 416 13.04 -43.21 -17.55
CA SER A 416 13.14 -44.64 -17.28
C SER A 416 14.34 -45.21 -18.04
N GLY A 417 14.77 -46.40 -17.66
CA GLY A 417 15.89 -47.08 -18.30
C GLY A 417 17.18 -46.28 -18.24
N GLU A 418 17.96 -46.29 -19.32
CA GLU A 418 19.32 -45.75 -19.28
C GLU A 418 19.37 -44.25 -18.96
N LYS A 419 18.37 -43.48 -19.41
CA LYS A 419 18.38 -42.04 -19.12
C LYS A 419 18.15 -41.81 -17.64
N LEU A 420 17.50 -42.78 -16.99
CA LEU A 420 17.16 -42.67 -15.59
C LEU A 420 18.44 -42.89 -14.78
N PHE A 421 19.22 -43.89 -15.21
CA PHE A 421 20.46 -44.24 -14.52
C PHE A 421 21.56 -43.17 -14.70
N LYS A 422 21.35 -42.29 -15.66
CA LYS A 422 22.26 -41.16 -15.88
C LYS A 422 22.05 -40.01 -14.90
N GLU A 423 20.86 -39.95 -14.30
CA GLU A 423 20.50 -38.89 -13.35
C GLU A 423 21.15 -39.11 -11.99
N PRO A 424 21.21 -38.06 -11.15
CA PRO A 424 21.89 -38.25 -9.86
C PRO A 424 20.97 -38.84 -8.79
N VAL A 425 20.21 -39.85 -9.20
CA VAL A 425 19.30 -40.59 -8.32
C VAL A 425 19.84 -41.96 -7.95
N THR A 426 21.05 -42.27 -8.41
CA THR A 426 21.60 -43.63 -8.28
C THR A 426 21.61 -44.14 -6.84
N ALA A 427 21.95 -43.30 -5.89
CA ALA A 427 21.97 -43.74 -4.51
C ALA A 427 20.58 -44.07 -3.98
N GLU A 428 19.60 -43.30 -4.40
CA GLU A 428 18.23 -43.43 -3.93
C GLU A 428 17.63 -44.72 -4.47
N LEU A 429 17.85 -44.95 -5.75
CA LEU A 429 17.38 -46.16 -6.41
C LEU A 429 17.93 -47.39 -5.68
N CYS A 430 19.14 -47.28 -5.16
CA CYS A 430 19.74 -48.38 -4.43
C CYS A 430 19.02 -48.64 -3.11
N GLU A 431 18.83 -47.60 -2.32
CA GLU A 431 18.12 -47.76 -1.04
C GLU A 431 16.73 -48.28 -1.24
N MET A 432 16.08 -47.80 -2.29
CA MET A 432 14.73 -48.22 -2.59
C MET A 432 14.65 -49.72 -2.87
N MET A 433 15.58 -50.20 -3.69
CA MET A 433 15.59 -51.60 -4.06
C MET A 433 16.27 -52.44 -3.02
N GLY A 434 17.06 -51.83 -2.15
CA GLY A 434 17.80 -52.60 -1.16
C GLY A 434 18.95 -53.35 -1.80
N VAL A 435 19.77 -52.61 -2.54
CA VAL A 435 20.92 -53.17 -3.26
C VAL A 435 22.10 -53.41 -2.34
N LYS A 436 22.74 -54.58 -2.43
CA LYS A 436 23.92 -54.87 -1.61
C LYS A 436 25.28 -54.59 -2.28
N ASP A 437 26.38 -54.81 -1.55
CA ASP A 437 27.73 -54.50 -2.01
C ASP A 437 28.11 -55.30 -3.25
N VAL C 3 -47.86 -61.10 -29.52
CA VAL C 3 -47.46 -62.24 -28.71
C VAL C 3 -48.35 -63.44 -29.03
N GLU C 4 -49.63 -63.21 -29.29
CA GLU C 4 -50.56 -64.30 -29.56
C GLU C 4 -50.06 -65.09 -30.76
N GLU C 5 -49.88 -64.39 -31.88
CA GLU C 5 -49.51 -65.05 -33.12
C GLU C 5 -48.06 -65.52 -33.04
N ILE C 6 -47.28 -64.88 -32.18
CA ILE C 6 -45.88 -65.27 -31.96
C ILE C 6 -45.88 -66.69 -31.35
N LEU C 7 -46.66 -66.84 -30.28
CA LEU C 7 -46.77 -68.12 -29.57
C LEU C 7 -47.39 -69.23 -30.41
N GLU C 8 -48.31 -68.88 -31.31
CA GLU C 8 -48.97 -69.90 -32.12
C GLU C 8 -47.98 -70.55 -33.07
N LYS C 9 -47.11 -69.71 -33.66
CA LYS C 9 -46.06 -70.19 -34.56
C LYS C 9 -45.15 -71.16 -33.85
N ALA C 10 -44.73 -70.81 -32.64
CA ALA C 10 -43.76 -71.60 -31.87
C ALA C 10 -44.25 -72.99 -31.46
N LEU C 11 -45.55 -73.12 -31.26
CA LEU C 11 -46.15 -74.37 -30.81
C LEU C 11 -45.66 -75.58 -31.58
N GLU C 12 -45.65 -75.43 -32.91
CA GLU C 12 -45.30 -76.55 -33.79
C GLU C 12 -43.91 -77.07 -33.46
N LEU C 13 -43.03 -76.17 -33.02
CA LEU C 13 -41.62 -76.51 -32.74
C LEU C 13 -41.45 -77.34 -31.48
N VAL C 14 -42.26 -77.02 -30.47
CA VAL C 14 -42.14 -77.65 -29.17
C VAL C 14 -43.07 -78.86 -29.05
N ILE C 15 -44.01 -79.00 -29.97
CA ILE C 15 -45.04 -80.04 -29.84
C ILE C 15 -44.72 -81.29 -30.66
N PRO C 16 -44.66 -82.47 -30.01
CA PRO C 16 -44.38 -83.69 -30.77
C PRO C 16 -45.45 -83.89 -31.83
N ASP C 17 -45.04 -84.18 -33.07
CA ASP C 17 -46.01 -84.41 -34.13
C ASP C 17 -46.66 -85.79 -34.04
N GLU C 18 -47.65 -86.01 -34.90
CA GLU C 18 -48.53 -87.18 -34.84
C GLU C 18 -47.73 -88.45 -34.98
N GLU C 19 -46.78 -88.40 -35.90
CA GLU C 19 -45.94 -89.55 -36.23
C GLU C 19 -44.97 -89.90 -35.11
N GLU C 20 -44.60 -88.90 -34.30
CA GLU C 20 -43.83 -89.17 -33.10
C GLU C 20 -44.75 -89.76 -32.05
N VAL C 21 -45.95 -89.17 -31.94
CA VAL C 21 -46.98 -89.66 -31.05
C VAL C 21 -47.41 -91.08 -31.40
N ARG C 22 -47.48 -91.38 -32.70
CA ARG C 22 -47.90 -92.72 -33.15
C ARG C 22 -46.87 -93.75 -32.72
N LYS C 23 -45.60 -93.43 -32.95
CA LYS C 23 -44.51 -94.30 -32.53
C LYS C 23 -44.60 -94.53 -31.01
N GLY C 24 -44.98 -93.46 -30.29
CA GLY C 24 -45.10 -93.47 -28.84
C GLY C 24 -46.29 -94.26 -28.33
N ARG C 25 -47.43 -94.10 -29.00
CA ARG C 25 -48.65 -94.82 -28.67
C ARG C 25 -48.41 -96.31 -28.88
N GLU C 26 -47.84 -96.62 -30.03
CA GLU C 26 -47.48 -97.99 -30.41
C GLU C 26 -46.53 -98.62 -29.42
N ALA C 27 -45.47 -97.90 -29.08
CA ALA C 27 -44.45 -98.39 -28.17
C ALA C 27 -44.99 -98.54 -26.75
N GLU C 28 -46.03 -97.79 -26.43
CA GLU C 28 -46.71 -97.89 -25.14
C GLU C 28 -47.64 -99.09 -25.13
N GLU C 29 -48.33 -99.24 -26.24
CA GLU C 29 -49.35 -100.26 -26.40
C GLU C 29 -48.75 -101.66 -26.26
N GLU C 30 -47.53 -101.81 -26.77
CA GLU C 30 -46.81 -103.08 -26.65
C GLU C 30 -46.16 -103.24 -25.28
N LEU C 31 -45.58 -102.17 -24.77
CA LEU C 31 -44.95 -102.20 -23.47
C LEU C 31 -45.97 -102.67 -22.43
N ARG C 32 -47.11 -102.00 -22.41
CA ARG C 32 -48.21 -102.36 -21.54
C ARG C 32 -48.71 -103.80 -21.75
N ARG C 33 -48.53 -104.33 -22.95
CA ARG C 33 -48.93 -105.71 -23.23
C ARG C 33 -47.96 -106.75 -22.67
N ARG C 34 -46.68 -106.41 -22.65
CA ARG C 34 -45.62 -107.33 -22.22
C ARG C 34 -45.55 -107.50 -20.71
N LEU C 35 -45.91 -106.45 -19.98
CA LEU C 35 -45.86 -106.47 -18.52
C LEU C 35 -47.06 -107.22 -17.94
N ASP C 36 -48.17 -107.16 -18.67
CA ASP C 36 -49.39 -107.86 -18.29
C ASP C 36 -49.25 -109.37 -18.48
N GLU C 37 -48.24 -109.78 -19.22
CA GLU C 37 -47.94 -111.21 -19.39
C GLU C 37 -47.26 -111.75 -18.14
N LEU C 38 -46.44 -110.91 -17.51
CA LEU C 38 -45.73 -111.33 -16.31
C LEU C 38 -46.52 -110.94 -15.09
N GLY C 39 -47.71 -110.36 -15.31
CA GLY C 39 -48.64 -110.05 -14.23
C GLY C 39 -47.95 -109.20 -13.18
N VAL C 40 -47.28 -108.16 -13.64
CA VAL C 40 -46.54 -107.28 -12.76
C VAL C 40 -47.32 -106.01 -12.52
N GLU C 41 -47.25 -105.49 -11.28
CA GLU C 41 -47.87 -104.22 -10.97
C GLU C 41 -46.95 -103.09 -11.39
N TYR C 42 -47.52 -102.10 -12.07
CA TYR C 42 -46.74 -100.96 -12.55
C TYR C 42 -47.63 -99.76 -12.74
N VAL C 43 -47.00 -98.63 -13.07
CA VAL C 43 -47.71 -97.43 -13.50
C VAL C 43 -46.77 -96.64 -14.40
N PHE C 44 -47.32 -96.01 -15.44
CA PHE C 44 -46.54 -95.14 -16.32
C PHE C 44 -46.50 -93.72 -15.78
N VAL C 45 -45.33 -93.10 -15.83
CA VAL C 45 -45.15 -91.77 -15.23
C VAL C 45 -44.32 -90.83 -16.09
N GLY C 46 -44.04 -89.66 -15.53
CA GLY C 46 -43.12 -88.72 -16.13
C GLY C 46 -43.75 -87.87 -17.21
N SER C 47 -42.89 -87.22 -17.98
CA SER C 47 -43.33 -86.29 -19.00
C SER C 47 -44.22 -86.96 -20.03
N TYR C 48 -43.95 -88.22 -20.33
CA TYR C 48 -44.74 -88.93 -21.33
C TYR C 48 -46.15 -89.24 -20.81
N ALA C 49 -46.22 -89.76 -19.60
CA ALA C 49 -47.50 -90.12 -18.99
C ALA C 49 -48.45 -88.93 -18.84
N ARG C 50 -47.90 -87.75 -18.57
CA ARG C 50 -48.69 -86.53 -18.46
C ARG C 50 -48.82 -85.86 -19.82
N ASN C 51 -48.24 -86.46 -20.84
CA ASN C 51 -48.30 -85.92 -22.19
C ASN C 51 -47.68 -84.53 -22.27
N THR C 52 -46.76 -84.25 -21.36
CA THR C 52 -46.04 -82.97 -21.31
C THR C 52 -44.65 -82.99 -21.96
N TRP C 53 -44.24 -84.13 -22.51
CA TRP C 53 -42.87 -84.28 -22.99
C TRP C 53 -42.70 -83.42 -24.24
N LEU C 54 -41.49 -82.90 -24.43
CA LEU C 54 -41.19 -81.96 -25.52
C LEU C 54 -41.00 -82.64 -26.87
N LYS C 55 -41.14 -81.87 -27.95
CA LYS C 55 -40.95 -82.39 -29.31
C LYS C 55 -39.55 -82.99 -29.48
N GLY C 56 -39.47 -84.22 -29.96
CA GLY C 56 -38.19 -84.88 -30.18
C GLY C 56 -37.49 -85.37 -28.91
N SER C 57 -38.15 -85.19 -27.77
CA SER C 57 -37.65 -85.62 -26.46
C SER C 57 -38.22 -86.95 -25.96
N LEU C 58 -38.95 -87.65 -26.81
CA LEU C 58 -39.77 -88.79 -26.36
C LEU C 58 -39.03 -89.86 -25.56
N GLU C 59 -39.49 -90.07 -24.34
CA GLU C 59 -39.01 -91.15 -23.47
C GLU C 59 -40.15 -91.65 -22.56
N ILE C 60 -40.28 -92.97 -22.47
CA ILE C 60 -41.30 -93.60 -21.63
C ILE C 60 -40.74 -94.03 -20.27
N ASP C 61 -41.41 -93.60 -19.20
CA ASP C 61 -41.04 -94.02 -17.85
C ASP C 61 -42.08 -94.99 -17.29
N VAL C 62 -41.60 -96.11 -16.77
CA VAL C 62 -42.46 -97.15 -16.20
C VAL C 62 -41.93 -97.61 -14.85
N PHE C 63 -42.73 -97.45 -13.80
CA PHE C 63 -42.29 -97.86 -12.47
C PHE C 63 -42.95 -99.17 -12.04
N LEU C 64 -42.11 -100.13 -11.67
CA LEU C 64 -42.56 -101.43 -11.18
C LEU C 64 -42.79 -101.30 -9.69
N LEU C 65 -44.00 -101.59 -9.25
CA LEU C 65 -44.39 -101.34 -7.87
C LEU C 65 -44.34 -102.60 -7.00
N PHE C 66 -43.35 -102.64 -6.11
CA PHE C 66 -43.17 -103.77 -5.20
C PHE C 66 -43.75 -103.48 -3.83
N PRO C 67 -44.44 -104.45 -3.24
CA PRO C 67 -44.82 -104.38 -1.83
C PRO C 67 -43.58 -104.32 -0.94
N GLU C 68 -43.71 -103.91 0.32
CA GLU C 68 -42.54 -103.80 1.20
C GLU C 68 -42.19 -105.17 1.81
N GLU C 69 -42.94 -106.20 1.41
CA GLU C 69 -42.67 -107.55 1.90
C GLU C 69 -41.34 -108.02 1.32
N PHE C 70 -40.81 -107.25 0.38
CA PHE C 70 -39.53 -107.53 -0.26
C PHE C 70 -38.42 -106.72 0.42
N SER C 71 -37.18 -106.93 -0.04
CA SER C 71 -36.01 -106.21 0.47
C SER C 71 -35.24 -105.63 -0.71
N LYS C 72 -34.15 -104.91 -0.43
CA LYS C 72 -33.36 -104.30 -1.50
C LYS C 72 -32.80 -105.30 -2.51
N GLU C 73 -32.50 -106.52 -2.04
CA GLU C 73 -31.89 -107.54 -2.90
C GLU C 73 -32.86 -108.07 -3.93
N GLU C 74 -34.11 -108.27 -3.50
CA GLU C 74 -35.14 -108.88 -4.34
C GLU C 74 -35.73 -107.83 -5.31
N LEU C 75 -35.50 -106.56 -5.01
CA LEU C 75 -35.94 -105.46 -5.87
C LEU C 75 -35.15 -105.49 -7.18
N ARG C 76 -33.84 -105.62 -7.09
CA ARG C 76 -33.00 -105.68 -8.28
C ARG C 76 -33.34 -106.88 -9.17
N GLU C 77 -33.58 -108.04 -8.55
CA GLU C 77 -33.78 -109.26 -9.33
C GLU C 77 -35.05 -109.17 -10.15
N ARG C 78 -36.18 -108.92 -9.51
CA ARG C 78 -37.43 -108.84 -10.26
C ARG C 78 -37.60 -107.49 -10.96
N GLY C 79 -36.76 -106.51 -10.64
CA GLY C 79 -36.84 -105.25 -11.36
C GLY C 79 -35.97 -105.20 -12.60
N LEU C 80 -34.86 -105.92 -12.57
CA LEU C 80 -34.01 -106.07 -13.74
C LEU C 80 -34.50 -107.17 -14.66
N GLU C 81 -34.95 -108.27 -14.07
CA GLU C 81 -35.38 -109.41 -14.87
C GLU C 81 -36.68 -109.11 -15.60
N ILE C 82 -37.52 -108.26 -15.01
CA ILE C 82 -38.75 -107.85 -15.67
C ILE C 82 -38.44 -106.81 -16.76
N GLY C 83 -37.52 -105.91 -16.47
CA GLY C 83 -37.09 -104.92 -17.45
C GLY C 83 -36.44 -105.63 -18.63
N LYS C 84 -35.59 -106.61 -18.34
CA LYS C 84 -34.93 -107.40 -19.37
C LYS C 84 -35.98 -108.11 -20.21
N ALA C 85 -37.05 -108.54 -19.56
CA ALA C 85 -38.08 -109.36 -20.18
C ALA C 85 -39.01 -108.59 -21.12
N VAL C 86 -38.93 -107.27 -21.10
CA VAL C 86 -39.80 -106.44 -21.93
C VAL C 86 -38.99 -105.77 -23.04
N LEU C 87 -37.99 -104.98 -22.66
CA LEU C 87 -37.17 -104.24 -23.61
C LEU C 87 -36.51 -105.12 -24.66
N ASP C 88 -36.37 -104.57 -25.86
CA ASP C 88 -35.75 -105.29 -26.96
C ASP C 88 -34.25 -105.29 -26.76
N SER C 89 -33.66 -104.11 -26.84
CA SER C 89 -32.27 -103.94 -26.46
C SER C 89 -32.31 -103.32 -25.08
N TYR C 90 -31.93 -104.12 -24.10
CA TYR C 90 -32.01 -103.72 -22.70
C TYR C 90 -30.62 -103.34 -22.24
N GLU C 91 -30.50 -102.19 -21.59
CA GLU C 91 -29.23 -101.74 -21.04
C GLU C 91 -29.42 -101.38 -19.57
N ILE C 92 -28.76 -102.14 -18.70
CA ILE C 92 -28.81 -101.91 -17.26
C ILE C 92 -27.89 -100.73 -16.92
N ARG C 93 -28.40 -99.80 -16.12
CA ARG C 93 -27.63 -98.61 -15.72
C ARG C 93 -27.58 -98.49 -14.22
N TYR C 94 -26.36 -98.59 -13.68
CA TYR C 94 -26.12 -98.39 -12.24
C TYR C 94 -25.90 -96.91 -11.99
N ALA C 95 -26.62 -96.36 -11.01
CA ALA C 95 -26.53 -94.95 -10.70
C ALA C 95 -27.30 -94.63 -9.42
N HIS C 97 -29.50 -96.02 -7.98
CA HIS C 97 -29.92 -97.41 -7.86
C HIS C 97 -30.30 -97.94 -9.25
N PRO C 98 -30.07 -99.23 -9.49
CA PRO C 98 -30.15 -99.75 -10.88
C PRO C 98 -31.56 -99.83 -11.48
N TYR C 99 -31.65 -99.46 -12.75
CA TYR C 99 -32.88 -99.59 -13.53
C TYR C 99 -32.58 -100.13 -14.92
N VAL C 100 -33.63 -100.32 -15.72
CA VAL C 100 -33.49 -100.89 -17.06
C VAL C 100 -33.86 -99.89 -18.16
N HIS C 101 -32.83 -99.37 -18.83
CA HIS C 101 -33.00 -98.56 -20.03
C HIS C 101 -33.10 -99.46 -21.24
N GLY C 102 -33.67 -98.96 -22.33
CA GLY C 102 -33.71 -99.73 -23.56
C GLY C 102 -34.60 -99.13 -24.62
N VAL C 103 -35.04 -99.97 -25.55
CA VAL C 103 -35.92 -99.54 -26.63
C VAL C 103 -36.95 -100.60 -26.96
N VAL C 104 -38.16 -100.15 -27.25
CA VAL C 104 -39.23 -101.02 -27.70
C VAL C 104 -39.91 -100.35 -28.88
N LYS C 105 -39.86 -101.00 -30.04
CA LYS C 105 -40.44 -100.44 -31.26
C LYS C 105 -40.00 -98.99 -31.52
N GLY C 106 -38.69 -98.75 -31.45
CA GLY C 106 -38.10 -97.48 -31.85
C GLY C 106 -37.98 -96.42 -30.76
N VAL C 107 -38.79 -96.50 -29.72
CA VAL C 107 -38.80 -95.48 -28.67
C VAL C 107 -38.02 -95.95 -27.46
N GLU C 108 -37.25 -95.05 -26.85
CA GLU C 108 -36.49 -95.38 -25.66
C GLU C 108 -37.40 -95.56 -24.48
N VAL C 109 -36.96 -96.39 -23.54
CA VAL C 109 -37.77 -96.78 -22.41
C VAL C 109 -36.95 -96.93 -21.13
N ASP C 110 -37.54 -96.47 -20.04
CA ASP C 110 -36.96 -96.62 -18.72
C ASP C 110 -37.88 -97.46 -17.83
N VAL C 111 -37.31 -98.51 -17.24
CA VAL C 111 -38.04 -99.35 -16.30
C VAL C 111 -37.33 -99.32 -14.95
N VAL C 112 -37.99 -98.73 -13.96
CA VAL C 112 -37.41 -98.53 -12.64
C VAL C 112 -38.15 -99.31 -11.55
N PRO C 113 -37.50 -100.30 -10.93
CA PRO C 113 -38.19 -100.92 -9.78
C PRO C 113 -38.16 -100.04 -8.53
N CYS C 114 -39.23 -100.07 -7.73
CA CYS C 114 -39.25 -99.39 -6.43
C CYS C 114 -40.43 -99.89 -5.58
N TYR C 115 -40.55 -99.37 -4.36
CA TYR C 115 -41.62 -99.81 -3.46
C TYR C 115 -42.95 -99.12 -3.80
N LYS C 116 -44.04 -99.81 -3.50
CA LYS C 116 -45.38 -99.25 -3.64
C LYS C 116 -45.77 -98.60 -2.32
N LEU C 117 -45.90 -97.26 -2.32
CA LEU C 117 -45.94 -96.48 -1.08
C LEU C 117 -47.29 -95.85 -0.74
N LYS C 118 -47.54 -95.74 0.55
CA LYS C 118 -48.71 -95.09 1.13
C LYS C 118 -48.35 -93.74 1.78
N GLU C 119 -49.30 -92.80 1.73
CA GLU C 119 -49.16 -91.45 2.29
C GLU C 119 -48.15 -90.61 1.53
N PRO C 120 -48.35 -89.27 1.50
CA PRO C 120 -47.32 -88.46 0.86
C PRO C 120 -46.28 -88.08 1.90
N LYS C 121 -45.83 -89.07 2.65
CA LYS C 121 -44.82 -88.92 3.69
C LYS C 121 -43.94 -90.16 3.63
N ASN C 122 -42.98 -90.26 4.55
CA ASN C 122 -42.17 -91.46 4.72
C ASN C 122 -41.51 -91.91 3.41
N ILE C 123 -41.32 -90.94 2.51
CA ILE C 123 -40.69 -91.17 1.23
C ILE C 123 -39.20 -91.31 1.49
N LYS C 124 -38.62 -92.45 1.13
CA LYS C 124 -37.22 -92.76 1.49
C LYS C 124 -36.24 -92.37 0.38
N SER C 125 -36.28 -93.10 -0.72
CA SER C 125 -35.48 -92.77 -1.90
C SER C 125 -36.09 -91.57 -2.62
N ALA C 126 -35.28 -90.90 -3.45
CA ALA C 126 -35.77 -89.79 -4.24
C ALA C 126 -36.44 -90.28 -5.53
N VAL C 127 -36.24 -91.56 -5.87
CA VAL C 127 -36.92 -92.15 -7.02
C VAL C 127 -38.37 -92.43 -6.69
N ASP C 128 -38.68 -92.38 -5.38
CA ASP C 128 -40.03 -92.60 -4.89
C ASP C 128 -40.87 -91.33 -5.04
N ARG C 129 -40.23 -90.18 -5.17
CA ARG C 129 -40.94 -88.93 -5.35
C ARG C 129 -41.62 -88.89 -6.72
N THR C 130 -40.99 -89.55 -7.69
CA THR C 130 -41.38 -89.41 -9.09
C THR C 130 -42.85 -89.76 -9.34
N PRO C 131 -43.29 -90.95 -8.89
CA PRO C 131 -44.71 -91.26 -9.11
C PRO C 131 -45.60 -90.30 -8.32
N PHE C 132 -45.13 -89.82 -7.17
CA PHE C 132 -45.93 -88.90 -6.37
C PHE C 132 -46.09 -87.58 -7.10
N HIS C 133 -45.01 -87.11 -7.72
CA HIS C 133 -45.08 -85.92 -8.58
C HIS C 133 -46.17 -86.11 -9.59
N HIS C 134 -46.27 -87.34 -10.11
CA HIS C 134 -47.23 -87.59 -11.16
C HIS C 134 -48.65 -87.56 -10.65
N LYS C 135 -48.93 -88.22 -9.52
CA LYS C 135 -50.28 -88.21 -8.97
C LYS C 135 -50.69 -86.78 -8.67
N TRP C 136 -49.75 -85.96 -8.23
CA TRP C 136 -50.03 -84.56 -7.92
C TRP C 136 -50.37 -83.80 -9.19
N LEU C 137 -49.60 -84.03 -10.25
CA LEU C 137 -49.76 -83.27 -11.48
C LEU C 137 -50.90 -83.75 -12.39
N GLU C 138 -51.14 -85.06 -12.46
CA GLU C 138 -52.08 -85.61 -13.44
C GLU C 138 -53.40 -84.85 -13.42
N GLY C 139 -53.85 -84.47 -12.23
CA GLY C 139 -55.12 -83.78 -12.09
C GLY C 139 -55.04 -82.29 -12.34
N ARG C 140 -53.89 -81.72 -11.99
CA ARG C 140 -53.71 -80.27 -12.07
C ARG C 140 -53.10 -79.85 -13.41
N ILE C 141 -52.62 -80.84 -14.17
CA ILE C 141 -51.99 -80.57 -15.47
C ILE C 141 -52.93 -80.72 -16.67
N LYS C 142 -54.11 -81.30 -16.48
CA LYS C 142 -54.91 -81.69 -17.63
C LYS C 142 -55.43 -80.48 -18.40
N GLY C 143 -55.12 -80.43 -19.70
CA GLY C 143 -55.50 -79.32 -20.55
C GLY C 143 -54.44 -78.26 -20.74
N LYS C 144 -53.53 -78.17 -19.79
CA LYS C 144 -52.44 -77.22 -19.82
C LYS C 144 -51.15 -77.80 -20.38
N GLU C 145 -51.23 -79.02 -20.91
CA GLU C 145 -50.03 -79.73 -21.33
C GLU C 145 -49.14 -78.85 -22.19
N ASN C 146 -49.76 -78.14 -23.12
CA ASN C 146 -49.01 -77.30 -24.03
C ASN C 146 -48.35 -76.05 -23.41
N GLU C 147 -48.92 -75.50 -22.34
CA GLU C 147 -48.30 -74.33 -21.69
C GLU C 147 -46.92 -74.73 -21.18
N VAL C 148 -46.83 -75.95 -20.67
CA VAL C 148 -45.56 -76.54 -20.23
C VAL C 148 -44.56 -76.61 -21.38
N ARG C 149 -45.00 -77.20 -22.49
CA ARG C 149 -44.09 -77.40 -23.61
C ARG C 149 -43.50 -76.07 -24.07
N LEU C 150 -44.28 -74.99 -23.98
CA LEU C 150 -43.76 -73.67 -24.33
C LEU C 150 -42.63 -73.21 -23.40
N LEU C 151 -42.85 -73.34 -22.09
CA LEU C 151 -41.86 -72.92 -21.12
C LEU C 151 -40.57 -73.72 -21.30
N LYS C 152 -40.71 -75.05 -21.35
CA LYS C 152 -39.58 -75.95 -21.57
C LYS C 152 -38.78 -75.53 -22.79
N GLY C 153 -39.47 -75.38 -23.91
CA GLY C 153 -38.87 -74.99 -25.18
C GLY C 153 -38.21 -73.63 -25.16
N PHE C 154 -38.88 -72.67 -24.52
CA PHE C 154 -38.32 -71.33 -24.34
C PHE C 154 -36.96 -71.45 -23.66
N LEU C 155 -36.87 -72.33 -22.67
CA LEU C 155 -35.64 -72.53 -21.91
C LEU C 155 -34.55 -73.24 -22.70
N LYS C 156 -34.93 -74.37 -23.29
CA LYS C 156 -34.01 -75.21 -24.02
C LYS C 156 -33.38 -74.48 -25.21
N ALA C 157 -34.04 -73.44 -25.70
CA ALA C 157 -33.50 -72.67 -26.81
C ALA C 157 -32.36 -71.81 -26.29
N ASN C 158 -32.54 -71.39 -25.05
CA ASN C 158 -31.59 -70.54 -24.37
C ASN C 158 -30.62 -71.34 -23.47
N GLY C 159 -30.74 -72.67 -23.56
CA GLY C 159 -29.81 -73.63 -22.99
C GLY C 159 -29.85 -73.84 -21.48
N ILE C 160 -30.82 -73.22 -20.82
CA ILE C 160 -31.00 -73.37 -19.38
C ILE C 160 -32.05 -74.40 -18.99
N TYR C 161 -32.50 -75.23 -19.92
CA TYR C 161 -33.59 -76.13 -19.56
C TYR C 161 -33.18 -77.27 -18.61
N GLY C 162 -32.46 -78.28 -19.07
CA GLY C 162 -32.15 -79.43 -18.20
C GLY C 162 -31.60 -79.18 -16.79
N ALA C 163 -31.92 -80.07 -15.84
CA ALA C 163 -31.46 -79.90 -14.46
C ALA C 163 -30.18 -80.68 -14.16
N GLU C 164 -29.68 -81.41 -15.16
CA GLU C 164 -28.46 -82.18 -15.00
C GLU C 164 -27.28 -81.22 -14.88
N TYR C 165 -26.18 -81.71 -14.33
CA TYR C 165 -25.04 -80.85 -14.02
C TYR C 165 -24.39 -80.24 -15.26
N LYS C 166 -24.66 -80.81 -16.43
CA LYS C 166 -24.14 -80.21 -17.64
C LYS C 166 -24.83 -78.87 -17.91
N VAL C 167 -25.97 -78.66 -17.24
CA VAL C 167 -26.85 -77.53 -17.54
C VAL C 167 -27.06 -76.66 -16.32
N ARG C 168 -27.56 -77.27 -15.25
CA ARG C 168 -27.94 -76.53 -14.06
C ARG C 168 -29.09 -75.60 -14.43
N GLY C 169 -30.07 -76.18 -15.10
CA GLY C 169 -31.25 -75.45 -15.53
C GLY C 169 -32.50 -75.80 -14.76
N PHE C 170 -33.63 -75.62 -15.45
CA PHE C 170 -34.96 -75.89 -14.92
C PHE C 170 -35.44 -77.30 -15.24
N SER C 171 -35.63 -78.14 -14.23
CA SER C 171 -36.11 -79.50 -14.50
C SER C 171 -37.52 -79.45 -15.09
N GLY C 172 -37.87 -80.48 -15.86
CA GLY C 172 -39.20 -80.57 -16.46
C GLY C 172 -40.28 -80.46 -15.41
N TYR C 173 -40.16 -81.29 -14.38
CA TYR C 173 -41.09 -81.25 -13.27
C TYR C 173 -41.18 -79.86 -12.70
N LEU C 174 -40.07 -79.13 -12.68
CA LEU C 174 -40.10 -77.77 -12.16
C LEU C 174 -40.93 -76.92 -13.10
N CYS C 175 -40.80 -77.12 -14.41
CA CYS C 175 -41.64 -76.38 -15.36
C CYS C 175 -43.12 -76.62 -15.07
N GLU C 176 -43.46 -77.89 -14.90
CA GLU C 176 -44.83 -78.30 -14.69
C GLU C 176 -45.40 -77.68 -13.39
N LEU C 177 -44.64 -77.67 -12.29
CA LEU C 177 -45.13 -77.00 -11.09
C LEU C 177 -45.38 -75.50 -11.34
N LEU C 178 -44.45 -74.82 -12.03
CA LEU C 178 -44.61 -73.39 -12.25
C LEU C 178 -45.91 -73.12 -12.98
N ILE C 179 -46.15 -73.83 -14.09
CA ILE C 179 -47.34 -73.61 -14.88
C ILE C 179 -48.56 -73.89 -14.01
N VAL C 180 -48.49 -74.89 -13.14
CA VAL C 180 -49.57 -75.09 -12.19
C VAL C 180 -49.68 -73.88 -11.25
N PHE C 181 -48.57 -73.20 -11.00
CA PHE C 181 -48.55 -72.03 -10.12
C PHE C 181 -48.99 -70.70 -10.74
N TYR C 182 -48.39 -70.34 -11.88
CA TYR C 182 -48.69 -69.06 -12.54
C TYR C 182 -49.81 -69.15 -13.59
N GLY C 183 -50.24 -70.39 -13.86
CA GLY C 183 -51.38 -70.67 -14.72
C GLY C 183 -51.04 -70.88 -16.19
N SER C 184 -49.95 -70.28 -16.65
CA SER C 184 -49.55 -70.43 -18.04
C SER C 184 -48.10 -70.01 -18.24
N PHE C 185 -47.59 -70.23 -19.44
CA PHE C 185 -46.25 -69.80 -19.78
C PHE C 185 -46.13 -68.30 -19.63
N LEU C 186 -47.01 -67.57 -20.30
CA LEU C 186 -46.89 -66.12 -20.35
C LEU C 186 -46.92 -65.53 -18.95
N GLU C 187 -47.83 -66.04 -18.13
CA GLU C 187 -47.94 -65.52 -16.77
C GLU C 187 -46.66 -65.82 -15.98
N THR C 188 -46.00 -66.92 -16.34
CA THR C 188 -44.73 -67.32 -15.73
C THR C 188 -43.62 -66.33 -16.11
N VAL C 189 -43.46 -66.10 -17.41
CA VAL C 189 -42.49 -65.13 -17.90
C VAL C 189 -42.71 -63.77 -17.25
N LYS C 190 -43.97 -63.35 -17.24
CA LYS C 190 -44.37 -62.07 -16.70
C LYS C 190 -43.98 -61.90 -15.22
N ASN C 191 -44.18 -62.95 -14.42
CA ASN C 191 -43.85 -62.89 -13.01
C ASN C 191 -42.37 -63.11 -12.71
N ALA C 192 -41.75 -64.00 -13.48
CA ALA C 192 -40.35 -64.33 -13.30
C ALA C 192 -39.50 -63.08 -13.31
N ARG C 193 -39.97 -62.05 -14.01
CA ARG C 193 -39.21 -60.81 -14.10
C ARG C 193 -38.96 -60.27 -12.73
N ARG C 194 -39.83 -60.62 -11.79
CA ARG C 194 -39.72 -60.07 -10.43
C ARG C 194 -38.98 -61.03 -9.47
N TRP C 195 -38.53 -62.16 -10.00
CA TRP C 195 -37.80 -63.15 -9.20
C TRP C 195 -36.49 -62.61 -8.65
N THR C 196 -36.11 -63.07 -7.47
CA THR C 196 -34.81 -62.72 -6.92
C THR C 196 -34.15 -63.97 -6.34
N ARG C 197 -32.87 -63.85 -6.01
CA ARG C 197 -32.10 -64.93 -5.41
C ARG C 197 -32.72 -65.43 -4.14
N ARG C 198 -33.51 -64.57 -3.50
CA ARG C 198 -34.15 -64.93 -2.24
C ARG C 198 -35.62 -65.38 -2.35
N THR C 199 -36.14 -65.48 -3.58
CA THR C 199 -37.53 -65.88 -3.76
C THR C 199 -37.85 -67.31 -3.32
N VAL C 200 -38.88 -67.44 -2.51
CA VAL C 200 -39.44 -68.74 -2.15
C VAL C 200 -40.81 -68.83 -2.79
N ILE C 201 -41.05 -69.90 -3.55
CA ILE C 201 -42.37 -70.15 -4.15
C ILE C 201 -42.94 -71.36 -3.47
N ASP C 202 -43.94 -71.19 -2.62
CA ASP C 202 -44.55 -72.36 -2.01
C ASP C 202 -45.76 -72.76 -2.83
N VAL C 203 -45.61 -73.88 -3.53
CA VAL C 203 -46.59 -74.30 -4.51
C VAL C 203 -47.85 -74.73 -3.84
N ALA C 204 -47.73 -75.67 -2.91
CA ALA C 204 -48.91 -76.23 -2.27
C ALA C 204 -49.67 -75.14 -1.56
N LYS C 205 -48.97 -74.08 -1.14
CA LYS C 205 -49.60 -72.99 -0.38
C LYS C 205 -49.98 -71.83 -1.28
N GLY C 206 -49.71 -71.96 -2.58
CA GLY C 206 -50.00 -70.90 -3.53
C GLY C 206 -49.36 -69.61 -3.08
N GLU C 207 -48.17 -69.73 -2.49
CA GLU C 207 -47.55 -68.60 -1.81
C GLU C 207 -46.14 -68.32 -2.28
N VAL C 208 -45.82 -67.05 -2.38
CA VAL C 208 -44.45 -66.63 -2.61
C VAL C 208 -44.00 -65.68 -1.51
N ARG C 209 -42.89 -66.02 -0.87
CA ARG C 209 -42.33 -65.22 0.20
C ARG C 209 -40.79 -65.06 0.05
N LYS C 210 -40.21 -64.20 0.87
CA LYS C 210 -38.76 -63.97 0.86
C LYS C 210 -38.04 -64.96 1.78
N GLY C 211 -37.10 -65.70 1.20
CA GLY C 211 -36.32 -66.66 1.95
C GLY C 211 -34.89 -66.20 2.15
N GLU C 212 -34.02 -67.17 2.44
CA GLU C 212 -32.58 -66.95 2.42
C GLU C 212 -31.97 -67.46 1.10
N GLU C 213 -32.80 -68.11 0.28
CA GLU C 213 -32.36 -68.73 -0.98
C GLU C 213 -33.51 -68.90 -1.95
N PHE C 214 -33.20 -68.98 -3.25
CA PHE C 214 -34.27 -69.18 -4.23
C PHE C 214 -34.77 -70.58 -4.07
N PHE C 215 -36.06 -70.73 -3.77
CA PHE C 215 -36.60 -72.00 -3.32
C PHE C 215 -37.96 -72.32 -3.90
N VAL C 216 -38.07 -73.49 -4.51
CA VAL C 216 -39.38 -73.98 -4.95
C VAL C 216 -39.69 -75.18 -4.11
N VAL C 217 -40.65 -75.06 -3.18
CA VAL C 217 -40.88 -76.16 -2.26
C VAL C 217 -41.85 -77.14 -2.90
N ASP C 218 -41.38 -78.37 -3.07
CA ASP C 218 -42.14 -79.45 -3.66
C ASP C 218 -43.46 -79.66 -2.92
N PRO C 219 -44.60 -79.55 -3.62
CA PRO C 219 -45.89 -79.85 -2.99
C PRO C 219 -45.87 -81.23 -2.32
N VAL C 220 -45.14 -82.16 -2.93
CA VAL C 220 -44.98 -83.53 -2.44
C VAL C 220 -44.09 -83.62 -1.20
N ASP C 221 -42.96 -82.93 -1.22
CA ASP C 221 -42.04 -82.89 -0.09
C ASP C 221 -41.71 -81.44 0.29
N GLU C 222 -42.21 -80.98 1.44
CA GLU C 222 -42.05 -79.58 1.80
C GLU C 222 -40.61 -79.23 2.16
N LYS C 223 -39.78 -80.24 2.36
CA LYS C 223 -38.38 -80.03 2.68
C LYS C 223 -37.52 -79.87 1.45
N ARG C 224 -38.05 -80.27 0.30
CA ARG C 224 -37.18 -80.39 -0.86
C ARG C 224 -37.24 -79.12 -1.72
N ASN C 225 -36.10 -78.73 -2.29
CA ASN C 225 -36.07 -77.62 -3.22
C ASN C 225 -36.03 -78.14 -4.64
N VAL C 226 -37.11 -77.92 -5.36
CA VAL C 226 -37.20 -78.36 -6.75
C VAL C 226 -36.22 -77.53 -7.60
N ALA C 227 -35.88 -76.33 -7.11
CA ALA C 227 -34.97 -75.43 -7.80
C ALA C 227 -33.53 -75.65 -7.35
N ALA C 228 -33.30 -76.71 -6.58
CA ALA C 228 -32.01 -76.95 -5.91
C ALA C 228 -30.79 -76.78 -6.82
N ASN C 229 -30.85 -77.33 -8.03
CA ASN C 229 -29.71 -77.33 -8.97
C ASN C 229 -29.71 -76.19 -10.00
N LEU C 230 -30.64 -75.25 -9.91
CA LEU C 230 -30.62 -74.10 -10.78
C LEU C 230 -29.51 -73.16 -10.30
N SER C 231 -28.54 -72.85 -11.16
CA SER C 231 -27.43 -72.02 -10.73
C SER C 231 -27.90 -70.57 -10.57
N LEU C 232 -27.19 -69.77 -9.77
CA LEU C 232 -27.62 -68.38 -9.57
C LEU C 232 -27.62 -67.65 -10.90
N ASP C 233 -26.58 -67.88 -11.70
CA ASP C 233 -26.43 -67.20 -12.97
C ASP C 233 -27.49 -67.64 -14.00
N ASN C 234 -28.02 -68.86 -13.89
CA ASN C 234 -29.09 -69.31 -14.80
C ASN C 234 -30.47 -68.77 -14.43
N LEU C 235 -30.76 -68.68 -13.13
CA LEU C 235 -31.95 -67.98 -12.70
C LEU C 235 -31.85 -66.52 -13.17
N ALA C 236 -30.64 -65.97 -13.11
CA ALA C 236 -30.43 -64.57 -13.45
C ALA C 236 -30.59 -64.36 -14.93
N ARG C 237 -30.18 -65.37 -15.71
CA ARG C 237 -30.36 -65.29 -17.15
C ARG C 237 -31.80 -65.49 -17.44
N PHE C 238 -32.44 -66.39 -16.72
CA PHE C 238 -33.84 -66.63 -17.00
C PHE C 238 -34.64 -65.38 -16.71
N VAL C 239 -34.41 -64.80 -15.54
CA VAL C 239 -35.11 -63.58 -15.17
C VAL C 239 -34.80 -62.49 -16.18
N HIS C 240 -33.54 -62.38 -16.55
CA HIS C 240 -33.15 -61.41 -17.57
C HIS C 240 -33.87 -61.64 -18.91
N LEU C 241 -33.96 -62.90 -19.32
CA LEU C 241 -34.63 -63.26 -20.56
C LEU C 241 -36.11 -62.95 -20.50
N CYS C 242 -36.68 -63.14 -19.32
CA CYS C 242 -38.10 -62.90 -19.14
C CYS C 242 -38.42 -61.43 -19.33
N ARG C 243 -37.58 -60.57 -18.77
CA ARG C 243 -37.77 -59.14 -18.93
C ARG C 243 -37.66 -58.71 -20.38
N GLU C 244 -36.66 -59.23 -21.09
CA GLU C 244 -36.43 -58.86 -22.49
C GLU C 244 -37.56 -59.31 -23.42
N PHE C 245 -38.07 -60.53 -23.21
CA PHE C 245 -39.11 -61.04 -24.07
C PHE C 245 -40.37 -60.17 -23.95
N MET C 246 -40.64 -59.69 -22.74
CA MET C 246 -41.82 -58.85 -22.49
C MET C 246 -41.64 -57.47 -23.10
N GLU C 247 -40.39 -57.06 -23.29
CA GLU C 247 -40.10 -55.78 -23.93
C GLU C 247 -40.25 -55.84 -25.44
N ALA C 248 -39.68 -56.88 -26.06
CA ALA C 248 -39.77 -57.04 -27.50
C ALA C 248 -39.89 -58.51 -27.85
N PRO C 249 -41.09 -59.09 -27.62
CA PRO C 249 -41.25 -60.53 -27.86
C PRO C 249 -40.99 -60.89 -29.31
N SER C 250 -40.17 -61.91 -29.54
CA SER C 250 -39.96 -62.44 -30.88
C SER C 250 -39.80 -63.95 -30.80
N LEU C 251 -39.90 -64.60 -31.96
CA LEU C 251 -39.79 -66.04 -32.08
C LEU C 251 -38.35 -66.56 -31.89
N GLY C 252 -37.38 -65.67 -32.02
CA GLY C 252 -35.99 -66.06 -31.85
C GLY C 252 -35.75 -66.73 -30.50
N PHE C 253 -36.54 -66.34 -29.51
CA PHE C 253 -36.38 -66.84 -28.14
C PHE C 253 -36.62 -68.33 -28.07
N PHE C 254 -37.39 -68.85 -29.02
CA PHE C 254 -37.69 -70.26 -29.09
C PHE C 254 -36.78 -70.94 -30.10
N LYS C 255 -35.90 -70.15 -30.70
CA LYS C 255 -34.97 -70.62 -31.72
C LYS C 255 -33.57 -70.75 -31.13
N PRO C 256 -32.97 -71.94 -31.20
CA PRO C 256 -31.55 -71.99 -30.84
C PRO C 256 -30.74 -71.07 -31.76
N LYS C 257 -29.78 -70.30 -31.28
CA LYS C 257 -29.06 -69.38 -32.16
C LYS C 257 -27.83 -70.03 -32.76
N HIS C 258 -27.24 -69.38 -33.76
CA HIS C 258 -26.01 -69.85 -34.42
C HIS C 258 -24.78 -69.73 -33.52
N PRO C 259 -23.78 -70.62 -33.72
CA PRO C 259 -22.52 -70.59 -32.97
C PRO C 259 -21.68 -69.32 -33.14
N LEU C 260 -21.92 -68.55 -34.21
CA LEU C 260 -21.08 -67.39 -34.52
C LEU C 260 -19.61 -67.80 -34.58
N GLU C 261 -19.26 -68.53 -35.63
CA GLU C 261 -17.88 -68.90 -35.88
C GLU C 261 -17.01 -67.75 -36.36
N ILE C 262 -15.88 -67.56 -35.69
CA ILE C 262 -14.92 -66.52 -36.04
C ILE C 262 -13.70 -67.22 -36.59
N GLU C 263 -13.07 -66.60 -37.58
CA GLU C 263 -11.88 -67.20 -38.20
C GLU C 263 -10.70 -67.08 -37.26
N PRO C 264 -9.78 -68.05 -37.33
CA PRO C 264 -8.68 -67.99 -36.38
C PRO C 264 -7.83 -66.74 -36.56
N GLU C 265 -7.96 -66.05 -37.70
CA GLU C 265 -7.22 -64.80 -37.95
C GLU C 265 -7.83 -63.63 -37.13
N ARG C 266 -9.09 -63.31 -37.43
CA ARG C 266 -9.86 -62.27 -36.74
C ARG C 266 -9.84 -62.44 -35.22
N LEU C 267 -9.84 -63.68 -34.78
CA LEU C 267 -9.82 -63.98 -33.34
C LEU C 267 -8.49 -63.51 -32.72
N ARG C 268 -7.41 -63.61 -33.48
CA ARG C 268 -6.10 -63.16 -33.03
C ARG C 268 -6.05 -61.63 -32.85
N LYS C 269 -6.69 -60.91 -33.76
CA LYS C 269 -6.70 -59.46 -33.71
C LYS C 269 -7.46 -58.96 -32.47
N ILE C 270 -8.55 -59.64 -32.14
CA ILE C 270 -9.32 -59.30 -30.94
C ILE C 270 -8.43 -59.52 -29.71
N VAL C 271 -7.76 -60.66 -29.67
CA VAL C 271 -6.87 -60.97 -28.55
C VAL C 271 -5.74 -59.95 -28.47
N GLU C 272 -5.34 -59.38 -29.61
CA GLU C 272 -4.30 -58.35 -29.64
C GLU C 272 -4.86 -56.99 -29.23
N GLU C 273 -6.13 -56.74 -29.55
CA GLU C 273 -6.82 -55.55 -29.06
C GLU C 273 -6.97 -55.60 -27.54
N ARG C 274 -7.39 -56.75 -27.03
CA ARG C 274 -7.54 -56.97 -25.59
C ARG C 274 -6.21 -56.90 -24.85
N GLY C 275 -5.12 -57.28 -25.53
CA GLY C 275 -3.78 -57.27 -24.96
C GLY C 275 -3.63 -58.21 -23.77
N THR C 276 -4.49 -59.22 -23.75
CA THR C 276 -4.49 -60.21 -22.68
C THR C 276 -3.68 -61.41 -23.08
N ALA C 277 -3.54 -62.36 -22.15
CA ALA C 277 -2.92 -63.65 -22.41
C ALA C 277 -4.00 -64.74 -22.42
N VAL C 278 -4.31 -65.26 -23.59
CA VAL C 278 -5.33 -66.29 -23.71
C VAL C 278 -4.63 -67.60 -23.99
N PHE C 279 -4.81 -68.55 -23.07
CA PHE C 279 -4.21 -69.85 -23.19
C PHE C 279 -5.18 -70.87 -22.63
N ALA C 280 -4.81 -72.14 -22.74
CA ALA C 280 -5.71 -73.25 -22.44
C ALA C 280 -4.97 -74.46 -21.89
N VAL C 281 -5.63 -75.23 -21.03
CA VAL C 281 -5.08 -76.46 -20.48
C VAL C 281 -5.77 -77.64 -21.16
N LYS C 282 -5.00 -78.36 -21.98
CA LYS C 282 -5.50 -79.45 -22.80
C LYS C 282 -5.12 -80.82 -22.25
N PHE C 283 -6.11 -81.68 -22.10
CA PHE C 283 -5.87 -83.03 -21.64
C PHE C 283 -6.98 -83.93 -22.16
N ARG C 284 -6.72 -85.24 -22.12
CA ARG C 284 -7.64 -86.21 -22.69
C ARG C 284 -8.89 -86.33 -21.82
N LYS C 285 -10.04 -86.36 -22.49
CA LYS C 285 -11.32 -86.44 -21.83
C LYS C 285 -11.37 -87.77 -21.11
N PRO C 286 -11.58 -87.74 -19.79
CA PRO C 286 -11.74 -88.99 -19.04
C PRO C 286 -12.96 -89.74 -19.55
N ASP C 287 -12.95 -91.07 -19.51
CA ASP C 287 -14.12 -91.78 -20.01
C ASP C 287 -15.10 -91.97 -18.88
N ILE C 288 -16.09 -91.08 -18.84
CA ILE C 288 -17.06 -90.97 -17.74
C ILE C 288 -18.28 -90.16 -18.19
N VAL C 289 -19.39 -90.35 -17.49
CA VAL C 289 -20.64 -89.65 -17.84
C VAL C 289 -20.51 -88.16 -17.56
N ASP C 290 -21.37 -87.36 -18.17
CA ASP C 290 -21.29 -85.90 -18.10
C ASP C 290 -21.53 -85.36 -16.67
N ASP C 291 -22.39 -86.00 -15.89
CA ASP C 291 -22.73 -85.50 -14.54
C ASP C 291 -21.61 -85.67 -13.53
N ASN C 292 -20.54 -86.33 -13.97
CA ASN C 292 -19.29 -86.42 -13.24
C ASN C 292 -18.33 -85.44 -13.87
N LEU C 293 -18.08 -85.67 -15.16
CA LEU C 293 -17.14 -84.90 -15.95
C LEU C 293 -17.32 -83.41 -15.75
N TYR C 294 -18.56 -82.95 -15.88
CA TYR C 294 -18.79 -81.52 -15.89
C TYR C 294 -18.54 -80.89 -14.54
N PRO C 295 -19.11 -81.43 -13.47
CA PRO C 295 -18.77 -80.87 -12.16
C PRO C 295 -17.27 -80.81 -11.92
N GLN C 296 -16.52 -81.71 -12.54
CA GLN C 296 -15.07 -81.71 -12.42
C GLN C 296 -14.41 -80.68 -13.32
N LEU C 297 -14.94 -80.45 -14.52
CA LEU C 297 -14.41 -79.37 -15.34
C LEU C 297 -14.67 -78.03 -14.66
N GLU C 298 -15.79 -77.96 -13.95
CA GLU C 298 -16.11 -76.76 -13.19
C GLU C 298 -15.07 -76.54 -12.10
N ARG C 299 -14.79 -77.58 -11.32
CA ARG C 299 -13.86 -77.46 -10.19
C ARG C 299 -12.41 -77.19 -10.63
N ALA C 300 -11.92 -77.92 -11.62
CA ALA C 300 -10.55 -77.71 -12.10
C ALA C 300 -10.40 -76.25 -12.52
N SER C 301 -11.39 -75.77 -13.25
CA SER C 301 -11.37 -74.40 -13.74
C SER C 301 -11.45 -73.41 -12.60
N ARG C 302 -12.14 -73.77 -11.53
CA ARG C 302 -12.25 -72.85 -10.39
C ARG C 302 -10.89 -72.74 -9.74
N LYS C 303 -10.34 -73.90 -9.39
CA LYS C 303 -9.09 -73.97 -8.66
C LYS C 303 -7.95 -73.24 -9.40
N ILE C 304 -7.94 -73.33 -10.73
CA ILE C 304 -6.89 -72.68 -11.51
C ILE C 304 -7.16 -71.20 -11.62
N PHE C 305 -8.44 -70.83 -11.68
CA PHE C 305 -8.78 -69.43 -11.77
C PHE C 305 -8.32 -68.73 -10.48
N GLU C 306 -8.62 -69.33 -9.34
CA GLU C 306 -8.28 -68.78 -8.04
C GLU C 306 -6.78 -68.78 -7.79
N PHE C 307 -6.09 -69.77 -8.37
CA PHE C 307 -4.65 -69.82 -8.27
C PHE C 307 -4.07 -68.58 -8.96
N LEU C 308 -4.50 -68.33 -10.19
CA LEU C 308 -4.01 -67.21 -10.96
C LEU C 308 -4.29 -65.89 -10.27
N GLU C 309 -5.42 -65.77 -9.55
CA GLU C 309 -5.69 -64.54 -8.83
C GLU C 309 -4.70 -64.36 -7.69
N ARG C 310 -4.65 -65.37 -6.84
CA ARG C 310 -3.75 -65.39 -5.70
C ARG C 310 -2.30 -65.11 -6.15
N GLU C 311 -2.01 -65.43 -7.41
CA GLU C 311 -0.69 -65.24 -7.99
C GLU C 311 -0.57 -63.88 -8.68
N ASN C 312 -1.61 -63.06 -8.60
CA ASN C 312 -1.62 -61.71 -9.18
C ASN C 312 -1.58 -61.63 -10.69
N PHE C 313 -2.14 -62.60 -11.38
CA PHE C 313 -2.20 -62.51 -12.83
C PHE C 313 -3.47 -61.81 -13.32
N MET C 314 -4.36 -61.51 -12.38
CA MET C 314 -5.57 -60.77 -12.67
C MET C 314 -6.39 -61.40 -13.81
N PRO C 315 -6.96 -62.59 -13.53
CA PRO C 315 -7.84 -63.26 -14.50
C PRO C 315 -9.13 -62.48 -14.77
N LEU C 316 -9.67 -62.70 -15.95
CA LEU C 316 -10.91 -62.07 -16.38
C LEU C 316 -12.03 -63.10 -16.32
N ARG C 317 -11.93 -64.14 -17.15
CA ARG C 317 -12.95 -65.18 -17.21
C ARG C 317 -12.34 -66.54 -17.49
N SER C 318 -13.12 -67.57 -17.22
CA SER C 318 -12.69 -68.91 -17.56
C SER C 318 -13.83 -69.70 -18.17
N ALA C 319 -13.46 -70.59 -19.08
CA ALA C 319 -14.40 -71.53 -19.66
C ALA C 319 -13.76 -72.90 -19.70
N PHE C 320 -14.48 -73.85 -20.29
CA PHE C 320 -13.91 -75.13 -20.66
C PHE C 320 -14.71 -75.74 -21.81
N LYS C 321 -14.25 -76.88 -22.30
CA LYS C 321 -14.92 -77.54 -23.41
C LYS C 321 -14.59 -79.01 -23.33
N ALA C 322 -15.52 -79.87 -23.73
CA ALA C 322 -15.25 -81.30 -23.83
C ALA C 322 -15.47 -81.79 -25.26
N SER C 323 -14.38 -82.12 -25.92
CA SER C 323 -14.44 -82.74 -27.24
C SER C 323 -14.62 -84.22 -26.94
N GLU C 324 -14.57 -85.07 -27.96
CA GLU C 324 -14.70 -86.50 -27.69
C GLU C 324 -13.38 -87.07 -27.17
N GLU C 325 -12.24 -86.51 -27.61
CA GLU C 325 -10.91 -86.96 -27.15
C GLU C 325 -10.41 -86.11 -25.99
N PHE C 326 -10.27 -84.81 -26.23
CA PHE C 326 -9.60 -83.90 -25.28
C PHE C 326 -10.57 -82.95 -24.58
N CYS C 327 -10.21 -82.51 -23.38
CA CYS C 327 -10.93 -81.44 -22.70
C CYS C 327 -10.00 -80.25 -22.54
N TYR C 328 -10.55 -79.04 -22.59
CA TYR C 328 -9.74 -77.81 -22.59
C TYR C 328 -10.21 -76.88 -21.48
N LEU C 329 -9.30 -76.38 -20.66
CA LEU C 329 -9.66 -75.37 -19.66
C LEU C 329 -9.13 -74.00 -20.10
N LEU C 330 -10.04 -73.12 -20.53
CA LEU C 330 -9.68 -71.85 -21.15
C LEU C 330 -9.59 -70.71 -20.14
N PHE C 331 -8.53 -69.90 -20.24
CA PHE C 331 -8.35 -68.75 -19.37
C PHE C 331 -7.86 -67.54 -20.15
N GLU C 332 -8.16 -66.37 -19.61
CA GLU C 332 -7.69 -65.11 -20.15
C GLU C 332 -7.30 -64.15 -19.02
N CYS C 333 -6.10 -63.58 -19.08
CA CYS C 333 -5.59 -62.72 -18.00
C CYS C 333 -5.11 -61.36 -18.45
N GLN C 334 -5.12 -60.40 -17.54
CA GLN C 334 -4.68 -59.04 -17.85
C GLN C 334 -3.17 -58.93 -17.86
N ILE C 335 -2.51 -59.90 -17.24
CA ILE C 335 -1.06 -59.89 -17.06
C ILE C 335 -0.39 -60.96 -17.90
N LYS C 336 0.34 -60.52 -18.93
CA LYS C 336 1.10 -61.45 -19.77
C LYS C 336 2.41 -61.81 -19.07
N GLU C 337 2.99 -60.84 -18.36
CA GLU C 337 4.19 -61.10 -17.58
C GLU C 337 4.30 -60.15 -16.39
N ILE C 338 4.74 -60.69 -15.24
CA ILE C 338 4.91 -59.89 -14.02
C ILE C 338 6.38 -59.95 -13.58
N SER C 339 6.80 -58.99 -12.75
CA SER C 339 8.20 -58.89 -12.35
C SER C 339 8.68 -60.13 -11.59
N ARG C 340 10.00 -60.30 -11.54
CA ARG C 340 10.62 -61.46 -10.88
C ARG C 340 10.57 -61.29 -9.36
N VAL C 341 10.61 -60.03 -8.91
CA VAL C 341 10.63 -59.69 -7.50
C VAL C 341 9.28 -59.22 -6.99
N PHE C 342 9.00 -59.58 -5.74
CA PHE C 342 7.83 -59.06 -5.03
C PHE C 342 8.26 -58.81 -3.58
N ARG C 343 7.36 -58.28 -2.76
CA ARG C 343 7.68 -58.04 -1.36
C ARG C 343 6.79 -58.89 -0.44
N ARG C 344 7.41 -59.82 0.29
CA ARG C 344 6.72 -60.58 1.32
C ARG C 344 6.66 -59.77 2.62
N MET C 345 5.52 -59.82 3.31
CA MET C 345 5.35 -59.08 4.55
C MET C 345 5.99 -59.74 5.75
N GLY C 346 6.69 -58.95 6.56
CA GLY C 346 7.30 -59.42 7.79
C GLY C 346 6.57 -58.93 9.04
N PRO C 347 7.07 -59.33 10.23
CA PRO C 347 6.51 -58.96 11.53
C PRO C 347 6.81 -57.52 11.93
N GLN C 348 6.06 -56.98 12.88
CA GLN C 348 6.24 -55.61 13.35
C GLN C 348 7.59 -55.39 14.05
N PHE C 349 8.09 -54.17 14.01
CA PHE C 349 9.41 -53.87 14.58
C PHE C 349 9.53 -54.29 16.06
N GLU C 350 8.39 -54.39 16.76
CA GLU C 350 8.37 -54.74 18.18
C GLU C 350 8.77 -56.19 18.49
N ASP C 351 8.52 -57.12 17.57
CA ASP C 351 8.59 -58.54 17.94
C ASP C 351 9.98 -59.12 17.73
N GLU C 352 10.73 -59.28 18.83
CA GLU C 352 12.15 -59.65 18.75
C GLU C 352 12.32 -61.03 18.12
N ARG C 353 11.69 -62.06 18.70
CA ARG C 353 11.89 -63.43 18.21
C ARG C 353 11.62 -63.49 16.72
N ASN C 354 10.49 -62.95 16.31
CA ASN C 354 10.03 -63.11 14.94
C ASN C 354 10.75 -62.19 13.96
N VAL C 355 11.14 -60.99 14.42
CA VAL C 355 11.93 -60.08 13.61
C VAL C 355 13.33 -60.62 13.43
N LYS C 356 13.93 -61.08 14.52
CA LYS C 356 15.25 -61.68 14.49
C LYS C 356 15.23 -62.88 13.53
N LYS C 357 14.13 -63.64 13.54
CA LYS C 357 14.00 -64.76 12.61
C LYS C 357 13.75 -64.32 11.16
N PHE C 358 13.00 -63.23 10.98
CA PHE C 358 12.62 -62.77 9.64
C PHE C 358 13.81 -62.21 8.87
N LEU C 359 14.75 -61.60 9.58
CA LEU C 359 15.88 -60.97 8.94
C LEU C 359 16.93 -62.01 8.68
N SER C 360 16.69 -63.22 9.16
CA SER C 360 17.66 -64.29 9.10
C SER C 360 17.65 -65.15 7.85
N ARG C 361 16.94 -64.77 6.81
CA ARG C 361 16.93 -65.61 5.62
C ARG C 361 18.02 -65.09 4.72
N ASN C 362 18.71 -66.00 4.05
CA ASN C 362 19.82 -65.59 3.20
C ASN C 362 19.11 -64.98 2.00
N ARG C 363 19.35 -63.69 1.77
CA ARG C 363 18.59 -62.93 0.77
C ARG C 363 19.45 -62.06 -0.13
N ALA C 364 19.07 -62.02 -1.40
CA ALA C 364 19.80 -61.27 -2.41
C ALA C 364 19.67 -59.76 -2.18
N PHE C 365 18.51 -59.36 -1.67
CA PHE C 365 18.22 -57.97 -1.39
C PHE C 365 17.95 -57.78 0.10
N ARG C 366 18.35 -56.61 0.60
CA ARG C 366 18.21 -56.25 2.00
C ARG C 366 16.74 -56.01 2.35
N PRO C 367 16.26 -56.59 3.48
CA PRO C 367 14.89 -56.24 3.90
C PRO C 367 14.73 -54.77 4.31
N PHE C 368 13.50 -54.34 4.59
CA PHE C 368 13.26 -52.93 4.85
C PHE C 368 12.01 -52.67 5.68
N ILE C 369 12.01 -51.56 6.41
CA ILE C 369 10.88 -51.18 7.23
C ILE C 369 9.93 -50.26 6.48
N GLU C 370 8.65 -50.61 6.49
CA GLU C 370 7.61 -49.75 5.95
C GLU C 370 6.35 -49.82 6.79
N ASN C 371 5.81 -48.66 7.18
CA ASN C 371 4.61 -48.60 8.03
C ASN C 371 4.66 -49.52 9.25
N GLY C 372 5.77 -49.48 9.97
CA GLY C 372 5.81 -50.13 11.26
C GLY C 372 5.96 -51.63 11.19
N ARG C 373 6.44 -52.15 10.07
CA ARG C 373 6.78 -53.55 10.06
C ARG C 373 7.79 -53.86 8.99
N TRP C 374 8.46 -55.00 9.15
CA TRP C 374 9.51 -55.42 8.24
C TRP C 374 8.91 -56.04 6.98
N TRP C 375 9.58 -55.82 5.87
CA TRP C 375 9.21 -56.38 4.58
C TRP C 375 10.49 -56.84 3.90
N ALA C 376 10.38 -57.89 3.10
CA ALA C 376 11.53 -58.43 2.39
C ALA C 376 11.23 -58.53 0.90
N PHE C 377 12.24 -58.41 0.04
CA PHE C 377 12.06 -58.70 -1.40
C PHE C 377 12.31 -60.19 -1.71
N GLU C 378 11.36 -60.83 -2.39
CA GLU C 378 11.43 -62.25 -2.68
C GLU C 378 11.31 -62.49 -4.20
N MET C 379 11.57 -63.73 -4.65
CA MET C 379 11.69 -64.05 -6.07
C MET C 379 10.75 -65.18 -6.46
N ARG C 380 9.80 -64.92 -7.35
CA ARG C 380 8.85 -65.96 -7.77
C ARG C 380 9.45 -66.92 -8.83
N LYS C 381 8.97 -68.17 -8.83
CA LYS C 381 9.55 -69.19 -9.71
C LYS C 381 9.12 -68.98 -11.15
N PHE C 382 8.09 -68.17 -11.35
CA PHE C 382 7.51 -67.94 -12.68
C PHE C 382 6.98 -66.54 -12.88
N THR C 383 7.25 -66.01 -14.07
CA THR C 383 6.81 -64.67 -14.44
C THR C 383 5.58 -64.58 -15.32
N THR C 384 5.06 -65.71 -15.80
CA THR C 384 3.90 -65.67 -16.71
C THR C 384 2.85 -66.71 -16.35
N PRO C 385 1.58 -66.44 -16.70
CA PRO C 385 0.46 -67.29 -16.33
C PRO C 385 0.62 -68.72 -16.81
N GLU C 386 1.08 -68.89 -18.04
CA GLU C 386 1.22 -70.21 -18.62
C GLU C 386 2.22 -70.99 -17.76
N GLU C 387 3.27 -70.29 -17.39
CA GLU C 387 4.33 -70.82 -16.55
C GLU C 387 3.79 -71.27 -15.18
N GLY C 388 2.96 -70.44 -14.57
CA GLY C 388 2.41 -70.73 -13.25
C GLY C 388 1.42 -71.88 -13.22
N VAL C 389 0.58 -71.98 -14.25
CA VAL C 389 -0.40 -73.04 -14.35
C VAL C 389 0.29 -74.35 -14.72
N ARG C 390 1.30 -74.27 -15.59
CA ARG C 390 2.12 -75.43 -15.89
C ARG C 390 2.57 -76.04 -14.56
N SER C 391 3.12 -75.21 -13.69
CA SER C 391 3.61 -75.66 -12.41
C SER C 391 2.49 -76.12 -11.51
N TYR C 392 1.37 -75.41 -11.54
CA TYR C 392 0.30 -75.68 -10.63
C TYR C 392 -0.37 -76.97 -10.99
N ALA C 393 -0.65 -77.14 -12.27
CA ALA C 393 -1.29 -78.36 -12.75
C ALA C 393 -0.38 -79.58 -12.54
N SER C 394 0.93 -79.37 -12.50
CA SER C 394 1.85 -80.49 -12.33
C SER C 394 1.82 -81.02 -10.92
N THR C 395 1.93 -80.11 -9.95
CA THR C 395 1.99 -80.50 -8.53
C THR C 395 0.63 -80.78 -7.90
N HIS C 396 -0.35 -79.94 -8.19
CA HIS C 396 -1.65 -79.99 -7.56
C HIS C 396 -2.69 -80.79 -8.35
N TRP C 397 -2.26 -81.58 -9.32
CA TRP C 397 -3.19 -82.29 -10.19
C TRP C 397 -4.32 -82.98 -9.40
N HIS C 398 -4.02 -83.38 -8.16
CA HIS C 398 -4.95 -84.17 -7.35
C HIS C 398 -6.20 -83.37 -6.93
N THR C 399 -6.08 -82.05 -6.76
CA THR C 399 -7.22 -81.22 -6.36
C THR C 399 -8.05 -80.73 -7.54
N LEU C 400 -7.72 -81.14 -8.75
CA LEU C 400 -8.43 -80.67 -9.94
C LEU C 400 -9.65 -81.55 -10.26
N GLY C 401 -9.98 -82.42 -9.32
CA GLY C 401 -11.07 -83.35 -9.47
C GLY C 401 -10.52 -84.73 -9.72
N LYS C 402 -11.27 -85.72 -9.24
CA LYS C 402 -10.81 -87.10 -9.18
C LYS C 402 -10.38 -87.53 -10.57
N ASN C 403 -11.35 -87.68 -11.47
CA ASN C 403 -11.09 -88.21 -12.79
C ASN C 403 -10.30 -87.24 -13.68
N VAL C 404 -10.67 -85.97 -13.65
CA VAL C 404 -9.93 -84.95 -14.39
C VAL C 404 -8.51 -84.82 -13.88
N GLY C 405 -8.36 -84.66 -12.57
CA GLY C 405 -7.04 -84.53 -11.98
C GLY C 405 -6.17 -85.72 -12.32
N GLU C 406 -6.81 -86.88 -12.50
CA GLU C 406 -6.11 -88.10 -12.90
C GLU C 406 -5.59 -88.01 -14.34
N SER C 407 -6.41 -87.50 -15.25
CA SER C 407 -6.00 -87.32 -16.65
C SER C 407 -4.90 -86.30 -16.78
N ILE C 408 -5.01 -85.24 -16.00
CA ILE C 408 -4.02 -84.20 -15.98
C ILE C 408 -2.70 -84.75 -15.44
N ARG C 409 -2.77 -85.73 -14.53
CA ARG C 409 -1.56 -86.31 -13.92
C ARG C 409 -0.74 -87.12 -14.91
N GLU C 410 -1.43 -87.88 -15.74
CA GLU C 410 -0.81 -88.81 -16.66
C GLU C 410 -0.54 -88.14 -18.01
N TYR C 411 -1.04 -86.91 -18.15
CA TYR C 411 -0.65 -86.03 -19.26
C TYR C 411 -1.35 -84.67 -19.25
N PHE C 412 -0.71 -83.68 -19.86
CA PHE C 412 -1.35 -82.41 -20.20
C PHE C 412 -0.35 -81.49 -20.86
N GLU C 413 -0.87 -80.48 -21.54
CA GLU C 413 -0.04 -79.51 -22.23
C GLU C 413 -0.79 -78.18 -22.22
N ILE C 414 -0.07 -77.08 -22.10
CA ILE C 414 -0.66 -75.75 -22.15
C ILE C 414 -0.51 -75.13 -23.56
N ILE C 415 -1.64 -74.85 -24.19
CA ILE C 415 -1.67 -74.22 -25.50
C ILE C 415 -2.00 -72.76 -25.30
N SER C 416 -1.41 -71.89 -26.13
CA SER C 416 -1.68 -70.46 -26.03
C SER C 416 -1.42 -69.77 -27.38
N GLY C 417 -1.90 -68.54 -27.49
CA GLY C 417 -1.64 -67.74 -28.67
C GLY C 417 -2.10 -68.37 -29.95
N GLU C 418 -1.24 -68.30 -30.95
CA GLU C 418 -1.60 -68.62 -32.33
C GLU C 418 -2.01 -70.09 -32.43
N LYS C 419 -1.36 -70.93 -31.61
CA LYS C 419 -1.58 -72.38 -31.61
C LYS C 419 -2.94 -72.80 -31.02
N LEU C 420 -3.52 -71.95 -30.17
CA LEU C 420 -4.78 -72.28 -29.50
C LEU C 420 -5.95 -72.20 -30.45
N PHE C 421 -5.95 -71.18 -31.29
CA PHE C 421 -7.10 -70.91 -32.15
C PHE C 421 -7.32 -72.03 -33.18
N LYS C 422 -6.34 -72.92 -33.30
CA LYS C 422 -6.52 -74.09 -34.14
C LYS C 422 -7.36 -75.16 -33.45
N GLU C 423 -7.40 -75.14 -32.13
CA GLU C 423 -8.15 -76.12 -31.36
C GLU C 423 -9.64 -75.79 -31.44
N PRO C 424 -10.50 -76.78 -31.11
CA PRO C 424 -11.95 -76.57 -31.27
C PRO C 424 -12.58 -75.83 -30.08
N VAL C 425 -11.93 -74.76 -29.68
CA VAL C 425 -12.41 -73.90 -28.61
C VAL C 425 -13.03 -72.56 -29.06
N THR C 426 -13.11 -72.34 -30.37
CA THR C 426 -13.50 -71.05 -30.95
C THR C 426 -14.81 -70.47 -30.43
N ALA C 427 -15.80 -71.33 -30.22
CA ALA C 427 -17.07 -70.87 -29.69
C ALA C 427 -16.94 -70.43 -28.24
N GLU C 428 -16.12 -71.17 -27.49
CA GLU C 428 -15.98 -70.90 -26.06
C GLU C 428 -15.24 -69.61 -25.81
N LEU C 429 -14.12 -69.42 -26.50
CA LEU C 429 -13.32 -68.21 -26.34
C LEU C 429 -14.09 -66.93 -26.64
N CYS C 430 -14.90 -67.00 -27.70
CA CYS C 430 -15.67 -65.87 -28.15
C CYS C 430 -16.71 -65.53 -27.10
N GLU C 431 -17.43 -66.56 -26.68
CA GLU C 431 -18.49 -66.40 -25.70
C GLU C 431 -17.87 -65.86 -24.40
N MET C 432 -16.69 -66.37 -24.09
CA MET C 432 -15.94 -66.01 -22.90
C MET C 432 -15.54 -64.52 -22.89
N MET C 433 -15.08 -64.03 -24.03
CA MET C 433 -14.64 -62.64 -24.16
C MET C 433 -15.77 -61.62 -24.43
N GLY C 434 -16.94 -62.12 -24.82
CA GLY C 434 -18.07 -61.29 -25.22
C GLY C 434 -17.86 -60.69 -26.61
N VAL C 435 -17.49 -61.54 -27.56
CA VAL C 435 -17.23 -61.11 -28.92
C VAL C 435 -18.56 -60.88 -29.63
N LYS C 436 -18.69 -59.78 -30.35
CA LYS C 436 -19.94 -59.49 -31.07
C LYS C 436 -19.92 -60.03 -32.50
N ASP C 437 -20.84 -59.55 -33.33
CA ASP C 437 -21.05 -60.08 -34.66
C ASP C 437 -19.87 -59.86 -35.59
N VAL E 3 -21.02 48.14 42.23
CA VAL E 3 -19.98 47.12 42.24
C VAL E 3 -20.43 45.94 43.06
N GLU E 4 -21.20 46.28 44.09
CA GLU E 4 -21.63 45.36 45.12
C GLU E 4 -22.38 44.18 44.54
N GLU E 5 -23.56 44.45 44.01
CA GLU E 5 -24.43 43.42 43.48
C GLU E 5 -24.00 43.01 42.07
N ILE E 6 -23.24 43.86 41.40
CA ILE E 6 -22.83 43.62 40.02
C ILE E 6 -22.01 42.33 39.84
N LEU E 7 -21.01 42.10 40.68
CA LEU E 7 -20.18 40.90 40.57
C LEU E 7 -21.05 39.65 40.77
N GLU E 8 -22.05 39.77 41.64
CA GLU E 8 -22.99 38.69 41.97
C GLU E 8 -23.99 38.39 40.84
N LYS E 9 -24.45 39.44 40.17
CA LYS E 9 -25.34 39.27 39.03
C LYS E 9 -24.65 38.38 38.01
N ALA E 10 -23.37 38.67 37.75
CA ALA E 10 -22.60 37.97 36.72
C ALA E 10 -22.47 36.50 37.02
N LEU E 11 -22.47 36.12 38.31
CA LEU E 11 -22.40 34.70 38.65
C LEU E 11 -23.46 33.97 37.85
N GLU E 12 -24.66 34.55 37.83
CA GLU E 12 -25.79 33.94 37.16
C GLU E 12 -25.47 33.66 35.71
N LEU E 13 -24.64 34.53 35.13
CA LEU E 13 -24.26 34.44 33.72
C LEU E 13 -23.23 33.34 33.45
N VAL E 14 -22.27 33.20 34.36
CA VAL E 14 -21.13 32.31 34.12
C VAL E 14 -21.22 30.88 34.69
N ILE E 15 -22.15 30.61 35.60
CA ILE E 15 -22.13 29.35 36.32
C ILE E 15 -23.14 28.37 35.74
N PRO E 16 -22.69 27.14 35.42
CA PRO E 16 -23.57 26.10 34.87
C PRO E 16 -24.78 25.83 35.76
N ASP E 17 -25.94 25.73 35.14
CA ASP E 17 -27.17 25.42 35.86
C ASP E 17 -27.21 23.94 36.22
N GLU E 18 -28.26 23.55 36.92
CA GLU E 18 -28.36 22.24 37.55
C GLU E 18 -28.30 21.02 36.61
N GLU E 19 -29.03 21.02 35.50
CA GLU E 19 -28.99 19.83 34.63
C GLU E 19 -27.68 19.76 33.85
N GLU E 20 -27.01 20.91 33.71
CA GLU E 20 -25.70 20.94 33.06
C GLU E 20 -24.64 20.31 33.95
N VAL E 21 -24.66 20.66 35.23
CA VAL E 21 -23.77 20.02 36.20
C VAL E 21 -24.12 18.55 36.25
N ARG E 22 -25.42 18.27 36.18
CA ARG E 22 -25.95 16.90 36.22
C ARG E 22 -25.54 16.12 34.98
N LYS E 23 -25.67 16.73 33.81
CA LYS E 23 -25.26 16.09 32.56
C LYS E 23 -23.80 15.65 32.65
N GLY E 24 -22.99 16.48 33.30
CA GLY E 24 -21.58 16.21 33.44
C GLY E 24 -21.33 15.07 34.41
N ARG E 25 -22.05 15.06 35.53
CA ARG E 25 -21.89 14.02 36.55
C ARG E 25 -22.27 12.64 36.04
N GLU E 26 -23.45 12.55 35.45
CA GLU E 26 -23.94 11.30 34.88
C GLU E 26 -23.01 10.79 33.80
N ALA E 27 -22.66 11.68 32.87
CA ALA E 27 -21.82 11.33 31.75
C ALA E 27 -20.39 11.03 32.20
N GLU E 28 -19.99 11.62 33.32
CA GLU E 28 -18.69 11.33 33.91
C GLU E 28 -18.75 10.02 34.67
N GLU E 29 -19.83 9.85 35.42
CA GLU E 29 -19.99 8.71 36.30
C GLU E 29 -19.97 7.39 35.50
N GLU E 30 -20.49 7.43 34.28
CA GLU E 30 -20.51 6.24 33.43
C GLU E 30 -19.14 5.99 32.82
N LEU E 31 -18.49 7.07 32.38
CA LEU E 31 -17.14 6.99 31.83
C LEU E 31 -16.18 6.37 32.84
N ARG E 32 -16.15 6.96 34.02
CA ARG E 32 -15.33 6.44 35.12
C ARG E 32 -15.73 5.00 35.45
N ARG E 33 -16.99 4.65 35.24
CA ARG E 33 -17.40 3.27 35.46
C ARG E 33 -16.97 2.41 34.27
N ARG E 34 -16.96 2.98 33.08
CA ARG E 34 -16.55 2.20 31.90
C ARG E 34 -15.06 2.01 31.87
N LEU E 35 -14.32 2.99 32.41
CA LEU E 35 -12.86 2.92 32.43
C LEU E 35 -12.37 2.05 33.59
N ASP E 36 -13.10 2.07 34.70
CA ASP E 36 -12.77 1.22 35.84
C ASP E 36 -13.14 -0.22 35.51
N GLU E 37 -13.91 -0.37 34.45
CA GLU E 37 -14.37 -1.67 33.99
C GLU E 37 -13.24 -2.40 33.24
N LEU E 38 -12.46 -1.63 32.48
CA LEU E 38 -11.37 -2.16 31.65
C LEU E 38 -10.00 -2.09 32.33
N GLY E 39 -9.98 -1.63 33.58
CA GLY E 39 -8.76 -1.61 34.38
C GLY E 39 -7.64 -0.84 33.70
N VAL E 40 -7.96 0.35 33.24
CA VAL E 40 -6.99 1.23 32.60
C VAL E 40 -6.59 2.33 33.58
N GLU E 41 -5.33 2.73 33.54
CA GLU E 41 -4.85 3.84 34.35
C GLU E 41 -5.15 5.15 33.64
N TYR E 42 -5.74 6.10 34.36
CA TYR E 42 -6.11 7.37 33.76
C TYR E 42 -6.26 8.47 34.82
N VAL E 43 -6.58 9.67 34.38
CA VAL E 43 -6.95 10.74 35.28
C VAL E 43 -7.89 11.74 34.57
N PHE E 44 -8.87 12.26 35.30
CA PHE E 44 -9.72 13.35 34.77
C PHE E 44 -9.08 14.70 35.06
N VAL E 45 -9.12 15.58 34.06
CA VAL E 45 -8.38 16.85 34.12
C VAL E 45 -9.20 18.04 33.62
N GLY E 46 -8.55 19.20 33.56
CA GLY E 46 -9.11 20.38 32.93
C GLY E 46 -10.11 21.13 33.79
N SER E 47 -10.80 22.10 33.18
CA SER E 47 -11.75 22.95 33.88
C SER E 47 -12.91 22.15 34.52
N TYR E 48 -13.29 21.04 33.90
CA TYR E 48 -14.36 20.22 34.47
C TYR E 48 -13.87 19.58 35.75
N ALA E 49 -12.68 18.99 35.68
CA ALA E 49 -12.08 18.33 36.82
C ALA E 49 -11.85 19.30 37.98
N ARG E 50 -11.46 20.52 37.65
CA ARG E 50 -11.21 21.55 38.65
C ARG E 50 -12.50 22.34 38.93
N ASN E 51 -13.58 21.97 38.24
CA ASN E 51 -14.88 22.60 38.41
C ASN E 51 -14.85 24.09 38.07
N THR E 52 -13.96 24.47 37.17
CA THR E 52 -13.87 25.86 36.69
C THR E 52 -14.56 26.09 35.34
N TRP E 53 -15.22 25.08 34.79
CA TRP E 53 -15.74 25.17 33.43
C TRP E 53 -16.87 26.19 33.35
N LEU E 54 -16.90 26.91 32.23
CA LEU E 54 -17.81 28.02 32.02
C LEU E 54 -19.23 27.55 31.69
N LYS E 55 -20.22 28.38 31.93
CA LYS E 55 -21.61 28.05 31.57
C LYS E 55 -21.70 27.74 30.09
N GLY E 56 -22.28 26.58 29.76
CA GLY E 56 -22.41 26.15 28.38
C GLY E 56 -21.10 25.64 27.78
N SER E 57 -20.05 25.59 28.60
CA SER E 57 -18.73 25.10 28.18
C SER E 57 -18.42 23.65 28.55
N LEU E 58 -19.41 22.90 29.07
CA LEU E 58 -19.13 21.57 29.62
C LEU E 58 -18.44 20.66 28.61
N GLU E 59 -17.22 20.24 28.95
CA GLU E 59 -16.46 19.29 28.17
C GLU E 59 -15.61 18.53 29.17
N ILE E 60 -15.58 17.22 29.05
CA ILE E 60 -14.77 16.39 29.95
C ILE E 60 -13.42 16.02 29.32
N ASP E 61 -12.34 16.21 30.08
CA ASP E 61 -11.01 15.78 29.63
C ASP E 61 -10.57 14.57 30.41
N VAL E 62 -10.08 13.57 29.68
CA VAL E 62 -9.61 12.32 30.25
C VAL E 62 -8.25 11.93 29.68
N PHE E 63 -7.26 11.79 30.56
CA PHE E 63 -5.91 11.39 30.16
C PHE E 63 -5.61 9.94 30.55
N LEU E 64 -5.19 9.16 29.55
CA LEU E 64 -4.79 7.76 29.75
C LEU E 64 -3.27 7.69 30.06
N LEU E 65 -2.91 7.13 31.22
CA LEU E 65 -1.52 7.17 31.69
C LEU E 65 -0.76 5.87 31.43
N PHE E 66 0.18 5.94 30.50
CA PHE E 66 1.01 4.80 30.12
C PHE E 66 2.35 4.85 30.86
N PRO E 67 2.86 3.69 31.28
CA PRO E 67 4.24 3.64 31.78
C PRO E 67 5.22 4.06 30.67
N GLU E 68 6.46 4.39 31.03
CA GLU E 68 7.40 4.97 30.07
C GLU E 68 8.03 3.93 29.15
N GLU E 69 7.66 2.65 29.33
CA GLU E 69 8.22 1.57 28.51
C GLU E 69 7.67 1.54 27.08
N PHE E 70 6.63 2.32 26.81
CA PHE E 70 6.03 2.38 25.47
C PHE E 70 6.52 3.54 24.64
N SER E 71 6.01 3.62 23.42
CA SER E 71 6.38 4.67 22.48
C SER E 71 5.15 5.32 21.89
N LYS E 72 5.40 6.30 21.03
CA LYS E 72 4.37 7.06 20.36
C LYS E 72 3.41 6.17 19.56
N GLU E 73 3.94 5.09 19.02
CA GLU E 73 3.12 4.18 18.22
C GLU E 73 2.17 3.40 19.12
N GLU E 74 2.66 2.98 20.28
CA GLU E 74 1.85 2.20 21.22
C GLU E 74 0.95 3.15 21.96
N LEU E 75 1.34 4.42 22.01
CA LEU E 75 0.50 5.44 22.59
C LEU E 75 -0.65 5.70 21.65
N ARG E 76 -0.30 5.94 20.39
CA ARG E 76 -1.26 6.24 19.34
C ARG E 76 -2.22 5.08 19.10
N GLU E 77 -1.66 3.88 19.03
CA GLU E 77 -2.43 2.69 18.72
C GLU E 77 -3.39 2.34 19.84
N ARG E 78 -2.86 2.23 21.06
CA ARG E 78 -3.64 1.78 22.21
C ARG E 78 -4.61 2.85 22.70
N GLY E 79 -4.42 4.10 22.24
CA GLY E 79 -5.28 5.20 22.62
C GLY E 79 -6.47 5.48 21.71
N LEU E 80 -6.35 5.10 20.46
CA LEU E 80 -7.46 5.25 19.53
C LEU E 80 -8.43 4.10 19.77
N GLU E 81 -7.90 2.91 20.00
CA GLU E 81 -8.73 1.73 20.20
C GLU E 81 -9.47 1.81 21.54
N ILE E 82 -8.88 2.51 22.50
CA ILE E 82 -9.53 2.73 23.80
C ILE E 82 -10.65 3.77 23.69
N GLY E 83 -10.47 4.77 22.83
CA GLY E 83 -11.51 5.77 22.66
C GLY E 83 -12.83 5.18 22.19
N LYS E 84 -12.79 4.30 21.19
CA LYS E 84 -14.01 3.65 20.70
C LYS E 84 -14.72 2.78 21.73
N ALA E 85 -13.97 2.04 22.53
CA ALA E 85 -14.57 1.07 23.44
C ALA E 85 -15.26 1.78 24.60
N VAL E 86 -14.99 3.08 24.72
CA VAL E 86 -15.54 3.89 25.79
C VAL E 86 -16.59 4.86 25.23
N LEU E 87 -16.16 5.72 24.31
CA LEU E 87 -17.04 6.69 23.66
C LEU E 87 -18.23 6.07 22.89
N ASP E 88 -19.35 6.80 22.86
CA ASP E 88 -20.53 6.35 22.11
C ASP E 88 -20.36 6.59 20.61
N SER E 89 -20.25 7.86 20.22
CA SER E 89 -19.91 8.21 18.84
C SER E 89 -18.43 8.60 18.73
N HIS E 97 -0.36 15.73 18.90
CA HIS E 97 -0.55 14.29 18.79
C HIS E 97 -2.04 13.95 18.85
N PRO E 98 -2.45 12.89 18.13
CA PRO E 98 -3.87 12.59 17.89
C PRO E 98 -4.63 12.11 19.13
N TYR E 99 -5.90 12.53 19.23
CA TYR E 99 -6.78 12.07 20.29
C TYR E 99 -8.12 11.67 19.71
N VAL E 100 -9.00 11.16 20.57
CA VAL E 100 -10.32 10.69 20.14
C VAL E 100 -11.42 11.56 20.75
N HIS E 101 -12.03 12.41 19.94
CA HIS E 101 -13.20 13.18 20.35
C HIS E 101 -14.48 12.36 20.22
N GLY E 102 -15.51 12.74 20.95
CA GLY E 102 -16.80 12.09 20.84
C GLY E 102 -17.76 12.54 21.93
N VAL E 103 -18.78 11.73 22.18
CA VAL E 103 -19.79 12.08 23.18
C VAL E 103 -20.17 10.85 23.98
N VAL E 104 -20.40 11.06 25.29
CA VAL E 104 -20.90 10.02 26.16
C VAL E 104 -22.02 10.58 27.02
N LYS E 105 -23.21 10.02 26.85
CA LYS E 105 -24.39 10.45 27.58
C LYS E 105 -24.54 11.98 27.54
N GLY E 106 -24.50 12.52 26.32
CA GLY E 106 -24.83 13.90 26.07
C GLY E 106 -23.71 14.91 26.15
N VAL E 107 -22.65 14.64 26.90
CA VAL E 107 -21.57 15.62 27.07
C VAL E 107 -20.39 15.25 26.18
N GLU E 108 -19.75 16.27 25.60
CA GLU E 108 -18.60 16.04 24.73
C GLU E 108 -17.43 15.59 25.61
N VAL E 109 -16.56 14.75 25.04
CA VAL E 109 -15.48 14.09 25.79
C VAL E 109 -14.18 14.02 24.99
N ASP E 110 -13.07 14.31 25.68
CA ASP E 110 -11.75 14.21 25.10
C ASP E 110 -10.97 13.12 25.80
N VAL E 111 -10.42 12.21 25.02
CA VAL E 111 -9.54 11.15 25.53
C VAL E 111 -8.18 11.30 24.84
N VAL E 112 -7.17 11.69 25.61
CA VAL E 112 -5.84 11.98 25.07
C VAL E 112 -4.79 11.03 25.61
N PRO E 113 -4.18 10.20 24.73
CA PRO E 113 -3.09 9.35 25.26
C PRO E 113 -1.82 10.14 25.56
N CYS E 114 -1.10 9.73 26.60
CA CYS E 114 0.18 10.36 26.92
C CYS E 114 1.03 9.49 27.86
N TYR E 115 2.24 9.96 28.15
CA TYR E 115 3.15 9.25 29.03
C TYR E 115 2.83 9.59 30.48
N LYS E 116 3.07 8.67 31.41
CA LYS E 116 2.98 8.99 32.83
C LYS E 116 4.35 9.43 33.31
N LEU E 117 4.46 10.71 33.63
CA LEU E 117 5.76 11.29 33.94
C LEU E 117 5.79 11.73 35.39
N LYS E 118 6.99 11.63 35.98
CA LYS E 118 7.29 12.13 37.30
C LYS E 118 8.19 13.34 37.14
N GLU E 119 8.06 14.33 38.03
CA GLU E 119 8.89 15.55 38.00
C GLU E 119 8.52 16.39 36.76
N PRO E 120 8.79 17.70 36.79
CA PRO E 120 8.43 18.51 35.61
C PRO E 120 9.52 18.54 34.53
N LYS E 121 10.03 17.36 34.19
CA LYS E 121 10.97 17.19 33.07
C LYS E 121 10.69 15.88 32.32
N ASN E 122 11.56 15.59 31.35
CA ASN E 122 11.37 14.51 30.39
C ASN E 122 10.06 14.73 29.63
N ILE E 123 9.64 16.00 29.56
CA ILE E 123 8.46 16.38 28.81
C ILE E 123 8.87 16.64 27.36
N LYS E 124 8.36 15.80 26.46
CA LYS E 124 8.67 15.88 25.04
C LYS E 124 7.50 16.56 24.34
N SER E 125 6.35 15.90 24.38
CA SER E 125 5.13 16.46 23.82
C SER E 125 4.64 17.62 24.68
N ALA E 126 3.80 18.46 24.08
CA ALA E 126 3.20 19.58 24.80
C ALA E 126 1.94 19.13 25.54
N VAL E 127 1.46 17.95 25.21
CA VAL E 127 0.31 17.37 25.91
C VAL E 127 0.70 16.82 27.27
N ASP E 128 2.01 16.67 27.52
CA ASP E 128 2.48 16.13 28.79
C ASP E 128 2.48 17.18 29.91
N ARG E 129 2.45 18.47 29.56
CA ARG E 129 2.36 19.52 30.58
C ARG E 129 0.99 19.45 31.27
N THR E 130 -0.02 19.02 30.50
CA THR E 130 -1.41 19.18 30.90
C THR E 130 -1.75 18.53 32.24
N PRO E 131 -1.40 17.24 32.42
CA PRO E 131 -1.73 16.71 33.75
C PRO E 131 -0.94 17.41 34.87
N PHE E 132 0.27 17.89 34.59
CA PHE E 132 1.07 18.57 35.62
C PHE E 132 0.46 19.92 35.96
N HIS E 133 -0.09 20.57 34.96
CA HIS E 133 -0.86 21.78 35.18
C HIS E 133 -1.97 21.48 36.21
N HIS E 134 -2.60 20.31 36.09
CA HIS E 134 -3.70 19.93 36.99
C HIS E 134 -3.23 19.58 38.41
N LYS E 135 -2.16 18.79 38.55
CA LYS E 135 -1.62 18.44 39.86
C LYS E 135 -1.28 19.73 40.59
N TRP E 136 -0.80 20.71 39.83
CA TRP E 136 -0.43 21.99 40.39
C TRP E 136 -1.67 22.74 40.90
N LEU E 137 -2.71 22.76 40.07
CA LEU E 137 -3.89 23.57 40.36
C LEU E 137 -4.89 22.95 41.35
N GLU E 138 -5.07 21.64 41.31
CA GLU E 138 -6.13 20.99 42.07
C GLU E 138 -6.23 21.49 43.51
N GLY E 139 -5.08 21.72 44.13
CA GLY E 139 -5.03 22.16 45.50
C GLY E 139 -5.13 23.67 45.69
N ARG E 140 -4.60 24.44 44.73
CA ARG E 140 -4.54 25.88 44.90
C ARG E 140 -5.71 26.67 44.34
N ILE E 141 -6.52 26.05 43.49
CA ILE E 141 -7.70 26.72 42.92
C ILE E 141 -8.98 26.36 43.68
N LYS E 142 -8.89 25.39 44.57
CA LYS E 142 -10.07 24.86 45.25
C LYS E 142 -10.66 25.97 46.13
N GLY E 143 -11.93 26.30 45.90
CA GLY E 143 -12.54 27.46 46.55
C GLY E 143 -12.51 28.68 45.64
N LYS E 144 -11.62 28.67 44.63
CA LYS E 144 -11.50 29.80 43.70
C LYS E 144 -12.34 29.60 42.42
N GLU E 145 -13.13 28.52 42.35
CA GLU E 145 -13.87 28.18 41.12
C GLU E 145 -14.71 29.31 40.55
N ASN E 146 -15.42 30.02 41.42
CA ASN E 146 -16.30 31.10 40.99
C ASN E 146 -15.51 32.27 40.44
N GLU E 147 -14.31 32.46 40.95
CA GLU E 147 -13.44 33.54 40.49
C GLU E 147 -12.94 33.33 39.06
N VAL E 148 -12.51 32.12 38.73
CA VAL E 148 -12.06 31.82 37.39
C VAL E 148 -13.15 32.13 36.40
N ARG E 149 -14.33 31.61 36.68
CA ARG E 149 -15.45 31.73 35.74
C ARG E 149 -15.79 33.20 35.42
N LEU E 150 -15.78 34.07 36.43
CA LEU E 150 -16.09 35.49 36.23
C LEU E 150 -15.10 36.12 35.26
N LEU E 151 -13.81 35.81 35.43
CA LEU E 151 -12.75 36.25 34.51
C LEU E 151 -13.01 35.72 33.12
N LYS E 152 -13.26 34.41 33.02
CA LYS E 152 -13.59 33.81 31.75
C LYS E 152 -14.78 34.53 31.10
N GLY E 153 -15.89 34.63 31.85
CA GLY E 153 -17.11 35.24 31.36
C GLY E 153 -16.88 36.69 31.00
N PHE E 154 -16.14 37.39 31.86
CA PHE E 154 -15.73 38.77 31.61
C PHE E 154 -15.00 38.86 30.27
N LEU E 155 -14.11 37.91 30.01
CA LEU E 155 -13.34 37.87 28.77
C LEU E 155 -14.20 37.40 27.59
N LYS E 156 -14.90 36.28 27.73
CA LYS E 156 -15.67 35.72 26.63
C LYS E 156 -16.75 36.69 26.14
N ALA E 157 -17.14 37.67 26.95
CA ALA E 157 -18.11 38.67 26.52
C ALA E 157 -17.42 39.64 25.56
N ASN E 158 -16.15 39.87 25.82
CA ASN E 158 -15.34 40.78 25.02
C ASN E 158 -14.55 40.08 23.94
N GLY E 159 -14.79 38.79 23.74
CA GLY E 159 -14.28 38.09 22.57
C GLY E 159 -12.78 37.82 22.61
N ILE E 160 -12.14 38.13 23.72
CA ILE E 160 -10.72 37.85 23.90
C ILE E 160 -10.50 36.55 24.73
N TYR E 161 -11.56 35.80 25.04
CA TYR E 161 -11.38 34.57 25.83
C TYR E 161 -10.89 33.40 25.01
N GLY E 162 -9.77 32.82 25.41
CA GLY E 162 -9.21 31.64 24.75
C GLY E 162 -8.04 31.95 23.84
N ALA E 163 -7.09 31.02 23.80
CA ALA E 163 -5.84 31.20 23.08
C ALA E 163 -5.82 30.63 21.68
N GLU E 164 -6.93 30.05 21.21
CA GLU E 164 -6.92 29.49 19.86
C GLU E 164 -6.71 30.64 18.89
N TYR E 165 -6.23 30.34 17.68
CA TYR E 165 -5.78 31.42 16.79
C TYR E 165 -6.92 32.31 16.28
N LYS E 166 -8.14 31.79 16.34
CA LYS E 166 -9.32 32.55 15.99
C LYS E 166 -9.59 33.67 17.01
N VAL E 167 -8.91 33.60 18.16
CA VAL E 167 -9.16 34.48 19.31
C VAL E 167 -7.90 35.28 19.70
N ARG E 168 -6.82 34.56 20.01
CA ARG E 168 -5.58 35.16 20.47
C ARG E 168 -5.79 35.88 21.79
N GLY E 169 -6.48 35.18 22.67
CA GLY E 169 -6.78 35.61 24.01
C GLY E 169 -6.06 34.85 25.11
N PHE E 170 -6.68 34.84 26.29
CA PHE E 170 -6.16 34.21 27.50
C PHE E 170 -6.56 32.74 27.59
N SER E 171 -5.59 31.83 27.61
CA SER E 171 -5.95 30.41 27.72
C SER E 171 -6.60 30.16 29.07
N GLY E 172 -7.42 29.11 29.16
CA GLY E 172 -8.09 28.76 30.41
C GLY E 172 -7.12 28.61 31.57
N TYR E 173 -6.08 27.82 31.36
CA TYR E 173 -5.04 27.65 32.35
C TYR E 173 -4.52 29.01 32.79
N LEU E 174 -4.42 29.95 31.83
CA LEU E 174 -3.92 31.29 32.12
C LEU E 174 -4.85 32.03 33.06
N CYS E 175 -6.15 31.89 32.86
CA CYS E 175 -7.10 32.51 33.77
C CYS E 175 -6.93 31.98 35.18
N GLU E 176 -6.90 30.66 35.33
CA GLU E 176 -6.81 30.06 36.65
C GLU E 176 -5.54 30.52 37.35
N LEU E 177 -4.45 30.58 36.59
CA LEU E 177 -3.20 31.05 37.15
C LEU E 177 -3.34 32.49 37.63
N LEU E 178 -3.98 33.35 36.85
CA LEU E 178 -4.13 34.76 37.23
C LEU E 178 -4.81 34.85 38.60
N ILE E 179 -5.90 34.12 38.77
CA ILE E 179 -6.63 34.07 40.05
C ILE E 179 -5.78 33.50 41.20
N VAL E 180 -4.97 32.47 40.93
CA VAL E 180 -4.04 31.94 41.92
C VAL E 180 -3.02 33.01 42.26
N PHE E 181 -2.74 33.90 41.30
CA PHE E 181 -1.77 34.97 41.52
C PHE E 181 -2.35 36.20 42.25
N TYR E 182 -3.39 36.82 41.71
CA TYR E 182 -3.94 38.03 42.30
C TYR E 182 -5.01 37.72 43.35
N GLY E 183 -5.42 36.45 43.41
CA GLY E 183 -6.33 35.98 44.43
C GLY E 183 -7.80 36.08 44.08
N SER E 184 -8.16 37.01 43.20
CA SER E 184 -9.55 37.14 42.80
C SER E 184 -9.72 37.93 41.50
N PHE E 185 -10.92 37.85 40.94
CA PHE E 185 -11.28 38.59 39.73
C PHE E 185 -11.05 40.07 40.01
N LEU E 186 -11.68 40.58 41.07
CA LEU E 186 -11.60 42.02 41.34
C LEU E 186 -10.14 42.46 41.53
N GLU E 187 -9.36 41.70 42.31
CA GLU E 187 -7.95 42.04 42.50
C GLU E 187 -7.15 41.95 41.20
N THR E 188 -7.58 41.06 40.31
CA THR E 188 -6.95 40.93 38.99
C THR E 188 -7.24 42.17 38.15
N VAL E 189 -8.53 42.51 38.02
CA VAL E 189 -8.94 43.68 37.27
C VAL E 189 -8.21 44.92 37.79
N LYS E 190 -8.17 45.06 39.11
CA LYS E 190 -7.50 46.18 39.75
C LYS E 190 -6.02 46.26 39.36
N ASN E 191 -5.33 45.11 39.39
CA ASN E 191 -3.90 45.07 39.11
C ASN E 191 -3.53 45.03 37.65
N ALA E 192 -4.35 44.38 36.84
CA ALA E 192 -4.09 44.29 35.40
C ALA E 192 -3.91 45.66 34.71
N ARG E 193 -4.59 46.68 35.24
CA ARG E 193 -4.55 47.99 34.63
C ARG E 193 -3.11 48.50 34.54
N ARG E 194 -2.24 47.99 35.41
CA ARG E 194 -0.84 48.43 35.49
C ARG E 194 0.08 47.61 34.58
N TRP E 195 -0.50 46.71 33.81
CA TRP E 195 0.25 45.92 32.84
C TRP E 195 0.84 46.81 31.72
N THR E 196 1.97 46.33 31.18
CA THR E 196 2.66 46.93 30.03
C THR E 196 2.96 45.80 29.05
N ARG E 197 3.33 46.12 27.81
CA ARG E 197 3.64 45.08 26.83
C ARG E 197 4.84 44.23 27.30
N ARG E 198 5.65 44.82 28.19
CA ARG E 198 6.84 44.16 28.72
C ARG E 198 6.65 43.51 30.11
N THR E 199 5.41 43.48 30.61
CA THR E 199 5.09 42.85 31.89
C THR E 199 5.34 41.34 31.95
N VAL E 200 6.12 40.91 32.93
CA VAL E 200 6.32 39.47 33.24
C VAL E 200 5.65 39.11 34.55
N ILE E 201 4.80 38.10 34.52
CA ILE E 201 4.18 37.60 35.74
C ILE E 201 4.69 36.21 36.04
N ASP E 202 5.54 36.09 37.07
CA ASP E 202 6.06 34.79 37.48
C ASP E 202 5.25 34.24 38.65
N VAL E 203 4.50 33.19 38.34
CA VAL E 203 3.53 32.63 39.24
C VAL E 203 4.15 32.00 40.46
N ALA E 204 5.06 31.04 40.24
CA ALA E 204 5.65 30.26 41.33
C ALA E 204 6.41 31.15 42.30
N LYS E 205 6.90 32.29 41.81
CA LYS E 205 7.71 33.20 42.62
C LYS E 205 6.96 34.42 43.22
N GLY E 206 5.64 34.51 42.99
CA GLY E 206 4.83 35.60 43.50
C GLY E 206 5.37 36.95 43.09
N GLU E 207 5.95 36.96 41.90
CA GLU E 207 6.74 38.08 41.48
C GLU E 207 6.34 38.60 40.12
N VAL E 208 6.35 39.92 40.02
CA VAL E 208 6.17 40.60 38.76
C VAL E 208 7.41 41.40 38.50
N ARG E 209 7.98 41.22 37.32
CA ARG E 209 9.17 41.97 36.93
C ARG E 209 8.98 42.48 35.51
N LYS E 210 9.88 43.36 35.09
CA LYS E 210 9.85 43.90 33.75
C LYS E 210 10.67 42.96 32.86
N GLY E 211 10.04 42.45 31.81
CA GLY E 211 10.70 41.57 30.87
C GLY E 211 11.00 42.29 29.57
N GLU E 212 11.20 41.53 28.51
CA GLU E 212 11.31 42.09 27.17
C GLU E 212 9.97 42.01 26.43
N GLU E 213 9.06 41.22 26.98
CA GLU E 213 7.77 40.97 26.34
C GLU E 213 6.80 40.46 27.37
N PHE E 214 5.50 40.54 27.09
CA PHE E 214 4.56 40.07 28.09
C PHE E 214 4.62 38.55 28.22
N PHE E 215 4.98 38.11 29.43
CA PHE E 215 5.38 36.74 29.68
C PHE E 215 4.77 36.26 30.99
N VAL E 216 3.99 35.19 30.91
CA VAL E 216 3.42 34.56 32.09
C VAL E 216 4.10 33.21 32.24
N VAL E 217 5.00 33.09 33.20
CA VAL E 217 5.84 31.89 33.23
C VAL E 217 5.17 30.79 34.04
N ASP E 218 4.91 29.68 33.32
CA ASP E 218 4.24 28.49 33.82
C ASP E 218 4.92 27.85 35.04
N PRO E 219 4.18 27.72 36.18
CA PRO E 219 4.71 27.03 37.36
C PRO E 219 5.24 25.64 37.07
N VAL E 220 4.58 24.95 36.14
CA VAL E 220 4.92 23.58 35.77
C VAL E 220 6.17 23.53 34.89
N ASP E 221 6.23 24.41 33.88
CA ASP E 221 7.40 24.50 33.01
C ASP E 221 7.91 25.95 32.94
N GLU E 222 9.06 26.20 33.55
CA GLU E 222 9.58 27.56 33.69
C GLU E 222 10.06 28.17 32.37
N LYS E 223 10.22 27.34 31.33
CA LYS E 223 10.73 27.82 30.05
C LYS E 223 9.60 28.37 29.17
N ARG E 224 8.36 28.02 29.54
CA ARG E 224 7.20 28.28 28.69
C ARG E 224 6.40 29.52 29.07
N ASN E 225 5.87 30.19 28.05
CA ASN E 225 4.96 31.32 28.26
C ASN E 225 3.51 30.87 28.04
N VAL E 226 2.74 30.85 29.12
CA VAL E 226 1.35 30.38 29.08
C VAL E 226 0.50 31.34 28.26
N ALA E 227 0.94 32.61 28.27
CA ALA E 227 0.31 33.73 27.57
C ALA E 227 0.93 33.93 26.19
N ALA E 228 1.75 32.98 25.76
CA ALA E 228 2.54 33.10 24.53
C ALA E 228 1.72 33.64 23.36
N ASN E 229 0.51 33.14 23.21
CA ASN E 229 -0.29 33.47 22.03
C ASN E 229 -1.23 34.66 22.22
N LEU E 230 -1.15 35.32 23.36
CA LEU E 230 -1.95 36.53 23.57
C LEU E 230 -1.36 37.65 22.72
N SER E 231 -2.20 38.23 21.86
CA SER E 231 -1.74 39.29 20.99
C SER E 231 -1.57 40.59 21.81
N LEU E 232 -0.73 41.47 21.29
CA LEU E 232 -0.45 42.74 21.94
C LEU E 232 -1.77 43.52 21.99
N ASP E 233 -2.54 43.42 20.90
CA ASP E 233 -3.80 44.14 20.78
C ASP E 233 -4.85 43.63 21.79
N ASN E 234 -4.77 42.36 22.15
CA ASN E 234 -5.63 41.74 23.15
C ASN E 234 -5.15 41.97 24.59
N LEU E 235 -3.84 41.94 24.79
CA LEU E 235 -3.28 42.39 26.04
C LEU E 235 -3.70 43.86 26.23
N ALA E 236 -3.79 44.58 25.11
CA ALA E 236 -4.11 46.00 25.15
C ALA E 236 -5.58 46.31 25.42
N ARG E 237 -6.49 45.48 24.94
CA ARG E 237 -7.92 45.71 25.18
C ARG E 237 -8.30 45.33 26.59
N PHE E 238 -7.74 44.24 27.08
CA PHE E 238 -8.03 43.76 28.44
C PHE E 238 -7.61 44.78 29.47
N VAL E 239 -6.40 45.31 29.32
CA VAL E 239 -5.94 46.33 30.23
C VAL E 239 -6.89 47.54 30.18
N HIS E 240 -7.27 47.95 28.98
CA HIS E 240 -8.20 49.07 28.82
C HIS E 240 -9.58 48.74 29.42
N LEU E 241 -10.07 47.53 29.17
CA LEU E 241 -11.35 47.10 29.71
C LEU E 241 -11.30 47.07 31.23
N CYS E 242 -10.15 46.68 31.78
CA CYS E 242 -10.01 46.60 33.22
C CYS E 242 -10.09 48.02 33.75
N ARG E 243 -9.44 48.93 33.04
CA ARG E 243 -9.50 50.35 33.38
C ARG E 243 -10.92 50.84 33.22
N GLU E 244 -11.59 50.39 32.16
CA GLU E 244 -12.96 50.81 31.89
C GLU E 244 -13.86 50.34 33.02
N PHE E 245 -13.66 49.09 33.42
CA PHE E 245 -14.51 48.45 34.41
C PHE E 245 -14.40 49.14 35.79
N MET E 246 -13.21 49.57 36.13
CA MET E 246 -12.97 50.15 37.44
C MET E 246 -13.57 51.54 37.61
N GLU E 247 -13.75 52.28 36.52
CA GLU E 247 -14.35 53.61 36.63
C GLU E 247 -15.86 53.49 36.82
N ALA E 248 -16.50 52.63 36.02
CA ALA E 248 -17.95 52.48 36.06
C ALA E 248 -18.35 51.01 35.87
N PRO E 249 -18.15 50.20 36.93
CA PRO E 249 -18.51 48.78 36.84
C PRO E 249 -19.99 48.62 36.61
N SER E 250 -20.34 47.83 35.60
CA SER E 250 -21.74 47.46 35.34
C SER E 250 -21.77 45.99 34.87
N LEU E 251 -22.95 45.37 34.91
CA LEU E 251 -23.04 43.98 34.49
C LEU E 251 -22.76 43.88 33.01
N GLY E 252 -22.83 45.01 32.31
CA GLY E 252 -22.68 45.03 30.87
C GLY E 252 -21.42 44.35 30.37
N PHE E 253 -20.37 44.37 31.18
CA PHE E 253 -19.08 43.79 30.77
C PHE E 253 -19.15 42.26 30.65
N PHE E 254 -20.17 41.66 31.27
CA PHE E 254 -20.39 40.21 31.20
C PHE E 254 -21.43 39.82 30.15
N LYS E 255 -22.00 40.83 29.51
CA LYS E 255 -23.00 40.60 28.47
C LYS E 255 -22.42 40.93 27.09
N PRO E 256 -22.46 39.97 26.14
CA PRO E 256 -22.08 40.41 24.80
C PRO E 256 -23.02 41.52 24.32
N LYS E 257 -22.51 42.55 23.67
CA LYS E 257 -23.36 43.66 23.19
C LYS E 257 -23.80 43.47 21.73
N HIS E 258 -24.53 44.47 21.22
CA HIS E 258 -25.12 44.43 19.90
C HIS E 258 -24.05 44.28 18.82
N PRO E 259 -24.29 43.43 17.82
CA PRO E 259 -23.39 43.39 16.66
C PRO E 259 -23.52 44.66 15.82
N LEU E 260 -24.68 45.29 15.97
CA LEU E 260 -25.07 46.44 15.13
C LEU E 260 -24.89 46.10 13.66
N GLU E 261 -25.77 45.25 13.16
CA GLU E 261 -25.81 45.00 11.74
C GLU E 261 -26.43 46.29 11.21
N ILE E 262 -25.78 46.86 10.20
CA ILE E 262 -26.23 48.14 9.65
C ILE E 262 -26.82 47.95 8.28
N GLU E 263 -27.78 48.82 7.95
CA GLU E 263 -28.42 48.76 6.65
C GLU E 263 -27.44 49.22 5.57
N PRO E 264 -27.55 48.64 4.37
CA PRO E 264 -26.66 48.98 3.27
C PRO E 264 -26.83 50.44 2.85
N GLU E 265 -27.91 51.07 3.32
CA GLU E 265 -28.16 52.46 3.00
C GLU E 265 -27.27 53.41 3.80
N ARG E 266 -27.42 53.47 5.13
CA ARG E 266 -26.59 54.36 5.95
C ARG E 266 -25.11 54.08 5.72
N LEU E 267 -24.79 52.81 5.48
CA LEU E 267 -23.42 52.41 5.24
C LEU E 267 -22.85 53.10 4.00
N ARG E 268 -23.71 53.35 3.00
CA ARG E 268 -23.30 54.07 1.80
C ARG E 268 -22.98 55.55 2.08
N LYS E 269 -23.77 56.22 2.91
CA LYS E 269 -23.51 57.61 3.27
C LYS E 269 -22.22 57.72 4.07
N ILE E 270 -21.99 56.72 4.94
CA ILE E 270 -20.80 56.70 5.77
C ILE E 270 -19.55 56.68 4.92
N VAL E 271 -19.51 55.78 3.95
CA VAL E 271 -18.36 55.66 3.07
C VAL E 271 -18.09 56.89 2.19
N GLU E 272 -19.15 57.61 1.81
CA GLU E 272 -18.98 58.80 0.97
C GLU E 272 -18.50 59.96 1.80
N GLU E 273 -18.91 59.99 3.06
CA GLU E 273 -18.42 60.99 4.00
C GLU E 273 -16.94 60.79 4.11
N ARG E 274 -16.54 59.52 4.26
CA ARG E 274 -15.14 59.11 4.27
C ARG E 274 -14.48 59.29 2.91
N GLY E 275 -15.24 59.08 1.84
CA GLY E 275 -14.72 59.24 0.49
C GLY E 275 -13.53 58.35 0.21
N THR E 276 -13.48 57.23 0.91
CA THR E 276 -12.36 56.31 0.83
C THR E 276 -12.67 55.29 -0.24
N ALA E 277 -11.72 54.37 -0.47
CA ALA E 277 -11.95 53.26 -1.38
C ALA E 277 -12.21 52.00 -0.56
N VAL E 278 -13.46 51.54 -0.56
CA VAL E 278 -13.85 50.36 0.21
C VAL E 278 -14.13 49.19 -0.73
N PHE E 279 -13.37 48.12 -0.56
CA PHE E 279 -13.53 46.90 -1.36
C PHE E 279 -13.19 45.60 -0.62
N ALA E 280 -13.40 44.47 -1.28
CA ALA E 280 -13.23 43.15 -0.64
C ALA E 280 -12.77 42.05 -1.63
N VAL E 281 -12.01 41.08 -1.11
CA VAL E 281 -11.57 39.94 -1.93
C VAL E 281 -12.38 38.70 -1.57
N LYS E 282 -13.25 38.28 -2.50
CA LYS E 282 -14.17 37.20 -2.24
C LYS E 282 -13.71 35.93 -2.95
N PHE E 283 -13.59 34.86 -2.18
CA PHE E 283 -13.17 33.58 -2.73
C PHE E 283 -13.72 32.45 -1.85
N ARG E 284 -13.82 31.25 -2.42
CA ARG E 284 -14.50 30.17 -1.73
C ARG E 284 -13.70 29.68 -0.55
N LYS E 285 -14.39 29.46 0.57
CA LYS E 285 -13.73 29.04 1.80
C LYS E 285 -13.12 27.64 1.64
N PRO E 286 -11.79 27.53 1.88
CA PRO E 286 -11.16 26.22 1.86
C PRO E 286 -11.80 25.41 2.94
N ASP E 287 -11.96 24.11 2.75
CA ASP E 287 -12.65 23.35 3.75
C ASP E 287 -11.56 22.91 4.71
N ILE E 288 -11.47 23.61 5.83
CA ILE E 288 -10.37 23.44 6.77
C ILE E 288 -10.72 23.96 8.17
N VAL E 289 -10.00 23.48 9.19
CA VAL E 289 -10.26 23.88 10.57
C VAL E 289 -9.87 25.33 10.82
N ASP E 290 -10.43 25.91 11.87
CA ASP E 290 -10.24 27.32 12.15
C ASP E 290 -8.78 27.66 12.45
N ASP E 291 -8.06 26.73 13.06
CA ASP E 291 -6.67 26.99 13.45
C ASP E 291 -5.71 27.07 12.28
N ASN E 292 -6.19 26.71 11.09
CA ASN E 292 -5.43 26.89 9.87
C ASN E 292 -6.00 28.10 9.17
N LEU E 293 -7.28 28.03 8.87
CA LEU E 293 -7.94 29.07 8.14
C LEU E 293 -7.60 30.48 8.67
N TYR E 294 -7.71 30.70 9.97
CA TYR E 294 -7.62 32.07 10.45
C TYR E 294 -6.22 32.65 10.31
N PRO E 295 -5.19 31.93 10.79
CA PRO E 295 -3.82 32.40 10.58
C PRO E 295 -3.52 32.68 9.12
N GLN E 296 -4.23 31.99 8.23
CA GLN E 296 -4.07 32.20 6.79
C GLN E 296 -4.85 33.41 6.33
N LEU E 297 -6.00 33.63 6.95
CA LEU E 297 -6.78 34.84 6.68
C LEU E 297 -5.99 36.07 7.09
N GLU E 298 -5.17 35.92 8.12
CA GLU E 298 -4.27 36.99 8.57
C GLU E 298 -3.23 37.32 7.53
N ARG E 299 -2.51 36.30 7.10
CA ARG E 299 -1.39 36.49 6.19
C ARG E 299 -1.86 37.03 4.86
N ALA E 300 -2.89 36.42 4.28
CA ALA E 300 -3.42 36.90 3.02
C ALA E 300 -3.75 38.37 3.17
N SER E 301 -4.38 38.72 4.29
CA SER E 301 -4.82 40.09 4.53
C SER E 301 -3.62 40.99 4.74
N ARG E 302 -2.57 40.47 5.35
CA ARG E 302 -1.40 41.30 5.59
C ARG E 302 -0.66 41.55 4.30
N LYS E 303 -0.33 40.47 3.60
CA LYS E 303 0.46 40.54 2.39
C LYS E 303 -0.18 41.53 1.41
N ILE E 304 -1.51 41.55 1.40
CA ILE E 304 -2.24 42.47 0.54
C ILE E 304 -2.24 43.90 1.07
N PHE E 305 -2.32 44.07 2.38
CA PHE E 305 -2.29 45.41 2.96
C PHE E 305 -0.94 46.05 2.69
N GLU E 306 0.11 45.26 2.86
CA GLU E 306 1.46 45.76 2.70
C GLU E 306 1.68 46.09 1.24
N PHE E 307 1.04 45.35 0.35
CA PHE E 307 1.11 45.66 -1.06
C PHE E 307 0.48 47.03 -1.31
N LEU E 308 -0.75 47.22 -0.85
CA LEU E 308 -1.44 48.50 -1.04
C LEU E 308 -0.64 49.65 -0.44
N GLU E 309 0.11 49.39 0.61
CA GLU E 309 0.98 50.40 1.22
C GLU E 309 2.17 50.77 0.31
N ARG E 310 2.92 49.75 -0.11
CA ARG E 310 4.06 49.90 -1.01
C ARG E 310 3.76 50.65 -2.29
N GLU E 311 2.51 50.52 -2.75
CA GLU E 311 2.12 51.07 -4.04
C GLU E 311 1.55 52.50 -3.93
N ASN E 312 1.59 53.06 -2.72
CA ASN E 312 1.11 54.41 -2.42
C ASN E 312 -0.39 54.62 -2.50
N PHE E 313 -1.16 53.58 -2.16
CA PHE E 313 -2.60 53.71 -2.03
C PHE E 313 -3.04 54.09 -0.60
N MET E 314 -2.09 54.07 0.33
CA MET E 314 -2.35 54.51 1.70
C MET E 314 -3.57 53.78 2.27
N PRO E 315 -3.44 52.47 2.54
CA PRO E 315 -4.58 51.80 3.18
C PRO E 315 -4.80 52.34 4.59
N LEU E 316 -6.04 52.28 5.09
CA LEU E 316 -6.35 52.74 6.44
C LEU E 316 -6.49 51.54 7.36
N ARG E 317 -7.46 50.69 7.08
CA ARG E 317 -7.63 49.47 7.85
C ARG E 317 -8.17 48.40 6.94
N SER E 318 -8.00 47.16 7.37
CA SER E 318 -8.49 46.01 6.63
C SER E 318 -9.13 45.07 7.63
N ALA E 319 -10.08 44.28 7.16
CA ALA E 319 -10.71 43.27 7.99
C ALA E 319 -10.76 41.98 7.21
N PHE E 320 -11.41 40.98 7.77
CA PHE E 320 -11.82 39.84 6.97
C PHE E 320 -13.00 39.20 7.70
N LYS E 321 -13.53 38.15 7.10
CA LYS E 321 -14.66 37.45 7.64
C LYS E 321 -14.52 36.02 7.14
N ALA E 322 -14.99 35.04 7.90
CA ALA E 322 -15.08 33.67 7.38
C ALA E 322 -16.52 33.17 7.43
N SER E 323 -17.13 33.08 6.25
CA SER E 323 -18.49 32.56 6.12
C SER E 323 -18.43 31.04 5.99
N GLU E 324 -19.58 30.42 5.73
CA GLU E 324 -19.65 28.97 5.53
C GLU E 324 -19.27 28.66 4.09
N GLU E 325 -19.59 29.60 3.21
CA GLU E 325 -19.36 29.47 1.76
C GLU E 325 -18.06 30.15 1.31
N PHE E 326 -18.01 31.46 1.53
CA PHE E 326 -16.95 32.33 1.04
C PHE E 326 -16.15 32.95 2.17
N CYS E 327 -14.96 33.43 1.81
CA CYS E 327 -14.19 34.27 2.70
C CYS E 327 -14.05 35.66 2.05
N TYR E 328 -14.01 36.70 2.89
CA TYR E 328 -13.92 38.07 2.40
C TYR E 328 -12.75 38.73 3.09
N LEU E 329 -11.84 39.32 2.31
CA LEU E 329 -10.76 40.13 2.86
C LEU E 329 -11.07 41.59 2.59
N LEU E 330 -11.42 42.32 3.64
CA LEU E 330 -11.91 43.68 3.51
C LEU E 330 -10.78 44.68 3.55
N PHE E 331 -10.80 45.66 2.64
CA PHE E 331 -9.82 46.75 2.66
C PHE E 331 -10.43 48.11 2.48
N GLU E 332 -9.77 49.10 3.05
CA GLU E 332 -10.11 50.49 2.87
C GLU E 332 -8.86 51.35 2.71
N CYS E 333 -8.85 52.14 1.63
CA CYS E 333 -7.70 52.97 1.26
C CYS E 333 -8.14 54.41 1.05
N GLN E 334 -7.19 55.34 1.22
CA GLN E 334 -7.46 56.75 1.03
C GLN E 334 -7.51 57.15 -0.46
N ILE E 335 -6.95 56.31 -1.33
CA ILE E 335 -6.82 56.63 -2.77
C ILE E 335 -7.69 55.78 -3.72
N LYS E 336 -8.72 56.37 -4.34
CA LYS E 336 -9.55 55.64 -5.32
C LYS E 336 -8.89 55.56 -6.69
N GLU E 337 -8.11 56.57 -7.04
CA GLU E 337 -7.31 56.50 -8.25
C GLU E 337 -6.03 57.33 -8.11
N ILE E 338 -4.95 56.76 -8.61
CA ILE E 338 -3.66 57.41 -8.58
C ILE E 338 -3.22 57.62 -10.01
N SER E 339 -2.29 58.55 -10.20
CA SER E 339 -1.83 58.92 -11.53
C SER E 339 -1.11 57.79 -12.27
N ARG E 340 -1.02 57.93 -13.58
CA ARG E 340 -0.35 56.95 -14.40
C ARG E 340 1.14 57.05 -14.18
N VAL E 341 1.62 58.26 -13.89
CA VAL E 341 3.05 58.49 -13.75
C VAL E 341 3.56 58.57 -12.31
N PHE E 342 4.77 58.04 -12.15
CA PHE E 342 5.54 58.18 -10.93
C PHE E 342 6.99 58.40 -11.36
N ARG E 343 7.85 58.74 -10.42
CA ARG E 343 9.24 58.94 -10.72
C ARG E 343 10.08 57.94 -9.92
N ARG E 344 10.72 57.01 -10.62
CA ARG E 344 11.69 56.10 -10.01
C ARG E 344 13.04 56.77 -9.83
N MET E 345 13.67 56.50 -8.72
CA MET E 345 14.97 57.07 -8.42
C MET E 345 16.09 56.40 -9.22
N GLY E 346 16.96 57.25 -9.78
CA GLY E 346 18.10 56.83 -10.56
C GLY E 346 19.40 57.00 -9.79
N PRO E 347 20.53 56.74 -10.46
CA PRO E 347 21.89 56.86 -9.90
C PRO E 347 22.39 58.30 -9.72
N GLN E 348 23.39 58.52 -8.87
CA GLN E 348 24.00 59.84 -8.76
C GLN E 348 24.77 60.22 -10.03
N PHE E 349 24.78 61.50 -10.36
CA PHE E 349 25.34 61.97 -11.63
C PHE E 349 26.78 61.53 -11.83
N GLU E 350 27.50 61.29 -10.73
CA GLU E 350 28.92 60.95 -10.80
C GLU E 350 29.12 59.59 -11.43
N ASP E 351 28.15 58.71 -11.31
CA ASP E 351 28.41 57.31 -11.56
C ASP E 351 28.17 57.06 -13.03
N GLU E 352 29.25 56.95 -13.79
CA GLU E 352 29.17 56.93 -15.24
C GLU E 352 28.44 55.70 -15.78
N ARG E 353 28.95 54.52 -15.43
CA ARG E 353 28.46 53.23 -15.97
C ARG E 353 26.96 53.06 -15.82
N ASN E 354 26.44 53.28 -14.61
CA ASN E 354 25.04 53.04 -14.33
C ASN E 354 24.15 54.15 -14.86
N VAL E 355 24.72 55.35 -15.00
CA VAL E 355 23.96 56.43 -15.63
C VAL E 355 23.78 56.07 -17.11
N LYS E 356 24.82 55.60 -17.77
CA LYS E 356 24.68 55.18 -19.17
C LYS E 356 23.61 54.08 -19.31
N LYS E 357 23.58 53.15 -18.36
CA LYS E 357 22.60 52.06 -18.35
C LYS E 357 21.20 52.57 -18.01
N PHE E 358 21.16 53.57 -17.14
CA PHE E 358 19.88 54.09 -16.68
C PHE E 358 19.20 54.85 -17.83
N LEU E 359 19.99 55.53 -18.64
CA LEU E 359 19.41 56.38 -19.69
C LEU E 359 19.18 55.69 -21.05
N SER E 360 19.65 54.46 -21.23
CA SER E 360 19.52 53.77 -22.53
C SER E 360 18.19 53.02 -22.68
N ARG E 361 17.26 53.30 -21.77
CA ARG E 361 15.94 52.67 -21.75
C ARG E 361 14.94 53.59 -22.40
N ASN E 362 14.01 53.01 -23.15
CA ASN E 362 13.02 53.79 -23.90
C ASN E 362 11.91 54.28 -22.98
N ARG E 363 11.82 55.61 -22.86
CA ARG E 363 10.86 56.26 -21.97
C ARG E 363 10.17 57.41 -22.69
N ALA E 364 8.87 57.57 -22.44
CA ALA E 364 8.09 58.59 -23.12
C ALA E 364 8.55 60.00 -22.76
N PHE E 365 9.07 60.15 -21.55
CA PHE E 365 9.53 61.45 -21.08
C PHE E 365 11.01 61.40 -20.74
N ARG E 366 11.71 62.52 -20.99
CA ARG E 366 13.14 62.58 -20.75
C ARG E 366 13.43 62.56 -19.25
N PRO E 367 14.39 61.73 -18.81
CA PRO E 367 14.75 61.80 -17.38
C PRO E 367 15.37 63.14 -16.98
N PHE E 368 15.68 63.29 -15.70
CA PHE E 368 16.16 64.56 -15.17
C PHE E 368 17.00 64.38 -13.90
N ILE E 369 17.83 65.37 -13.66
CA ILE E 369 18.70 65.41 -12.51
C ILE E 369 18.00 66.16 -11.38
N GLU E 370 18.00 65.55 -10.20
CA GLU E 370 17.49 66.18 -9.00
C GLU E 370 18.35 65.85 -7.78
N ASN E 371 18.67 66.88 -7.00
CA ASN E 371 19.49 66.74 -5.78
C ASN E 371 20.73 65.89 -6.03
N GLY E 372 21.39 66.13 -7.16
CA GLY E 372 22.65 65.50 -7.45
C GLY E 372 22.50 64.06 -7.90
N ARG E 373 21.32 63.69 -8.37
CA ARG E 373 21.12 62.38 -8.95
C ARG E 373 19.96 62.32 -9.95
N TRP E 374 20.00 61.29 -10.79
CA TRP E 374 19.05 61.11 -11.87
C TRP E 374 17.71 60.56 -11.40
N TRP E 375 16.66 60.98 -12.10
CA TRP E 375 15.31 60.47 -11.87
C TRP E 375 14.65 60.27 -13.23
N ALA E 376 13.78 59.28 -13.33
CA ALA E 376 13.10 58.99 -14.59
C ALA E 376 11.57 58.92 -14.41
N PHE E 377 10.85 59.32 -15.44
CA PHE E 377 9.40 59.18 -15.44
C PHE E 377 8.97 57.83 -15.98
N GLU E 378 8.24 57.08 -15.17
CA GLU E 378 7.74 55.76 -15.56
C GLU E 378 6.22 55.69 -15.41
N MET E 379 5.65 54.57 -15.84
CA MET E 379 4.21 54.39 -15.97
C MET E 379 3.75 53.13 -15.25
N ARG E 380 2.86 53.30 -14.27
CA ARG E 380 2.38 52.15 -13.50
C ARG E 380 1.32 51.33 -14.23
N LYS E 381 1.27 50.03 -13.92
CA LYS E 381 0.40 49.09 -14.61
C LYS E 381 -1.05 49.26 -14.20
N PHE E 382 -1.29 49.95 -13.08
CA PHE E 382 -2.64 50.16 -12.57
C PHE E 382 -2.80 51.48 -11.80
N THR E 383 -3.94 52.12 -12.02
CA THR E 383 -4.24 53.40 -11.44
C THR E 383 -5.12 53.40 -10.21
N THR E 384 -5.65 52.24 -9.82
CA THR E 384 -6.55 52.17 -8.66
C THR E 384 -6.31 50.95 -7.76
N PRO E 385 -6.75 51.03 -6.49
CA PRO E 385 -6.51 49.94 -5.53
C PRO E 385 -7.04 48.57 -5.99
N GLU E 386 -8.27 48.54 -6.54
CA GLU E 386 -8.85 47.28 -7.02
C GLU E 386 -8.05 46.71 -8.19
N GLU E 387 -7.57 47.59 -9.08
CA GLU E 387 -6.74 47.18 -10.21
C GLU E 387 -5.46 46.49 -9.72
N GLY E 388 -4.83 47.10 -8.73
CA GLY E 388 -3.58 46.57 -8.22
C GLY E 388 -3.76 45.26 -7.50
N VAL E 389 -4.83 45.12 -6.73
CA VAL E 389 -5.04 43.88 -5.98
C VAL E 389 -5.45 42.74 -6.91
N ARG E 390 -6.28 43.05 -7.91
CA ARG E 390 -6.61 42.07 -8.93
C ARG E 390 -5.31 41.50 -9.49
N SER E 391 -4.43 42.40 -9.91
CA SER E 391 -3.17 41.99 -10.50
C SER E 391 -2.34 41.28 -9.46
N TYR E 392 -2.38 41.77 -8.22
CA TYR E 392 -1.54 41.22 -7.16
C TYR E 392 -1.98 39.85 -6.68
N ALA E 393 -3.27 39.69 -6.38
CA ALA E 393 -3.78 38.41 -5.89
C ALA E 393 -3.69 37.32 -6.95
N SER E 394 -3.88 37.69 -8.21
CA SER E 394 -3.85 36.69 -9.27
C SER E 394 -2.40 36.25 -9.54
N THR E 395 -1.44 37.18 -9.58
CA THR E 395 -0.06 36.79 -9.87
C THR E 395 0.65 36.17 -8.65
N HIS E 396 0.45 36.77 -7.48
CA HIS E 396 1.14 36.40 -6.24
C HIS E 396 0.37 35.39 -5.38
N TRP E 397 -0.67 34.78 -5.93
CA TRP E 397 -1.59 33.97 -5.13
C TRP E 397 -0.92 33.04 -4.12
N HIS E 398 0.27 32.54 -4.45
CA HIS E 398 0.93 31.55 -3.61
C HIS E 398 1.43 32.03 -2.23
N THR E 399 1.77 33.31 -2.10
CA THR E 399 2.30 33.82 -0.83
C THR E 399 1.19 34.21 0.14
N LEU E 400 -0.06 33.94 -0.25
CA LEU E 400 -1.24 34.29 0.54
C LEU E 400 -1.61 33.20 1.56
N GLY E 401 -0.75 32.21 1.72
CA GLY E 401 -1.02 31.09 2.60
C GLY E 401 -1.41 29.89 1.77
N LYS E 402 -1.06 28.70 2.25
CA LYS E 402 -1.20 27.50 1.41
C LYS E 402 -2.62 27.30 0.88
N ASN E 403 -3.54 26.97 1.78
CA ASN E 403 -4.91 26.62 1.40
C ASN E 403 -5.74 27.78 0.85
N VAL E 404 -5.64 28.95 1.49
CA VAL E 404 -6.31 30.16 0.98
C VAL E 404 -5.73 30.49 -0.39
N GLY E 405 -4.40 30.54 -0.45
CA GLY E 405 -3.67 30.83 -1.67
C GLY E 405 -3.97 29.87 -2.81
N GLU E 406 -4.29 28.62 -2.47
CA GLU E 406 -4.73 27.66 -3.46
C GLU E 406 -6.14 28.02 -3.95
N SER E 407 -7.01 28.37 -3.01
CA SER E 407 -8.39 28.72 -3.36
C SER E 407 -8.49 30.01 -4.17
N ILE E 408 -7.72 31.03 -3.78
CA ILE E 408 -7.72 32.29 -4.51
C ILE E 408 -7.18 32.09 -5.93
N ARG E 409 -6.27 31.14 -6.07
CA ARG E 409 -5.69 30.84 -7.38
C ARG E 409 -6.74 30.19 -8.26
N GLU E 410 -7.56 29.34 -7.68
CA GLU E 410 -8.51 28.59 -8.48
C GLU E 410 -9.81 29.38 -8.59
N TYR E 411 -9.92 30.47 -7.84
CA TYR E 411 -10.98 31.45 -8.07
C TYR E 411 -10.85 32.62 -7.10
N PHE E 412 -11.37 33.78 -7.47
CA PHE E 412 -11.49 34.93 -6.55
C PHE E 412 -12.08 36.12 -7.31
N GLU E 413 -12.58 37.11 -6.55
CA GLU E 413 -13.29 38.25 -7.13
C GLU E 413 -13.04 39.50 -6.27
N ILE E 414 -12.88 40.66 -6.92
CA ILE E 414 -12.74 41.94 -6.21
C ILE E 414 -14.10 42.66 -6.17
N ILE E 415 -14.66 42.81 -4.97
CA ILE E 415 -15.96 43.46 -4.77
C ILE E 415 -15.84 44.85 -4.16
N SER E 416 -16.74 45.76 -4.54
CA SER E 416 -16.73 47.10 -3.97
C SER E 416 -18.07 47.80 -4.05
N GLY E 417 -18.23 48.84 -3.23
CA GLY E 417 -19.36 49.75 -3.36
C GLY E 417 -20.71 49.10 -3.32
N GLU E 418 -21.58 49.52 -4.25
CA GLU E 418 -22.99 49.11 -4.26
C GLU E 418 -23.05 47.59 -4.40
N LYS E 419 -22.07 47.07 -5.13
CA LYS E 419 -21.95 45.66 -5.42
C LYS E 419 -21.56 44.89 -4.14
N LEU E 420 -20.80 45.56 -3.27
CA LEU E 420 -20.28 44.96 -2.04
C LEU E 420 -21.23 44.86 -0.85
N PHE E 421 -22.00 45.92 -0.62
CA PHE E 421 -22.82 46.05 0.59
C PHE E 421 -23.97 45.05 0.71
N LYS E 422 -24.23 44.31 -0.36
CA LYS E 422 -25.17 43.19 -0.29
C LYS E 422 -24.53 41.90 0.30
N GLU E 423 -23.20 41.84 0.38
CA GLU E 423 -22.50 40.69 1.00
C GLU E 423 -22.61 40.74 2.53
N PRO E 424 -22.40 39.59 3.21
CA PRO E 424 -22.59 39.60 4.68
C PRO E 424 -21.35 39.98 5.50
N VAL E 425 -20.64 41.03 5.07
CA VAL E 425 -19.47 41.54 5.76
C VAL E 425 -19.83 42.83 6.53
N THR E 426 -21.12 43.16 6.52
CA THR E 426 -21.64 44.42 7.04
C THR E 426 -21.21 44.78 8.47
N ALA E 427 -21.18 43.81 9.37
CA ALA E 427 -20.75 44.05 10.75
C ALA E 427 -19.25 44.36 10.80
N GLU E 428 -18.49 43.71 9.93
CA GLU E 428 -17.04 43.84 9.89
C GLU E 428 -16.58 45.20 9.36
N LEU E 429 -17.21 45.65 8.27
CA LEU E 429 -16.87 46.94 7.69
C LEU E 429 -17.03 48.10 8.68
N CYS E 430 -18.02 47.99 9.57
CA CYS E 430 -18.29 49.06 10.53
C CYS E 430 -17.16 49.21 11.54
N GLU E 431 -16.77 48.10 12.14
CA GLU E 431 -15.66 48.10 13.11
C GLU E 431 -14.37 48.56 12.45
N MET E 432 -14.20 48.23 11.18
CA MET E 432 -13.03 48.66 10.41
C MET E 432 -12.97 50.19 10.33
N MET E 433 -14.14 50.78 10.05
CA MET E 433 -14.30 52.22 9.92
C MET E 433 -14.50 52.92 11.26
N GLY E 434 -14.83 52.15 12.28
CA GLY E 434 -15.09 52.72 13.59
C GLY E 434 -16.40 53.48 13.61
N VAL E 435 -17.45 52.84 13.12
CA VAL E 435 -18.79 53.43 13.05
C VAL E 435 -19.52 53.41 14.41
N LYS E 436 -20.14 54.54 14.76
CA LYS E 436 -20.86 54.77 16.02
C LYS E 436 -22.37 54.44 15.94
N ASP E 437 -23.15 54.93 16.91
CA ASP E 437 -24.59 54.64 16.99
C ASP E 437 -25.48 55.80 16.52
N LYS G 2 34.61 66.47 -37.76
CA LYS G 2 35.55 66.06 -36.73
C LYS G 2 35.67 67.14 -35.65
N VAL G 3 36.09 66.73 -34.46
CA VAL G 3 36.29 67.65 -33.33
C VAL G 3 37.13 68.88 -33.71
N GLU G 4 38.08 68.72 -34.62
CA GLU G 4 38.99 69.81 -34.96
C GLU G 4 38.21 71.04 -35.40
N GLU G 5 37.51 70.91 -36.52
CA GLU G 5 36.84 72.06 -37.13
C GLU G 5 35.55 72.43 -36.41
N ILE G 6 35.00 71.51 -35.62
CA ILE G 6 33.79 71.84 -34.87
C ILE G 6 34.11 73.01 -33.96
N LEU G 7 35.20 72.89 -33.20
CA LEU G 7 35.63 73.95 -32.30
C LEU G 7 35.96 75.24 -33.08
N GLU G 8 36.48 75.08 -34.29
CA GLU G 8 36.90 76.23 -35.09
C GLU G 8 35.73 77.10 -35.51
N LYS G 9 34.65 76.46 -35.96
CA LYS G 9 33.44 77.18 -36.35
C LYS G 9 32.88 77.93 -35.16
N ALA G 10 32.86 77.25 -34.01
CA ALA G 10 32.29 77.79 -32.78
C ALA G 10 33.05 79.03 -32.36
N LEU G 11 34.34 79.08 -32.70
CA LEU G 11 35.17 80.24 -32.38
C LEU G 11 34.40 81.45 -32.87
N GLU G 12 33.86 81.35 -34.08
CA GLU G 12 33.13 82.44 -34.70
C GLU G 12 31.91 82.86 -33.89
N LEU G 13 31.30 81.92 -33.20
CA LEU G 13 30.10 82.21 -32.44
C LEU G 13 30.38 82.98 -31.14
N VAL G 14 31.48 82.65 -30.46
CA VAL G 14 31.78 83.22 -29.14
C VAL G 14 32.69 84.46 -29.14
N ILE G 15 33.32 84.73 -30.28
CA ILE G 15 34.37 85.74 -30.40
C ILE G 15 33.76 87.01 -31.00
N PRO G 16 33.99 88.18 -30.37
CA PRO G 16 33.43 89.48 -30.81
C PRO G 16 33.78 89.86 -32.25
N ASP G 17 32.80 90.35 -33.01
CA ASP G 17 33.04 90.75 -34.39
C ASP G 17 33.80 92.07 -34.44
N GLU G 18 34.19 92.49 -35.65
CA GLU G 18 35.13 93.61 -35.80
C GLU G 18 34.60 94.93 -35.24
N GLU G 19 33.35 95.28 -35.53
CA GLU G 19 32.82 96.56 -35.09
C GLU G 19 32.58 96.58 -33.59
N GLU G 20 32.44 95.40 -33.00
CA GLU G 20 32.27 95.32 -31.56
C GLU G 20 33.58 95.65 -30.85
N VAL G 21 34.66 95.07 -31.33
CA VAL G 21 35.99 95.29 -30.77
C VAL G 21 36.42 96.73 -30.89
N ARG G 22 36.13 97.34 -32.03
CA ARG G 22 36.54 98.73 -32.29
C ARG G 22 35.82 99.71 -31.37
N LYS G 23 34.50 99.55 -31.26
CA LYS G 23 33.69 100.42 -30.43
C LYS G 23 34.22 100.48 -29.00
N GLY G 24 34.67 99.33 -28.50
CA GLY G 24 35.16 99.22 -27.14
C GLY G 24 36.54 99.83 -26.91
N ARG G 25 37.46 99.57 -27.81
CA ARG G 25 38.82 100.10 -27.69
C ARG G 25 38.83 101.62 -27.79
N GLU G 26 38.14 102.15 -28.79
CA GLU G 26 37.98 103.59 -28.92
C GLU G 26 37.30 104.15 -27.69
N ALA G 27 36.23 103.49 -27.25
CA ALA G 27 35.50 103.95 -26.09
C ALA G 27 36.38 103.85 -24.85
N GLU G 28 37.34 102.94 -24.88
CA GLU G 28 38.33 102.82 -23.81
C GLU G 28 39.44 103.87 -24.02
N GLU G 29 39.84 104.03 -25.27
CA GLU G 29 40.94 104.91 -25.65
C GLU G 29 40.60 106.34 -25.23
N GLU G 30 39.32 106.67 -25.31
CA GLU G 30 38.79 107.97 -24.88
C GLU G 30 38.64 107.99 -23.36
N LEU G 31 38.23 106.86 -22.80
CA LEU G 31 38.08 106.75 -21.36
C LEU G 31 39.40 107.12 -20.71
N ARG G 32 40.47 106.42 -21.08
CA ARG G 32 41.81 106.75 -20.59
C ARG G 32 42.23 108.17 -20.95
N ARG G 33 41.66 108.72 -22.02
CA ARG G 33 41.94 110.10 -22.41
C ARG G 33 41.23 111.04 -21.45
N ARG G 34 40.05 110.62 -21.01
CA ARG G 34 39.25 111.37 -20.06
C ARG G 34 39.74 111.19 -18.62
N LEU G 35 40.30 110.02 -18.32
CA LEU G 35 40.82 109.71 -16.98
C LEU G 35 42.21 110.29 -16.71
N ASP G 36 43.01 110.46 -17.76
CA ASP G 36 44.33 111.08 -17.62
C ASP G 36 44.24 112.58 -17.38
N GLU G 37 43.06 113.16 -17.61
CA GLU G 37 42.83 114.58 -17.33
C GLU G 37 42.59 114.86 -15.83
N LEU G 38 41.96 113.92 -15.13
CA LEU G 38 41.55 114.12 -13.73
C LEU G 38 42.54 113.63 -12.65
N GLY G 39 43.67 113.06 -13.09
CA GLY G 39 44.75 112.69 -12.19
C GLY G 39 44.41 111.83 -10.99
N VAL G 40 43.62 110.78 -11.20
CA VAL G 40 43.34 109.81 -10.15
C VAL G 40 44.09 108.54 -10.53
N GLU G 41 44.59 107.81 -9.54
CA GLU G 41 45.23 106.51 -9.82
C GLU G 41 44.17 105.42 -9.97
N TYR G 42 44.32 104.60 -11.01
CA TYR G 42 43.33 103.57 -11.32
C TYR G 42 43.93 102.40 -12.10
N VAL G 43 43.09 101.41 -12.38
CA VAL G 43 43.46 100.27 -13.24
C VAL G 43 42.23 99.70 -13.95
N PHE G 44 42.40 99.30 -15.21
CA PHE G 44 41.31 98.67 -15.96
C PHE G 44 41.35 97.20 -15.63
N VAL G 45 40.17 96.63 -15.35
CA VAL G 45 40.09 95.25 -14.89
C VAL G 45 38.94 94.49 -15.52
N GLY G 46 38.77 93.24 -15.08
CA GLY G 46 37.64 92.44 -15.51
C GLY G 46 37.89 91.74 -16.85
N SER G 47 36.82 91.20 -17.41
CA SER G 47 36.88 90.41 -18.64
C SER G 47 37.39 91.19 -19.85
N TYR G 48 37.10 92.49 -19.91
CA TYR G 48 37.52 93.32 -21.03
C TYR G 48 39.03 93.55 -21.09
N ALA G 49 39.63 93.90 -19.95
CA ALA G 49 41.04 94.20 -19.91
C ALA G 49 41.84 93.00 -20.41
N ARG G 50 41.35 91.81 -20.11
CA ARG G 50 42.02 90.56 -20.51
C ARG G 50 41.58 90.04 -21.90
N ASN G 51 40.67 90.74 -22.57
CA ASN G 51 40.20 90.33 -23.89
C ASN G 51 39.51 88.96 -23.86
N THR G 52 38.92 88.63 -22.72
CA THR G 52 38.17 87.37 -22.61
C THR G 52 36.66 87.57 -22.79
N TRP G 53 36.22 88.79 -23.10
CA TRP G 53 34.78 89.06 -23.09
C TRP G 53 34.12 88.32 -24.23
N LEU G 54 32.90 87.84 -23.98
CA LEU G 54 32.18 86.99 -24.91
C LEU G 54 31.55 87.82 -26.02
N LYS G 55 31.30 87.21 -27.17
CA LYS G 55 30.69 87.92 -28.28
C LYS G 55 29.36 88.52 -27.84
N GLY G 56 29.18 89.81 -28.10
CA GLY G 56 27.97 90.53 -27.75
C GLY G 56 27.84 90.83 -26.26
N SER G 57 28.84 90.45 -25.47
CA SER G 57 28.85 90.67 -24.03
C SER G 57 29.66 91.90 -23.53
N LEU G 58 30.13 92.74 -24.45
CA LEU G 58 31.10 93.82 -24.12
C LEU G 58 30.68 94.84 -23.02
N GLU G 59 31.47 94.92 -21.94
CA GLU G 59 31.30 95.92 -20.87
C GLU G 59 32.66 96.28 -20.26
N ILE G 60 32.94 97.58 -20.10
CA ILE G 60 34.21 98.04 -19.52
C ILE G 60 34.11 98.33 -18.03
N ASP G 61 35.02 97.75 -17.25
CA ASP G 61 35.12 98.01 -15.82
C ASP G 61 36.40 98.80 -15.53
N VAL G 62 36.28 99.85 -14.74
CA VAL G 62 37.44 100.69 -14.37
C VAL G 62 37.43 101.00 -12.86
N PHE G 63 38.48 100.61 -12.15
CA PHE G 63 38.59 100.80 -10.70
C PHE G 63 39.49 101.95 -10.24
N LEU G 64 38.95 102.84 -9.42
CA LEU G 64 39.72 103.94 -8.87
C LEU G 64 40.46 103.53 -7.60
N LEU G 65 41.78 103.68 -7.59
CA LEU G 65 42.61 103.24 -6.47
C LEU G 65 42.97 104.44 -5.58
N PHE G 66 42.37 104.47 -4.39
CA PHE G 66 42.54 105.57 -3.42
C PHE G 66 43.39 105.14 -2.21
N PRO G 67 44.15 106.08 -1.60
CA PRO G 67 44.88 105.79 -0.34
C PRO G 67 43.99 105.36 0.85
N GLU G 68 44.59 104.70 1.84
CA GLU G 68 43.84 104.15 2.98
C GLU G 68 43.59 105.14 4.13
N GLU G 69 44.08 106.37 3.97
CA GLU G 69 43.94 107.40 4.99
C GLU G 69 42.52 107.97 5.11
N PHE G 70 41.65 107.62 4.18
CA PHE G 70 40.28 108.12 4.15
C PHE G 70 39.32 107.14 4.82
N SER G 71 38.03 107.50 4.87
CA SER G 71 37.02 106.70 5.56
C SER G 71 35.81 106.30 4.68
N LYS G 72 34.88 105.53 5.25
CA LYS G 72 33.75 104.97 4.50
C LYS G 72 32.88 106.05 3.84
N GLU G 73 32.79 107.20 4.49
CA GLU G 73 32.02 108.34 3.98
C GLU G 73 32.78 109.02 2.82
N GLU G 74 34.11 108.99 2.88
CA GLU G 74 34.97 109.69 1.93
C GLU G 74 35.17 109.05 0.55
N LEU G 75 34.95 107.74 0.41
CA LEU G 75 35.04 107.06 -0.89
C LEU G 75 33.89 107.38 -1.85
N ARG G 76 32.67 107.39 -1.33
CA ARG G 76 31.45 107.54 -2.13
C ARG G 76 31.46 108.81 -2.97
N GLU G 77 31.87 109.94 -2.38
CA GLU G 77 31.85 111.23 -3.06
C GLU G 77 32.86 111.30 -4.20
N ARG G 78 34.11 111.00 -3.88
CA ARG G 78 35.23 111.13 -4.82
C ARG G 78 35.27 110.02 -5.87
N GLY G 79 34.43 109.00 -5.69
CA GLY G 79 34.28 107.97 -6.69
C GLY G 79 33.15 108.30 -7.67
N LEU G 80 32.19 109.09 -7.20
CA LEU G 80 31.07 109.53 -8.03
C LEU G 80 31.44 110.71 -8.92
N GLU G 81 32.17 111.67 -8.37
CA GLU G 81 32.48 112.88 -9.11
C GLU G 81 33.47 112.59 -10.23
N ILE G 82 34.29 111.57 -10.04
CA ILE G 82 35.21 111.15 -11.08
C ILE G 82 34.42 110.39 -12.15
N GLY G 83 33.46 109.58 -11.70
CA GLY G 83 32.58 108.85 -12.60
C GLY G 83 31.76 109.80 -13.46
N LYS G 84 31.21 110.83 -12.81
CA LYS G 84 30.43 111.85 -13.50
C LYS G 84 31.28 112.53 -14.56
N ALA G 85 32.54 112.79 -14.21
CA ALA G 85 33.44 113.60 -15.02
C ALA G 85 33.94 112.89 -16.28
N VAL G 86 33.66 111.60 -16.39
CA VAL G 86 34.12 110.80 -17.51
C VAL G 86 32.97 110.38 -18.43
N LEU G 87 32.01 109.67 -17.87
CA LEU G 87 30.87 109.17 -18.61
C LEU G 87 30.10 110.28 -19.33
N ASP G 88 29.55 109.93 -20.49
CA ASP G 88 28.76 110.87 -21.27
C ASP G 88 27.42 110.93 -20.57
N SER G 89 26.73 109.80 -20.63
CA SER G 89 25.56 109.54 -19.83
C SER G 89 26.01 108.61 -18.73
N TYR G 90 25.53 108.83 -17.51
CA TYR G 90 25.96 108.02 -16.37
C TYR G 90 24.77 107.65 -15.49
N GLU G 91 24.96 106.65 -14.63
CA GLU G 91 23.94 106.25 -13.66
C GLU G 91 24.58 105.68 -12.39
N ILE G 92 23.97 105.99 -11.25
CA ILE G 92 24.47 105.52 -9.95
C ILE G 92 23.75 104.24 -9.54
N ARG G 93 24.50 103.13 -9.54
CA ARG G 93 23.97 101.82 -9.15
C ARG G 93 24.65 101.37 -7.85
N TYR G 94 23.88 100.68 -7.01
CA TYR G 94 24.37 100.18 -5.72
C TYR G 94 24.49 98.66 -5.76
N ALA G 95 25.55 98.12 -5.14
CA ALA G 95 25.64 96.70 -4.86
C ALA G 95 25.77 96.50 -3.35
N GLU G 96 26.97 96.76 -2.83
CA GLU G 96 27.17 96.89 -1.40
C GLU G 96 27.39 98.37 -1.13
N HIS G 97 28.60 98.83 -1.46
CA HIS G 97 28.89 100.26 -1.55
C HIS G 97 28.57 100.70 -2.98
N PRO G 98 28.14 101.96 -3.15
CA PRO G 98 27.64 102.45 -4.44
C PRO G 98 28.75 102.64 -5.50
N TYR G 99 28.43 102.37 -6.76
CA TYR G 99 29.35 102.63 -7.87
C TYR G 99 28.61 103.37 -9.00
N VAL G 100 29.33 103.74 -10.05
CA VAL G 100 28.77 104.51 -11.16
C VAL G 100 28.74 103.73 -12.48
N HIS G 101 27.54 103.31 -12.90
CA HIS G 101 27.33 102.74 -14.23
C HIS G 101 27.03 103.83 -15.26
N GLY G 102 27.02 103.45 -16.55
CA GLY G 102 26.62 104.38 -17.59
C GLY G 102 26.91 103.86 -18.97
N VAL G 103 26.99 104.78 -19.91
CA VAL G 103 27.30 104.44 -21.29
C VAL G 103 28.21 105.55 -21.85
N VAL G 104 29.22 105.16 -22.62
CA VAL G 104 30.11 106.09 -23.31
C VAL G 104 30.40 105.59 -24.73
N LYS G 105 30.07 106.41 -25.72
CA LYS G 105 30.27 106.03 -27.13
C LYS G 105 29.67 104.65 -27.38
N GLY G 106 28.46 104.46 -26.90
CA GLY G 106 27.67 103.29 -27.17
C GLY G 106 27.94 102.18 -26.17
N VAL G 107 29.11 102.20 -25.53
CA VAL G 107 29.52 101.11 -24.65
C VAL G 107 29.34 101.42 -23.16
N GLU G 108 28.89 100.39 -22.42
CA GLU G 108 28.70 100.51 -20.98
C GLU G 108 30.02 100.58 -20.23
N VAL G 109 29.98 101.25 -19.08
CA VAL G 109 31.18 101.47 -18.28
C VAL G 109 30.82 101.42 -16.79
N ASP G 110 31.67 100.78 -16.00
CA ASP G 110 31.52 100.73 -14.56
C ASP G 110 32.70 101.38 -13.85
N VAL G 111 32.43 102.28 -12.92
CA VAL G 111 33.50 102.91 -12.15
C VAL G 111 33.37 102.69 -10.63
N VAL G 112 34.30 101.93 -10.05
CA VAL G 112 34.24 101.57 -8.62
C VAL G 112 35.43 102.12 -7.79
N PRO G 113 35.17 103.02 -6.82
CA PRO G 113 36.28 103.47 -5.97
C PRO G 113 36.73 102.38 -4.97
N CYS G 114 38.02 102.32 -4.66
CA CYS G 114 38.51 101.40 -3.63
C CYS G 114 39.95 101.75 -3.18
N TYR G 115 40.46 100.95 -2.23
CA TYR G 115 41.79 101.15 -1.65
C TYR G 115 42.91 100.62 -2.55
N LYS G 116 44.11 101.18 -2.41
CA LYS G 116 45.29 100.60 -3.06
C LYS G 116 45.97 99.61 -2.09
N SER G 125 36.32 93.64 2.25
CA SER G 125 35.19 93.51 1.35
C SER G 125 35.46 92.47 0.26
N ALA G 126 34.41 91.96 -0.35
CA ALA G 126 34.54 91.00 -1.45
C ALA G 126 34.76 91.69 -2.78
N VAL G 127 34.51 93.01 -2.83
CA VAL G 127 34.75 93.83 -4.02
C VAL G 127 36.25 94.13 -4.19
N ASP G 128 37.01 93.80 -3.16
CA ASP G 128 38.45 94.01 -3.16
C ASP G 128 39.16 92.91 -3.97
N ARG G 129 38.48 91.77 -4.15
CA ARG G 129 39.04 90.64 -4.90
C ARG G 129 39.24 90.94 -6.39
N THR G 130 38.39 91.81 -6.96
CA THR G 130 38.33 91.98 -8.40
C THR G 130 39.66 92.38 -9.04
N PRO G 131 40.29 93.46 -8.53
CA PRO G 131 41.53 93.85 -9.19
C PRO G 131 42.68 92.82 -9.07
N PHE G 132 42.76 92.11 -7.95
CA PHE G 132 43.84 91.13 -7.75
C PHE G 132 43.71 89.93 -8.68
N HIS G 133 42.47 89.53 -8.95
CA HIS G 133 42.18 88.50 -9.94
C HIS G 133 42.85 88.88 -11.27
N HIS G 134 42.79 90.16 -11.61
CA HIS G 134 43.34 90.61 -12.89
C HIS G 134 44.85 90.47 -12.85
N LYS G 135 45.47 90.91 -11.75
CA LYS G 135 46.92 90.78 -11.55
C LYS G 135 47.39 89.32 -11.59
N TRP G 136 46.58 88.41 -11.05
CA TRP G 136 46.92 86.99 -11.05
C TRP G 136 46.83 86.48 -12.49
N LEU G 137 45.74 86.82 -13.16
CA LEU G 137 45.44 86.27 -14.49
C LEU G 137 46.15 86.94 -15.68
N GLU G 138 46.34 88.27 -15.64
CA GLU G 138 46.83 88.98 -16.82
C GLU G 138 48.07 88.30 -17.41
N GLY G 139 48.92 87.75 -16.57
CA GLY G 139 50.13 87.12 -17.06
C GLY G 139 49.89 85.71 -17.58
N ARG G 140 48.94 85.01 -16.98
CA ARG G 140 48.71 83.59 -17.28
C ARG G 140 47.66 83.32 -18.39
N ILE G 141 46.89 84.32 -18.81
CA ILE G 141 45.84 84.10 -19.82
C ILE G 141 46.27 84.36 -21.27
N LYS G 142 47.43 84.97 -21.49
CA LYS G 142 47.81 85.37 -22.85
C LYS G 142 47.98 84.18 -23.79
N GLY G 143 47.24 84.25 -24.88
CA GLY G 143 47.18 83.19 -25.88
C GLY G 143 45.98 82.28 -25.63
N LYS G 144 45.52 82.25 -24.39
CA LYS G 144 44.42 81.35 -24.05
C LYS G 144 43.05 82.01 -24.13
N GLU G 145 43.01 83.25 -24.62
CA GLU G 145 41.78 84.05 -24.56
C GLU G 145 40.55 83.33 -25.11
N ASN G 146 40.70 82.75 -26.30
CA ASN G 146 39.58 82.11 -26.96
C ASN G 146 39.16 80.86 -26.18
N GLU G 147 40.12 80.24 -25.50
CA GLU G 147 39.83 79.07 -24.70
C GLU G 147 38.87 79.44 -23.59
N VAL G 148 39.08 80.62 -23.00
CA VAL G 148 38.13 81.14 -22.01
C VAL G 148 36.77 81.27 -22.70
N ARG G 149 36.77 81.98 -23.82
CA ARG G 149 35.56 82.29 -24.56
C ARG G 149 34.82 81.02 -24.98
N LEU G 150 35.58 79.99 -25.34
CA LEU G 150 35.01 78.70 -25.71
C LEU G 150 34.26 78.05 -24.54
N LEU G 151 34.90 78.00 -23.37
CA LEU G 151 34.28 77.44 -22.19
C LEU G 151 33.03 78.22 -21.82
N LYS G 152 33.18 79.55 -21.71
CA LYS G 152 32.08 80.46 -21.40
C LYS G 152 30.95 80.23 -22.39
N GLY G 153 31.30 80.29 -23.67
CA GLY G 153 30.32 80.15 -24.73
C GLY G 153 29.60 78.83 -24.68
N PHE G 154 30.36 77.76 -24.44
CA PHE G 154 29.80 76.44 -24.23
C PHE G 154 28.78 76.47 -23.09
N LEU G 155 29.10 77.21 -22.01
CA LEU G 155 28.22 77.28 -20.83
C LEU G 155 26.94 78.07 -21.10
N LYS G 156 27.06 79.29 -21.62
CA LYS G 156 25.87 80.11 -21.85
C LYS G 156 24.89 79.42 -22.80
N ALA G 157 25.38 78.45 -23.56
CA ALA G 157 24.53 77.75 -24.51
C ALA G 157 23.63 76.78 -23.77
N ASN G 158 24.16 76.23 -22.70
CA ASN G 158 23.40 75.31 -21.88
C ASN G 158 22.82 76.01 -20.65
N GLY G 159 22.98 77.33 -20.62
CA GLY G 159 22.32 78.16 -19.64
C GLY G 159 22.92 78.14 -18.24
N ILE G 160 24.08 77.51 -18.08
CA ILE G 160 24.80 77.49 -16.79
C ILE G 160 25.92 78.53 -16.66
N TYR G 161 26.03 79.52 -17.55
CA TYR G 161 27.20 80.41 -17.48
C TYR G 161 27.19 81.43 -16.32
N GLY G 162 26.41 82.51 -16.36
CA GLY G 162 26.43 83.49 -15.27
C GLY G 162 26.29 82.89 -13.87
N ALA G 163 26.92 83.50 -12.86
CA ALA G 163 26.86 82.97 -11.50
C ALA G 163 25.76 83.62 -10.67
N GLU G 164 25.00 84.54 -11.26
CA GLU G 164 23.94 85.21 -10.52
C GLU G 164 22.82 84.21 -10.19
N TYR G 165 21.98 84.57 -9.22
CA TYR G 165 20.98 83.66 -8.64
C TYR G 165 19.94 83.20 -9.63
N LYS G 166 19.82 83.91 -10.74
CA LYS G 166 18.96 83.51 -11.85
C LYS G 166 19.53 82.27 -12.53
N VAL G 167 20.81 82.00 -12.27
CA VAL G 167 21.58 80.95 -12.96
C VAL G 167 22.19 79.93 -11.98
N ARG G 168 23.00 80.43 -11.06
CA ARG G 168 23.74 79.55 -10.14
C ARG G 168 24.64 78.66 -10.98
N GLY G 169 25.33 79.30 -11.92
CA GLY G 169 26.27 78.65 -12.79
C GLY G 169 27.70 79.04 -12.49
N PHE G 170 28.53 78.98 -13.53
CA PHE G 170 29.97 79.24 -13.45
C PHE G 170 30.31 80.72 -13.71
N SER G 171 30.84 81.45 -12.73
CA SER G 171 31.20 82.85 -13.00
C SER G 171 32.33 82.92 -14.01
N GLY G 172 32.47 84.06 -14.71
CA GLY G 172 33.53 84.26 -15.68
C GLY G 172 34.93 83.99 -15.17
N TYR G 173 35.28 84.60 -14.04
CA TYR G 173 36.58 84.35 -13.40
C TYR G 173 36.77 82.85 -13.16
N LEU G 174 35.70 82.15 -12.82
CA LEU G 174 35.81 80.71 -12.62
C LEU G 174 36.24 80.07 -13.93
N CYS G 175 35.71 80.54 -15.07
CA CYS G 175 36.14 80.05 -16.38
C CYS G 175 37.65 80.34 -16.62
N GLU G 176 38.08 81.55 -16.28
CA GLU G 176 39.46 81.96 -16.44
C GLU G 176 40.40 81.11 -15.60
N LEU G 177 40.02 80.78 -14.38
CA LEU G 177 40.86 79.93 -13.56
C LEU G 177 41.07 78.56 -14.22
N LEU G 178 39.97 77.97 -14.69
CA LEU G 178 39.98 76.63 -15.28
C LEU G 178 40.91 76.55 -16.49
N ILE G 179 40.85 77.50 -17.42
CA ILE G 179 41.77 77.45 -18.56
C ILE G 179 43.20 77.55 -18.06
N VAL G 180 43.43 78.40 -17.07
CA VAL G 180 44.75 78.50 -16.47
C VAL G 180 45.10 77.19 -15.74
N PHE G 181 44.08 76.48 -15.25
CA PHE G 181 44.30 75.20 -14.61
C PHE G 181 44.48 74.02 -15.60
N TYR G 182 43.55 73.89 -16.54
CA TYR G 182 43.59 72.78 -17.51
C TYR G 182 44.30 73.13 -18.81
N GLY G 183 44.59 74.42 -19.00
CA GLY G 183 45.34 74.86 -20.17
C GLY G 183 44.43 75.18 -21.35
N SER G 184 43.25 74.57 -21.37
CA SER G 184 42.29 74.80 -22.47
C SER G 184 40.84 74.31 -22.19
N PHE G 185 39.95 74.63 -23.12
CA PHE G 185 38.57 74.15 -23.07
C PHE G 185 38.52 72.63 -23.13
N LEU G 186 39.12 72.03 -24.16
CA LEU G 186 38.98 70.60 -24.39
C LEU G 186 39.43 69.78 -23.21
N GLU G 187 40.60 70.09 -22.65
CA GLU G 187 41.08 69.32 -21.53
C GLU G 187 40.18 69.50 -20.32
N THR G 188 39.55 70.68 -20.21
CA THR G 188 38.66 70.96 -19.09
C THR G 188 37.46 70.07 -19.17
N VAL G 189 36.80 70.09 -20.32
CA VAL G 189 35.68 69.20 -20.56
C VAL G 189 36.12 67.73 -20.32
N LYS G 190 37.30 67.35 -20.83
CA LYS G 190 37.81 66.00 -20.66
C LYS G 190 37.87 65.65 -19.18
N ASN G 191 38.37 66.57 -18.38
CA ASN G 191 38.53 66.34 -16.94
C ASN G 191 37.22 66.52 -16.18
N ALA G 192 36.42 67.49 -16.63
CA ALA G 192 35.15 67.81 -15.97
C ALA G 192 34.30 66.57 -15.79
N ARG G 193 34.44 65.62 -16.72
CA ARG G 193 33.73 64.35 -16.66
C ARG G 193 34.08 63.57 -15.40
N ARG G 194 35.27 63.81 -14.89
CA ARG G 194 35.78 63.05 -13.75
C ARG G 194 35.43 63.75 -12.44
N TRP G 195 34.72 64.86 -12.54
CA TRP G 195 34.31 65.59 -11.34
C TRP G 195 33.36 64.78 -10.44
N THR G 196 33.43 65.05 -9.14
CA THR G 196 32.48 64.52 -8.17
C THR G 196 32.06 65.68 -7.28
N ARG G 197 31.00 65.49 -6.51
CA ARG G 197 30.49 66.55 -5.66
C ARG G 197 31.49 67.03 -4.62
N ARG G 198 32.43 66.17 -4.26
CA ARG G 198 33.41 66.51 -3.23
C ARG G 198 34.75 67.01 -3.77
N THR G 199 34.84 67.24 -5.07
CA THR G 199 36.09 67.71 -5.69
C THR G 199 36.60 69.04 -5.13
N VAL G 200 37.88 69.04 -4.76
CA VAL G 200 38.59 70.26 -4.40
C VAL G 200 39.63 70.58 -5.47
N ILE G 201 39.56 71.79 -6.03
CA ILE G 201 40.60 72.25 -6.95
C ILE G 201 41.39 73.41 -6.32
N ASP G 202 42.63 73.16 -5.93
CA ASP G 202 43.45 74.25 -5.41
C ASP G 202 44.22 74.77 -6.60
N VAL G 203 43.85 75.97 -7.01
CA VAL G 203 44.40 76.58 -8.21
C VAL G 203 45.86 76.92 -7.97
N ALA G 204 46.14 77.64 -6.89
CA ALA G 204 47.52 78.06 -6.61
C ALA G 204 48.48 76.87 -6.42
N LYS G 205 47.93 75.72 -6.00
CA LYS G 205 48.76 74.55 -5.68
C LYS G 205 48.86 73.54 -6.81
N GLY G 206 48.21 73.83 -7.93
CA GLY G 206 48.20 72.88 -9.03
C GLY G 206 47.70 71.52 -8.59
N GLU G 207 46.71 71.52 -7.69
CA GLU G 207 46.27 70.30 -7.01
C GLU G 207 44.78 70.03 -7.12
N VAL G 208 44.47 68.75 -7.28
CA VAL G 208 43.09 68.27 -7.22
C VAL G 208 42.99 67.25 -6.07
N ARG G 209 42.13 67.51 -5.10
CA ARG G 209 41.95 66.59 -3.99
C ARG G 209 40.46 66.46 -3.63
N LYS G 210 40.13 65.50 -2.78
CA LYS G 210 38.76 65.25 -2.34
C LYS G 210 38.42 66.08 -1.10
N GLY G 211 37.37 66.88 -1.20
CA GLY G 211 36.89 67.69 -0.10
C GLY G 211 35.61 67.14 0.49
N GLU G 212 34.87 68.03 1.16
CA GLU G 212 33.50 67.74 1.60
C GLU G 212 32.41 68.30 0.64
N GLU G 213 32.85 69.15 -0.28
CA GLU G 213 31.95 69.78 -1.25
C GLU G 213 32.78 70.25 -2.43
N PHE G 214 32.13 70.49 -3.56
CA PHE G 214 32.84 70.89 -4.75
C PHE G 214 33.40 72.30 -4.50
N PHE G 215 34.73 72.44 -4.54
CA PHE G 215 35.38 73.64 -4.02
C PHE G 215 36.50 74.09 -4.99
N VAL G 216 36.43 75.33 -5.48
CA VAL G 216 37.48 75.89 -6.35
C VAL G 216 38.22 76.99 -5.61
N VAL G 217 39.47 76.74 -5.24
CA VAL G 217 40.11 77.67 -4.34
C VAL G 217 40.74 78.86 -5.10
N ASP G 218 40.20 80.03 -4.76
CA ASP G 218 40.64 81.33 -5.25
C ASP G 218 42.11 81.52 -4.91
N PRO G 219 42.99 81.67 -5.94
CA PRO G 219 44.38 81.96 -5.65
C PRO G 219 44.56 83.20 -4.76
N VAL G 220 43.66 84.18 -4.88
CA VAL G 220 43.75 85.43 -4.13
C VAL G 220 43.39 85.27 -2.65
N ASP G 221 42.26 84.61 -2.39
CA ASP G 221 41.80 84.30 -1.02
C ASP G 221 41.56 82.79 -0.94
N GLU G 222 42.44 82.09 -0.22
CA GLU G 222 42.39 80.64 -0.24
C GLU G 222 41.21 80.12 0.58
N LYS G 223 40.59 81.01 1.37
CA LYS G 223 39.42 80.63 2.18
C LYS G 223 38.13 80.72 1.37
N ARG G 224 38.20 81.40 0.22
CA ARG G 224 37.01 81.70 -0.54
C ARG G 224 36.77 80.63 -1.60
N ASN G 225 35.50 80.31 -1.86
CA ASN G 225 35.13 79.37 -2.92
C ASN G 225 34.64 80.06 -4.19
N VAL G 226 35.39 79.88 -5.26
CA VAL G 226 35.05 80.46 -6.55
C VAL G 226 33.77 79.81 -7.10
N ALA G 227 33.51 78.56 -6.70
CA ALA G 227 32.32 77.80 -7.15
C ALA G 227 31.12 77.90 -6.19
N ALA G 228 31.22 78.78 -5.20
CA ALA G 228 30.24 78.87 -4.11
C ALA G 228 28.79 78.86 -4.59
N ASN G 229 28.46 79.66 -5.61
CA ASN G 229 27.07 79.77 -6.06
C ASN G 229 26.71 78.82 -7.20
N LEU G 230 27.63 77.93 -7.58
CA LEU G 230 27.29 76.90 -8.56
C LEU G 230 26.38 75.86 -7.90
N SER G 231 25.17 75.65 -8.42
CA SER G 231 24.27 74.68 -7.80
C SER G 231 24.72 73.27 -8.14
N LEU G 232 24.30 72.32 -7.32
CA LEU G 232 24.70 70.95 -7.54
C LEU G 232 24.15 70.46 -8.87
N ASP G 233 22.90 70.80 -9.15
CA ASP G 233 22.23 70.31 -10.35
C ASP G 233 22.84 70.84 -11.66
N ASN G 234 23.39 72.06 -11.64
CA ASN G 234 24.00 72.63 -12.84
C ASN G 234 25.40 72.04 -13.02
N LEU G 235 26.07 71.86 -11.89
CA LEU G 235 27.38 71.22 -11.84
C LEU G 235 27.28 69.81 -12.43
N ALA G 236 26.15 69.16 -12.16
CA ALA G 236 25.88 67.80 -12.62
C ALA G 236 25.59 67.78 -14.12
N ARG G 237 24.99 68.85 -14.62
CA ARG G 237 24.68 68.98 -16.03
C ARG G 237 25.97 69.20 -16.78
N PHE G 238 26.89 69.96 -16.17
CA PHE G 238 28.16 70.28 -16.79
C PHE G 238 28.93 68.99 -17.02
N VAL G 239 28.98 68.16 -15.99
CA VAL G 239 29.62 66.86 -16.09
C VAL G 239 28.91 66.04 -17.17
N HIS G 240 27.59 66.11 -17.15
CA HIS G 240 26.76 65.45 -18.16
C HIS G 240 27.00 65.96 -19.59
N LEU G 241 27.06 67.28 -19.73
CA LEU G 241 27.28 67.89 -21.04
C LEU G 241 28.66 67.54 -21.54
N CYS G 242 29.61 67.50 -20.61
CA CYS G 242 31.00 67.15 -20.92
C CYS G 242 31.10 65.70 -21.34
N ARG G 243 30.41 64.83 -20.61
CA ARG G 243 30.38 63.41 -20.94
C ARG G 243 29.70 63.20 -22.30
N GLU G 244 28.62 63.95 -22.54
CA GLU G 244 27.94 63.86 -23.83
C GLU G 244 28.85 64.39 -24.94
N PHE G 245 29.53 65.50 -24.69
CA PHE G 245 30.38 66.16 -25.70
C PHE G 245 31.60 65.35 -26.16
N MET G 246 32.22 64.61 -25.26
CA MET G 246 33.42 63.85 -25.59
C MET G 246 33.15 62.62 -26.45
N GLU G 247 31.97 62.04 -26.32
CA GLU G 247 31.60 60.87 -27.13
C GLU G 247 31.14 61.23 -28.56
N ALA G 248 30.35 62.30 -28.65
CA ALA G 248 29.80 62.75 -29.93
C ALA G 248 29.78 64.28 -29.99
N PRO G 249 30.96 64.89 -30.18
CA PRO G 249 31.02 66.34 -30.26
C PRO G 249 30.33 66.85 -31.51
N SER G 250 29.43 67.83 -31.35
CA SER G 250 28.78 68.47 -32.47
C SER G 250 28.67 69.95 -32.16
N LEU G 251 28.44 70.78 -33.17
CA LEU G 251 28.41 72.22 -32.94
C LEU G 251 27.19 72.63 -32.13
N GLY G 252 26.15 71.79 -32.14
CA GLY G 252 24.92 72.10 -31.45
C GLY G 252 25.11 72.47 -30.00
N PHE G 253 26.17 71.95 -29.38
CA PHE G 253 26.44 72.19 -27.97
C PHE G 253 26.73 73.67 -27.71
N PHE G 254 27.14 74.41 -28.75
CA PHE G 254 27.49 75.84 -28.59
C PHE G 254 26.37 76.83 -28.94
N LYS G 255 25.22 76.33 -29.38
CA LYS G 255 24.11 77.21 -29.74
C LYS G 255 23.02 77.16 -28.66
N PRO G 256 22.61 78.35 -28.14
CA PRO G 256 21.50 78.37 -27.16
C PRO G 256 20.33 77.61 -27.75
N LYS G 257 19.65 76.83 -26.91
CA LYS G 257 18.73 75.81 -27.40
C LYS G 257 17.38 76.43 -27.77
N HIS G 258 16.65 75.71 -28.60
CA HIS G 258 15.34 76.18 -29.05
C HIS G 258 14.36 76.18 -27.90
N PRO G 259 13.43 77.14 -27.91
CA PRO G 259 12.43 77.12 -26.84
C PRO G 259 11.46 75.92 -26.87
N LEU G 260 11.19 75.35 -28.05
CA LEU G 260 10.19 74.28 -28.20
C LEU G 260 8.86 74.63 -27.52
N GLU G 261 8.13 75.58 -28.11
CA GLU G 261 6.79 75.93 -27.64
C GLU G 261 5.79 74.84 -28.00
N ILE G 262 4.96 74.44 -27.03
CA ILE G 262 3.96 73.41 -27.27
C ILE G 262 2.59 74.08 -27.23
N GLU G 263 1.68 73.60 -28.08
CA GLU G 263 0.32 74.15 -28.17
C GLU G 263 -0.53 73.71 -26.98
N PRO G 264 -1.50 74.55 -26.57
CA PRO G 264 -2.28 74.22 -25.36
C PRO G 264 -3.11 72.93 -25.43
N GLU G 265 -3.39 72.40 -26.62
CA GLU G 265 -4.16 71.16 -26.67
C GLU G 265 -3.34 69.95 -26.26
N ARG G 266 -2.34 69.62 -27.08
CA ARG G 266 -1.50 68.43 -26.87
C ARG G 266 -1.02 68.41 -25.43
N LEU G 267 -0.80 69.59 -24.87
CA LEU G 267 -0.33 69.70 -23.51
C LEU G 267 -1.38 69.10 -22.57
N ARG G 268 -2.67 69.20 -22.89
CA ARG G 268 -3.69 68.52 -22.05
C ARG G 268 -3.62 67.00 -22.26
N LYS G 269 -3.33 66.58 -23.48
CA LYS G 269 -3.28 65.15 -23.81
C LYS G 269 -2.24 64.43 -22.98
N ILE G 270 -1.13 65.11 -22.75
CA ILE G 270 -0.07 64.62 -21.91
C ILE G 270 -0.51 64.46 -20.44
N VAL G 271 -1.11 65.52 -19.91
CA VAL G 271 -1.56 65.54 -18.52
C VAL G 271 -2.67 64.50 -18.30
N GLU G 272 -3.41 64.20 -19.37
CA GLU G 272 -4.45 63.19 -19.29
C GLU G 272 -3.82 61.80 -19.33
N GLU G 273 -2.76 61.65 -20.12
CA GLU G 273 -1.99 60.41 -20.17
C GLU G 273 -1.28 60.19 -18.85
N ARG G 274 -0.65 61.23 -18.34
CA ARG G 274 -0.03 61.19 -17.03
C ARG G 274 -1.12 60.99 -15.99
N GLY G 275 -2.31 61.50 -16.31
CA GLY G 275 -3.47 61.41 -15.44
C GLY G 275 -3.21 62.14 -14.14
N THR G 276 -2.31 63.12 -14.20
CA THR G 276 -1.89 63.88 -13.04
C THR G 276 -2.67 65.16 -12.81
N ALA G 277 -2.34 65.84 -11.71
CA ALA G 277 -2.87 67.17 -11.41
C ALA G 277 -1.80 68.21 -11.62
N VAL G 278 -1.92 68.99 -12.69
CA VAL G 278 -0.96 70.04 -13.00
C VAL G 278 -1.58 71.44 -12.80
N PHE G 279 -1.04 72.21 -11.85
CA PHE G 279 -1.60 73.51 -11.54
C PHE G 279 -0.51 74.51 -11.21
N ALA G 280 -0.93 75.76 -11.00
CA ALA G 280 0.01 76.86 -10.83
C ALA G 280 -0.54 77.96 -9.91
N VAL G 281 0.40 78.62 -9.22
CA VAL G 281 0.10 79.75 -8.34
C VAL G 281 0.49 81.07 -9.02
N LYS G 282 -0.51 81.86 -9.39
CA LYS G 282 -0.30 83.09 -10.13
C LYS G 282 -0.49 84.26 -9.18
N PHE G 283 0.47 85.18 -9.19
CA PHE G 283 0.42 86.37 -8.36
C PHE G 283 1.32 87.39 -9.04
N ARG G 284 1.16 88.65 -8.68
CA ARG G 284 1.87 89.73 -9.35
C ARG G 284 3.36 89.67 -9.01
N LYS G 285 4.20 89.88 -10.03
CA LYS G 285 5.65 89.90 -9.87
C LYS G 285 6.12 91.13 -9.05
N PRO G 286 6.84 90.92 -7.93
CA PRO G 286 7.39 92.05 -7.18
C PRO G 286 8.37 92.88 -7.99
N ASP G 287 8.45 94.19 -7.76
CA ASP G 287 9.42 94.97 -8.50
C ASP G 287 10.70 94.98 -7.68
N ILE G 288 11.62 94.12 -8.08
CA ILE G 288 12.88 93.87 -7.36
C ILE G 288 13.81 93.18 -8.34
N VAL G 289 15.10 93.25 -8.07
CA VAL G 289 16.11 92.65 -8.94
C VAL G 289 16.10 91.11 -8.87
N ASP G 290 16.69 90.47 -9.87
CA ASP G 290 16.63 89.00 -9.97
C ASP G 290 17.30 88.32 -8.79
N ASP G 291 18.33 88.94 -8.26
CA ASP G 291 19.10 88.34 -7.18
C ASP G 291 18.31 88.32 -5.88
N ASN G 292 17.16 88.97 -5.89
CA ASN G 292 16.23 88.89 -4.78
C ASN G 292 15.07 87.99 -5.15
N LEU G 293 14.34 88.38 -6.19
CA LEU G 293 13.17 87.66 -6.63
C LEU G 293 13.40 86.16 -6.76
N TYR G 294 14.46 85.79 -7.45
CA TYR G 294 14.60 84.39 -7.83
C TYR G 294 14.85 83.50 -6.63
N PRO G 295 15.80 83.86 -5.76
CA PRO G 295 15.95 83.07 -4.52
C PRO G 295 14.62 82.92 -3.76
N GLN G 296 13.71 83.88 -3.95
CA GLN G 296 12.38 83.87 -3.31
C GLN G 296 11.39 82.99 -4.09
N LEU G 297 11.45 83.04 -5.41
CA LEU G 297 10.67 82.13 -6.24
C LEU G 297 11.17 80.72 -6.05
N GLU G 298 12.47 80.58 -5.80
CA GLU G 298 13.07 79.29 -5.47
C GLU G 298 12.47 78.80 -4.15
N ARG G 299 12.48 79.68 -3.15
CA ARG G 299 11.99 79.34 -1.82
C ARG G 299 10.49 79.05 -1.80
N ALA G 300 9.67 79.90 -2.41
CA ALA G 300 8.24 79.65 -2.44
C ALA G 300 7.90 78.27 -3.04
N SER G 301 8.54 77.91 -4.15
CA SER G 301 8.23 76.64 -4.83
C SER G 301 8.63 75.48 -3.93
N ARG G 302 9.65 75.70 -3.12
CA ARG G 302 10.12 74.68 -2.21
C ARG G 302 9.08 74.43 -1.12
N LYS G 303 8.70 75.52 -0.44
CA LYS G 303 7.84 75.46 0.74
C LYS G 303 6.50 74.78 0.44
N ILE G 304 5.91 75.12 -0.70
CA ILE G 304 4.62 74.57 -1.09
C ILE G 304 4.82 73.14 -1.59
N PHE G 305 5.98 72.89 -2.20
CA PHE G 305 6.31 71.55 -2.62
C PHE G 305 6.34 70.72 -1.35
N GLU G 306 6.95 71.26 -0.30
CA GLU G 306 7.00 70.53 0.96
C GLU G 306 5.60 70.44 1.57
N PHE G 307 4.78 71.47 1.35
CA PHE G 307 3.43 71.42 1.90
C PHE G 307 2.66 70.26 1.28
N LEU G 308 2.62 70.20 -0.04
CA LEU G 308 1.93 69.11 -0.74
C LEU G 308 2.51 67.73 -0.42
N GLU G 309 3.81 67.67 -0.17
CA GLU G 309 4.45 66.41 0.19
C GLU G 309 3.95 65.99 1.58
N ARG G 310 4.07 66.90 2.54
CA ARG G 310 3.61 66.69 3.91
C ARG G 310 2.10 66.30 4.00
N GLU G 311 1.31 66.79 3.03
CA GLU G 311 -0.13 66.59 3.07
C GLU G 311 -0.55 65.31 2.32
N ASN G 312 0.45 64.55 1.89
CA ASN G 312 0.27 63.28 1.17
C ASN G 312 -0.33 63.41 -0.23
N PHE G 313 -0.07 64.54 -0.88
CA PHE G 313 -0.49 64.71 -2.27
C PHE G 313 0.61 64.23 -3.25
N MET G 314 1.79 63.90 -2.73
CA MET G 314 2.83 63.28 -3.55
C MET G 314 3.15 64.05 -4.83
N PRO G 315 3.81 65.20 -4.67
CA PRO G 315 4.31 65.97 -5.81
C PRO G 315 5.39 65.23 -6.63
N LEU G 316 5.55 65.65 -7.87
CA LEU G 316 6.56 65.09 -8.77
C LEU G 316 7.75 66.04 -8.93
N ARG G 317 7.48 67.21 -9.51
CA ARG G 317 8.50 68.22 -9.73
C ARG G 317 7.85 69.60 -9.55
N SER G 318 8.65 70.64 -9.37
CA SER G 318 8.11 71.99 -9.37
C SER G 318 9.03 72.88 -10.17
N ALA G 319 8.44 73.90 -10.80
CA ALA G 319 9.19 74.93 -11.47
C ALA G 319 8.56 76.29 -11.16
N PHE G 320 9.09 77.32 -11.79
CA PHE G 320 8.41 78.60 -11.77
C PHE G 320 8.82 79.43 -12.98
N LYS G 321 8.20 80.60 -13.09
CA LYS G 321 8.45 81.51 -14.20
C LYS G 321 8.17 82.92 -13.70
N ALA G 322 8.92 83.88 -14.23
CA ALA G 322 8.65 85.28 -14.00
C ALA G 322 8.38 85.96 -15.32
N SER G 323 7.14 86.35 -15.51
CA SER G 323 6.76 87.14 -16.69
C SER G 323 7.06 88.61 -16.34
N GLU G 324 6.63 89.54 -17.17
CA GLU G 324 6.89 90.93 -16.87
C GLU G 324 5.93 91.41 -15.77
N GLU G 325 4.71 90.90 -15.82
CA GLU G 325 3.66 91.27 -14.87
C GLU G 325 3.57 90.27 -13.72
N PHE G 326 3.35 89.01 -14.07
CA PHE G 326 3.02 87.95 -13.12
C PHE G 326 4.14 86.95 -12.90
N CYS G 327 4.12 86.30 -11.74
CA CYS G 327 4.98 85.16 -11.49
C CYS G 327 4.07 83.96 -11.31
N TYR G 328 4.54 82.80 -11.80
CA TYR G 328 3.77 81.57 -11.76
C TYR G 328 4.62 80.50 -11.10
N LEU G 329 4.06 79.83 -10.09
CA LEU G 329 4.74 78.69 -9.44
C LEU G 329 4.09 77.39 -9.87
N LEU G 330 4.81 76.59 -10.63
CA LEU G 330 4.24 75.40 -11.23
C LEU G 330 4.36 74.21 -10.28
N PHE G 331 3.30 73.41 -10.18
CA PHE G 331 3.32 72.17 -9.40
C PHE G 331 2.67 71.06 -10.23
N GLU G 332 3.09 69.80 -10.00
CA GLU G 332 2.43 68.63 -10.60
C GLU G 332 2.37 67.45 -9.61
N CYS G 333 1.17 66.91 -9.40
CA CYS G 333 0.95 65.91 -8.36
C CYS G 333 0.39 64.59 -8.88
N GLN G 334 0.70 63.51 -8.16
CA GLN G 334 0.17 62.19 -8.48
C GLN G 334 -1.27 62.02 -7.97
N ILE G 335 -1.63 62.84 -6.98
CA ILE G 335 -2.93 62.72 -6.29
C ILE G 335 -3.81 63.92 -6.64
N LYS G 336 -4.84 63.68 -7.45
CA LYS G 336 -5.80 64.73 -7.81
C LYS G 336 -6.81 64.93 -6.69
N GLU G 337 -7.11 63.85 -5.98
CA GLU G 337 -8.02 63.90 -4.85
C GLU G 337 -7.72 62.80 -3.84
N ILE G 338 -7.75 63.12 -2.56
CA ILE G 338 -7.53 62.10 -1.54
C ILE G 338 -8.76 62.05 -0.65
N SER G 339 -8.93 60.94 0.07
CA SER G 339 -10.14 60.76 0.88
C SER G 339 -10.23 61.80 2.01
N ARG G 340 -11.43 61.98 2.55
CA ARG G 340 -11.64 62.99 3.58
C ARG G 340 -11.05 62.55 4.93
N VAL G 341 -11.00 61.25 5.18
CA VAL G 341 -10.50 60.75 6.47
C VAL G 341 -9.08 60.30 6.34
N PHE G 342 -8.34 60.48 7.44
CA PHE G 342 -7.00 59.92 7.60
C PHE G 342 -6.87 59.41 9.02
N ARG G 343 -5.72 58.82 9.38
CA ARG G 343 -5.56 58.28 10.74
C ARG G 343 -4.49 59.01 11.54
N ARG G 344 -4.93 59.71 12.61
CA ARG G 344 -4.00 60.29 13.56
C ARG G 344 -3.54 59.20 14.57
N MET G 345 -2.23 59.22 14.87
CA MET G 345 -1.62 58.29 15.81
C MET G 345 -1.89 58.71 17.26
N GLY G 346 -2.32 57.77 18.08
CA GLY G 346 -2.60 58.05 19.49
C GLY G 346 -1.52 57.46 20.36
N PRO G 347 -1.62 57.64 21.68
CA PRO G 347 -0.63 57.08 22.61
C PRO G 347 -0.77 55.54 22.84
N GLN G 348 0.30 54.92 23.33
CA GLN G 348 0.33 53.47 23.62
C GLN G 348 -0.66 53.03 24.68
N PHE G 349 -1.10 51.78 24.62
CA PHE G 349 -2.12 51.31 25.56
C PHE G 349 -1.67 51.52 26.99
N GLU G 350 -0.36 51.56 27.22
CA GLU G 350 0.19 51.64 28.59
C GLU G 350 -0.09 52.94 29.29
N ASP G 351 -0.23 54.01 28.54
CA ASP G 351 -0.17 55.32 29.12
C ASP G 351 -1.54 55.81 29.54
N GLU G 352 -1.81 55.78 30.84
CA GLU G 352 -3.15 56.08 31.34
C GLU G 352 -3.48 57.53 31.05
N ARG G 353 -2.62 58.42 31.55
CA ARG G 353 -2.85 59.86 31.47
C ARG G 353 -3.13 60.34 30.05
N ASN G 354 -2.27 59.95 29.12
CA ASN G 354 -2.37 60.44 27.75
C ASN G 354 -3.42 59.70 26.92
N VAL G 355 -3.67 58.44 27.25
CA VAL G 355 -4.74 57.72 26.57
C VAL G 355 -6.08 58.30 27.01
N LYS G 356 -6.25 58.53 28.31
CA LYS G 356 -7.48 59.14 28.85
C LYS G 356 -7.73 60.54 28.23
N LYS G 357 -6.67 61.32 28.05
CA LYS G 357 -6.82 62.63 27.44
C LYS G 357 -7.13 62.50 25.97
N PHE G 358 -6.54 61.49 25.34
CA PHE G 358 -6.68 61.31 23.90
C PHE G 358 -8.10 60.89 23.53
N LEU G 359 -8.73 60.06 24.37
CA LEU G 359 -10.05 59.54 24.06
C LEU G 359 -11.12 60.50 24.51
N SER G 360 -10.78 61.45 25.36
CA SER G 360 -11.80 62.36 25.76
C SER G 360 -11.69 63.40 24.68
N ARG G 361 -12.44 63.20 23.61
CA ARG G 361 -12.47 64.15 22.50
C ARG G 361 -13.64 63.78 21.62
N ASN G 362 -14.29 64.77 21.03
CA ASN G 362 -15.44 64.50 20.17
C ASN G 362 -14.96 64.08 18.78
N ARG G 363 -15.29 62.84 18.40
CA ARG G 363 -14.92 62.30 17.09
C ARG G 363 -16.07 61.52 16.47
N ALA G 364 -16.20 61.66 15.15
CA ALA G 364 -17.29 61.01 14.41
C ALA G 364 -17.16 59.48 14.44
N PHE G 365 -15.92 59.00 14.47
CA PHE G 365 -15.64 57.58 14.48
C PHE G 365 -14.83 57.23 15.72
N ARG G 366 -15.10 56.05 16.27
CA ARG G 366 -14.41 55.60 17.49
C ARG G 366 -12.95 55.26 17.25
N PRO G 367 -12.09 55.65 18.19
CA PRO G 367 -10.69 55.22 18.04
C PRO G 367 -10.49 53.70 18.09
N PHE G 368 -9.26 53.27 17.86
CA PHE G 368 -8.93 51.85 17.80
C PHE G 368 -7.46 51.54 18.10
N ILE G 369 -7.23 50.34 18.61
CA ILE G 369 -5.88 49.88 18.91
C ILE G 369 -5.29 49.13 17.71
N GLU G 370 -4.09 49.54 17.30
CA GLU G 370 -3.37 48.84 16.25
C GLU G 370 -1.89 48.72 16.57
N ASN G 371 -1.40 47.48 16.51
CA ASN G 371 -0.01 47.17 16.78
C ASN G 371 0.41 47.89 18.05
N GLY G 372 -0.43 47.76 19.07
CA GLY G 372 -0.12 48.21 20.42
C GLY G 372 -0.27 49.69 20.72
N ARG G 373 -1.07 50.41 19.96
CA ARG G 373 -1.36 51.80 20.34
C ARG G 373 -2.66 52.33 19.77
N TRP G 374 -3.16 53.41 20.35
CA TRP G 374 -4.44 53.99 19.94
C TRP G 374 -4.25 54.78 18.66
N TRP G 375 -5.29 54.77 17.83
CA TRP G 375 -5.35 55.56 16.59
C TRP G 375 -6.76 56.12 16.44
N ALA G 376 -6.89 57.28 15.82
CA ALA G 376 -8.20 57.89 15.65
C ALA G 376 -8.49 58.22 14.18
N PHE G 377 -9.76 58.18 13.78
CA PHE G 377 -10.13 58.63 12.44
C PHE G 377 -10.45 60.13 12.47
N GLU G 378 -9.73 60.89 11.63
CA GLU G 378 -9.90 62.34 11.61
C GLU G 378 -10.30 62.81 10.23
N MET G 379 -10.60 64.11 10.13
CA MET G 379 -11.17 64.66 8.91
C MET G 379 -10.38 65.85 8.46
N ARG G 380 -9.72 65.78 7.32
CA ARG G 380 -8.91 66.91 6.87
C ARG G 380 -9.84 67.96 6.28
N LYS G 381 -9.41 69.22 6.31
CA LYS G 381 -10.26 70.31 5.85
C LYS G 381 -10.37 70.37 4.32
N PHE G 382 -9.50 69.64 3.61
CA PHE G 382 -9.48 69.67 2.14
C PHE G 382 -9.06 68.33 1.53
N THR G 383 -9.71 67.94 0.43
CA THR G 383 -9.40 66.69 -0.25
C THR G 383 -8.50 66.77 -1.50
N THR G 384 -8.13 67.98 -1.96
CA THR G 384 -7.34 68.14 -3.21
C THR G 384 -6.17 69.14 -3.13
N PRO G 385 -5.13 68.96 -4.00
CA PRO G 385 -3.91 69.80 -3.94
C PRO G 385 -4.18 71.30 -4.02
N GLU G 386 -5.07 71.71 -4.92
CA GLU G 386 -5.37 73.13 -5.07
C GLU G 386 -6.00 73.69 -3.79
N GLU G 387 -6.92 72.95 -3.18
CA GLU G 387 -7.60 73.40 -1.96
C GLU G 387 -6.62 73.70 -0.84
N GLY G 388 -5.67 72.79 -0.65
CA GLY G 388 -4.70 72.93 0.42
C GLY G 388 -3.74 74.08 0.19
N VAL G 389 -3.33 74.30 -1.07
CA VAL G 389 -2.38 75.38 -1.38
C VAL G 389 -3.07 76.70 -1.23
N ARG G 390 -4.32 76.78 -1.67
CA ARG G 390 -5.12 77.96 -1.38
C ARG G 390 -5.04 78.26 0.10
N SER G 391 -5.32 77.24 0.91
CA SER G 391 -5.31 77.42 2.35
C SER G 391 -3.87 77.73 2.78
N TYR G 392 -2.91 77.04 2.17
CA TYR G 392 -1.53 77.16 2.63
C TYR G 392 -1.00 78.52 2.24
N ALA G 393 -1.20 78.87 0.98
CA ALA G 393 -0.73 80.15 0.46
C ALA G 393 -1.44 81.34 1.13
N SER G 394 -2.70 81.15 1.54
CA SER G 394 -3.46 82.25 2.16
C SER G 394 -2.96 82.54 3.59
N THR G 395 -2.77 81.48 4.39
CA THR G 395 -2.33 81.61 5.78
C THR G 395 -0.80 81.78 5.97
N HIS G 396 -0.01 81.03 5.23
CA HIS G 396 1.46 80.97 5.41
C HIS G 396 2.26 81.91 4.52
N TRP G 397 1.61 82.88 3.88
CA TRP G 397 2.28 83.75 2.90
C TRP G 397 3.62 84.35 3.38
N HIS G 398 3.81 84.53 4.68
CA HIS G 398 5.01 85.20 5.18
C HIS G 398 6.29 84.40 4.94
N THR G 399 6.19 83.08 5.01
CA THR G 399 7.36 82.22 4.83
C THR G 399 7.64 81.94 3.34
N LEU G 400 6.84 82.55 2.46
CA LEU G 400 6.98 82.37 1.00
C LEU G 400 8.00 83.38 0.47
N GLY G 401 8.69 84.04 1.39
CA GLY G 401 9.68 85.04 1.05
C GLY G 401 9.13 86.41 1.32
N LYS G 402 10.00 87.35 1.68
CA LYS G 402 9.55 88.66 2.09
C LYS G 402 8.72 89.28 0.98
N ASN G 403 9.35 89.60 -0.15
CA ASN G 403 8.67 90.30 -1.25
C ASN G 403 7.62 89.43 -1.99
N VAL G 404 7.96 88.18 -2.30
CA VAL G 404 7.01 87.25 -2.92
C VAL G 404 5.85 86.96 -1.98
N GLY G 405 6.18 86.62 -0.74
CA GLY G 405 5.18 86.34 0.27
C GLY G 405 4.26 87.52 0.45
N GLU G 406 4.80 88.72 0.25
CA GLU G 406 4.01 89.96 0.29
C GLU G 406 3.08 90.10 -0.93
N SER G 407 3.55 89.77 -2.13
CA SER G 407 2.69 89.85 -3.32
C SER G 407 1.53 88.85 -3.30
N ILE G 408 1.81 87.64 -2.82
CA ILE G 408 0.79 86.59 -2.67
C ILE G 408 -0.27 86.96 -1.61
N ARG G 409 0.14 87.72 -0.62
CA ARG G 409 -0.75 88.11 0.46
C ARG G 409 -1.83 89.04 -0.06
N GLU G 410 -1.43 89.96 -0.94
CA GLU G 410 -2.36 90.97 -1.43
C GLU G 410 -3.06 90.53 -2.70
N TYR G 411 -2.64 89.39 -3.21
CA TYR G 411 -3.38 88.71 -4.27
C TYR G 411 -2.69 87.42 -4.66
N PHE G 412 -3.47 86.49 -5.19
CA PHE G 412 -2.95 85.27 -5.81
C PHE G 412 -4.12 84.47 -6.31
N GLU G 413 -3.84 83.56 -7.23
CA GLU G 413 -4.88 82.81 -7.90
C GLU G 413 -4.34 81.45 -8.27
N ILE G 414 -5.14 80.41 -8.09
CA ILE G 414 -4.72 79.08 -8.51
C ILE G 414 -5.33 78.79 -9.85
N ILE G 415 -4.49 78.62 -10.85
CA ILE G 415 -4.96 78.20 -12.17
C ILE G 415 -4.64 76.75 -12.34
N SER G 416 -5.52 76.01 -13.00
CA SER G 416 -5.32 74.59 -13.22
C SER G 416 -6.09 74.18 -14.47
N GLY G 417 -5.73 73.01 -14.99
CA GLY G 417 -6.42 72.47 -16.14
C GLY G 417 -6.34 73.42 -17.32
N GLU G 418 -7.49 73.59 -17.97
CA GLU G 418 -7.59 74.26 -19.26
C GLU G 418 -7.20 75.75 -19.20
N LYS G 419 -7.49 76.41 -18.08
CA LYS G 419 -7.18 77.85 -17.94
C LYS G 419 -5.69 78.09 -17.89
N LEU G 420 -4.95 77.08 -17.41
CA LEU G 420 -3.51 77.20 -17.23
C LEU G 420 -2.74 77.12 -18.54
N PHE G 421 -3.14 76.23 -19.44
CA PHE G 421 -2.37 76.03 -20.68
C PHE G 421 -2.40 77.27 -21.57
N LYS G 422 -3.31 78.19 -21.28
CA LYS G 422 -3.35 79.47 -21.99
C LYS G 422 -2.29 80.43 -21.45
N GLU G 423 -1.87 80.20 -20.21
CA GLU G 423 -0.89 81.06 -19.56
C GLU G 423 0.48 80.71 -20.16
N PRO G 424 1.47 81.64 -20.08
CA PRO G 424 2.74 81.38 -20.79
C PRO G 424 3.79 80.57 -20.02
N VAL G 425 3.37 79.47 -19.40
CA VAL G 425 4.30 78.57 -18.71
C VAL G 425 4.59 77.26 -19.46
N THR G 426 3.99 77.11 -20.66
CA THR G 426 4.01 75.82 -21.38
C THR G 426 5.42 75.28 -21.61
N ALA G 427 6.36 76.18 -21.88
CA ALA G 427 7.75 75.76 -22.05
C ALA G 427 8.25 75.22 -20.70
N GLU G 428 7.81 75.86 -19.62
CA GLU G 428 8.22 75.45 -18.28
C GLU G 428 7.53 74.12 -17.95
N LEU G 429 6.22 74.03 -18.19
CA LEU G 429 5.47 72.79 -17.95
C LEU G 429 6.04 71.61 -18.74
N CYS G 430 6.49 71.89 -19.96
CA CYS G 430 7.08 70.87 -20.82
C CYS G 430 8.40 70.40 -20.22
N GLU G 431 9.26 71.37 -19.89
CA GLU G 431 10.57 71.09 -19.32
C GLU G 431 10.39 70.34 -17.99
N MET G 432 9.36 70.73 -17.24
CA MET G 432 9.04 70.10 -15.96
C MET G 432 8.63 68.62 -16.14
N MET G 433 7.81 68.34 -17.16
CA MET G 433 7.35 66.97 -17.44
C MET G 433 8.30 66.15 -18.30
N GLY G 434 9.25 66.79 -18.98
CA GLY G 434 10.16 66.07 -19.84
C GLY G 434 9.55 65.59 -21.14
N VAL G 435 8.87 66.49 -21.84
CA VAL G 435 8.23 66.18 -23.12
C VAL G 435 9.27 66.22 -24.26
N LYS G 436 9.20 65.20 -25.13
CA LYS G 436 10.10 65.08 -26.30
C LYS G 436 9.49 65.74 -27.56
N ASP G 437 8.50 65.04 -28.14
CA ASP G 437 7.84 65.43 -29.39
C ASP G 437 6.69 64.44 -29.63
#